data_2YT8
#
_entry.id   2YT8
#
_entity_poly.entity_id   1
_entity_poly.type   'polypeptide(L)'
_entity_poly.pdbx_seq_one_letter_code
;GSSGSSGVTTAIIHRPHAREQLGFCVEDGIICSLLRGGIAERGGIRVGHRIIEINGQSVVATPHARIIELLTEAYGEVHI
KTMPAATYRLLTGQ
;
_entity_poly.pdbx_strand_id   A
#
# COMPACT_ATOMS: atom_id res chain seq x y z
N GLY A 1 11.27 -2.47 -19.09
CA GLY A 1 12.43 -2.95 -18.38
C GLY A 1 12.72 -4.42 -18.65
N SER A 2 13.95 -4.84 -18.40
CA SER A 2 14.36 -6.22 -18.63
C SER A 2 14.62 -6.93 -17.31
N SER A 3 15.36 -6.27 -16.42
CA SER A 3 15.70 -6.85 -15.12
C SER A 3 14.52 -6.75 -14.16
N GLY A 4 13.77 -7.84 -14.04
CA GLY A 4 12.62 -7.84 -13.14
C GLY A 4 12.75 -8.87 -12.03
N SER A 5 12.65 -8.40 -10.79
CA SER A 5 12.78 -9.28 -9.64
C SER A 5 11.41 -9.53 -9.00
N SER A 6 10.69 -10.50 -9.54
CA SER A 6 9.36 -10.84 -9.04
C SER A 6 9.42 -11.14 -7.54
N GLY A 7 8.73 -10.32 -6.75
CA GLY A 7 8.71 -10.53 -5.31
C GLY A 7 7.69 -9.64 -4.61
N VAL A 8 8.02 -8.36 -4.49
CA VAL A 8 7.14 -7.40 -3.84
C VAL A 8 6.24 -6.71 -4.85
N THR A 9 4.95 -6.65 -4.55
CA THR A 9 3.98 -6.01 -5.44
C THR A 9 3.92 -4.51 -5.20
N THR A 10 4.03 -3.73 -6.27
CA THR A 10 4.00 -2.28 -6.17
C THR A 10 2.85 -1.70 -6.99
N ALA A 11 2.00 -0.91 -6.35
CA ALA A 11 0.86 -0.29 -7.03
C ALA A 11 0.97 1.23 -7.00
N ILE A 12 0.32 1.87 -7.97
CA ILE A 12 0.34 3.32 -8.06
C ILE A 12 -1.07 3.90 -8.06
N ILE A 13 -1.39 4.68 -7.03
CA ILE A 13 -2.71 5.30 -6.92
C ILE A 13 -2.71 6.70 -7.50
N HIS A 14 -3.77 7.03 -8.24
CA HIS A 14 -3.89 8.35 -8.85
C HIS A 14 -4.86 9.22 -8.06
N ARG A 15 -4.32 10.10 -7.24
CA ARG A 15 -5.13 11.00 -6.42
C ARG A 15 -5.07 12.43 -6.95
N PRO A 16 -5.89 12.71 -7.97
CA PRO A 16 -5.93 14.05 -8.59
C PRO A 16 -6.56 15.09 -7.66
N HIS A 17 -7.39 14.63 -6.73
CA HIS A 17 -8.05 15.53 -5.79
C HIS A 17 -7.79 15.08 -4.36
N ALA A 18 -7.85 16.03 -3.43
CA ALA A 18 -7.62 15.74 -2.01
C ALA A 18 -8.93 15.43 -1.30
N ARG A 19 -10.01 16.06 -1.74
CA ARG A 19 -11.33 15.86 -1.15
C ARG A 19 -12.01 14.62 -1.74
N GLU A 20 -11.19 13.66 -2.17
CA GLU A 20 -11.72 12.43 -2.76
C GLU A 20 -11.31 11.22 -1.93
N GLN A 21 -12.23 10.26 -1.80
CA GLN A 21 -11.97 9.05 -1.03
C GLN A 21 -10.81 8.27 -1.64
N LEU A 22 -10.49 7.13 -1.03
CA LEU A 22 -9.40 6.29 -1.50
C LEU A 22 -9.94 4.99 -2.11
N GLY A 23 -10.97 4.44 -1.48
CA GLY A 23 -11.56 3.21 -1.98
C GLY A 23 -11.10 1.99 -1.20
N PHE A 24 -9.79 1.90 -0.97
CA PHE A 24 -9.22 0.78 -0.24
C PHE A 24 -9.19 1.05 1.26
N CYS A 25 -9.66 0.08 2.04
CA CYS A 25 -9.69 0.22 3.49
C CYS A 25 -8.52 -0.49 4.13
N VAL A 26 -7.71 0.25 4.88
CA VAL A 26 -6.55 -0.32 5.56
C VAL A 26 -6.82 -0.52 7.05
N GLU A 27 -6.38 -1.65 7.57
CA GLU A 27 -6.58 -1.97 8.99
C GLU A 27 -5.28 -2.47 9.62
N ASP A 28 -4.74 -1.68 10.54
CA ASP A 28 -3.50 -2.03 11.22
C ASP A 28 -2.36 -2.20 10.22
N GLY A 29 -2.40 -1.42 9.15
CA GLY A 29 -1.36 -1.49 8.14
C GLY A 29 -1.58 -2.64 7.17
N ILE A 30 -2.80 -3.15 7.14
CA ILE A 30 -3.14 -4.27 6.25
C ILE A 30 -4.50 -4.05 5.61
N ILE A 31 -4.51 -3.97 4.28
CA ILE A 31 -5.75 -3.77 3.54
C ILE A 31 -6.71 -4.94 3.74
N CYS A 32 -7.99 -4.63 3.89
CA CYS A 32 -9.01 -5.65 4.08
C CYS A 32 -10.04 -5.63 2.96
N SER A 33 -10.70 -4.49 2.79
CA SER A 33 -11.71 -4.33 1.75
C SER A 33 -11.25 -3.34 0.69
N LEU A 34 -11.82 -3.46 -0.50
CA LEU A 34 -11.47 -2.57 -1.61
C LEU A 34 -12.72 -2.07 -2.32
N LEU A 35 -12.78 -0.77 -2.57
CA LEU A 35 -13.93 -0.16 -3.25
C LEU A 35 -14.01 -0.64 -4.70
N ARG A 36 -15.12 -1.26 -5.04
CA ARG A 36 -15.33 -1.76 -6.39
C ARG A 36 -15.44 -0.62 -7.39
N GLY A 37 -14.63 -0.67 -8.44
CA GLY A 37 -14.65 0.36 -9.46
C GLY A 37 -14.08 1.68 -8.95
N GLY A 38 -12.91 1.60 -8.30
CA GLY A 38 -12.28 2.79 -7.78
C GLY A 38 -10.87 2.98 -8.30
N ILE A 39 -9.99 3.52 -7.46
CA ILE A 39 -8.60 3.75 -7.84
C ILE A 39 -7.73 2.57 -7.43
N ALA A 40 -7.80 2.19 -6.16
CA ALA A 40 -7.01 1.07 -5.65
C ALA A 40 -6.88 -0.03 -6.69
N GLU A 41 -8.01 -0.59 -7.12
CA GLU A 41 -8.02 -1.64 -8.12
C GLU A 41 -7.19 -1.26 -9.34
N ARG A 42 -7.34 0.00 -9.77
CA ARG A 42 -6.60 0.50 -10.92
C ARG A 42 -5.10 0.52 -10.65
N GLY A 43 -4.72 1.11 -9.52
CA GLY A 43 -3.31 1.19 -9.16
C GLY A 43 -2.68 -0.19 -9.01
N GLY A 44 -3.33 -1.06 -8.24
CA GLY A 44 -2.80 -2.39 -8.04
C GLY A 44 -2.92 -2.84 -6.59
N ILE A 45 -3.94 -2.35 -5.90
CA ILE A 45 -4.16 -2.70 -4.50
C ILE A 45 -4.98 -3.98 -4.37
N ARG A 46 -4.52 -4.90 -3.54
CA ARG A 46 -5.22 -6.16 -3.33
C ARG A 46 -5.30 -6.50 -1.84
N VAL A 47 -6.51 -6.69 -1.34
CA VAL A 47 -6.72 -7.01 0.07
C VAL A 47 -5.89 -8.23 0.47
N GLY A 48 -5.57 -8.32 1.76
CA GLY A 48 -4.80 -9.43 2.26
C GLY A 48 -3.32 -9.09 2.38
N HIS A 49 -2.84 -8.23 1.49
CA HIS A 49 -1.43 -7.82 1.51
C HIS A 49 -1.20 -6.75 2.57
N ARG A 50 -0.05 -6.82 3.22
CA ARG A 50 0.31 -5.85 4.26
C ARG A 50 1.22 -4.76 3.70
N ILE A 51 1.15 -3.57 4.30
CA ILE A 51 1.98 -2.46 3.85
C ILE A 51 3.32 -2.45 4.57
N ILE A 52 4.39 -2.28 3.80
CA ILE A 52 5.73 -2.25 4.37
C ILE A 52 6.45 -0.95 4.00
N GLU A 53 5.92 -0.25 3.01
CA GLU A 53 6.51 1.00 2.56
C GLU A 53 5.49 1.83 1.77
N ILE A 54 5.62 3.16 1.88
CA ILE A 54 4.71 4.06 1.18
C ILE A 54 5.42 5.35 0.79
N ASN A 55 5.11 5.85 -0.41
CA ASN A 55 5.72 7.07 -0.90
C ASN A 55 7.22 7.09 -0.61
N GLY A 56 7.83 5.91 -0.56
CA GLY A 56 9.25 5.82 -0.29
C GLY A 56 9.56 6.00 1.19
N GLN A 57 8.73 5.42 2.05
CA GLN A 57 8.92 5.51 3.49
C GLN A 57 8.59 4.20 4.17
N SER A 58 9.58 3.62 4.85
CA SER A 58 9.39 2.36 5.54
C SER A 58 8.37 2.50 6.67
N VAL A 59 7.24 1.81 6.54
CA VAL A 59 6.19 1.86 7.56
C VAL A 59 5.92 0.47 8.13
N VAL A 60 6.83 -0.46 7.87
CA VAL A 60 6.69 -1.83 8.38
C VAL A 60 6.52 -1.84 9.89
N ALA A 61 7.21 -0.94 10.57
CA ALA A 61 7.13 -0.85 12.02
C ALA A 61 6.45 0.44 12.45
N THR A 62 5.71 1.05 11.53
CA THR A 62 5.00 2.30 11.81
C THR A 62 3.54 2.03 12.16
N PRO A 63 3.03 2.75 13.18
CA PRO A 63 1.65 2.60 13.64
C PRO A 63 0.65 3.15 12.62
N HIS A 64 -0.41 2.39 12.36
CA HIS A 64 -1.43 2.79 11.41
C HIS A 64 -1.68 4.30 11.49
N ALA A 65 -1.96 4.79 12.70
CA ALA A 65 -2.20 6.21 12.90
C ALA A 65 -1.34 7.07 11.97
N ARG A 66 -0.03 6.90 12.08
CA ARG A 66 0.91 7.66 11.26
C ARG A 66 0.72 7.31 9.79
N ILE A 67 0.72 6.02 9.47
CA ILE A 67 0.55 5.56 8.10
C ILE A 67 -0.53 6.35 7.39
N ILE A 68 -1.63 6.61 8.09
CA ILE A 68 -2.75 7.36 7.53
C ILE A 68 -2.34 8.80 7.21
N GLU A 69 -1.66 9.44 8.16
CA GLU A 69 -1.21 10.81 7.98
C GLU A 69 -0.29 10.93 6.76
N LEU A 70 0.52 9.90 6.55
CA LEU A 70 1.46 9.88 5.43
C LEU A 70 0.72 9.74 4.10
N LEU A 71 0.10 8.59 3.89
CA LEU A 71 -0.66 8.34 2.67
C LEU A 71 -1.48 9.57 2.27
N THR A 72 -2.15 10.15 3.26
CA THR A 72 -2.98 11.32 3.01
C THR A 72 -2.16 12.48 2.45
N GLU A 73 -1.02 12.76 3.08
CA GLU A 73 -0.15 13.83 2.64
C GLU A 73 0.29 13.61 1.20
N ALA A 74 0.38 12.35 0.79
CA ALA A 74 0.78 12.01 -0.56
C ALA A 74 -0.40 12.10 -1.53
N TYR A 75 -0.34 13.05 -2.45
CA TYR A 75 -1.41 13.23 -3.43
C TYR A 75 -0.90 12.95 -4.84
N GLY A 76 -1.83 12.85 -5.78
CA GLY A 76 -1.47 12.58 -7.17
C GLY A 76 -0.86 11.21 -7.34
N GLU A 77 0.44 11.17 -7.65
CA GLU A 77 1.14 9.90 -7.86
C GLU A 77 1.57 9.31 -6.52
N VAL A 78 0.77 8.40 -6.00
CA VAL A 78 1.07 7.74 -4.73
C VAL A 78 1.62 6.33 -4.95
N HIS A 79 2.80 6.08 -4.40
CA HIS A 79 3.44 4.77 -4.54
C HIS A 79 3.26 3.94 -3.26
N ILE A 80 2.40 2.93 -3.34
CA ILE A 80 2.14 2.06 -2.19
C ILE A 80 2.75 0.68 -2.40
N LYS A 81 3.74 0.35 -1.58
CA LYS A 81 4.41 -0.95 -1.67
C LYS A 81 3.71 -1.99 -0.81
N THR A 82 3.02 -2.92 -1.45
CA THR A 82 2.29 -3.97 -0.74
C THR A 82 3.09 -5.26 -0.70
N MET A 83 2.91 -6.04 0.35
CA MET A 83 3.61 -7.31 0.51
C MET A 83 2.84 -8.26 1.41
N PRO A 84 2.82 -9.55 1.04
CA PRO A 84 2.11 -10.58 1.79
C PRO A 84 2.78 -10.88 3.13
N ALA A 85 2.09 -10.58 4.22
CA ALA A 85 2.63 -10.82 5.56
C ALA A 85 3.34 -12.17 5.63
N ALA A 86 2.74 -13.17 5.02
CA ALA A 86 3.32 -14.52 5.01
C ALA A 86 4.76 -14.49 4.50
N THR A 87 4.94 -14.13 3.23
CA THR A 87 6.26 -14.07 2.64
C THR A 87 7.19 -13.18 3.46
N TYR A 88 6.81 -11.92 3.63
CA TYR A 88 7.62 -10.97 4.39
C TYR A 88 8.16 -11.61 5.66
N ARG A 89 7.24 -12.05 6.53
CA ARG A 89 7.63 -12.68 7.79
C ARG A 89 8.64 -13.80 7.55
N LEU A 90 8.25 -14.76 6.69
CA LEU A 90 9.12 -15.88 6.37
C LEU A 90 10.50 -15.40 5.94
N LEU A 91 10.54 -14.30 5.20
CA LEU A 91 11.80 -13.74 4.71
C LEU A 91 12.63 -13.21 5.88
N THR A 92 12.02 -12.40 6.73
CA THR A 92 12.71 -11.83 7.88
C THR A 92 12.57 -12.72 9.10
N GLY A 93 12.33 -14.02 8.86
CA GLY A 93 12.18 -14.96 9.96
C GLY A 93 13.50 -15.56 10.39
N GLN A 94 14.32 -15.94 9.41
CA GLN A 94 15.62 -16.53 9.70
C GLN A 94 16.44 -15.64 10.64
N GLY A 1 19.91 -0.56 -20.30
CA GLY A 1 19.21 -1.83 -20.29
C GLY A 1 18.05 -1.85 -19.31
N SER A 2 17.15 -2.81 -19.48
CA SER A 2 15.99 -2.93 -18.61
C SER A 2 15.75 -4.39 -18.23
N SER A 3 15.36 -4.61 -16.97
CA SER A 3 15.10 -5.95 -16.48
C SER A 3 14.01 -5.94 -15.41
N GLY A 4 13.57 -7.12 -15.00
CA GLY A 4 12.54 -7.23 -13.99
C GLY A 4 12.72 -8.45 -13.10
N SER A 5 12.18 -8.38 -11.89
CA SER A 5 12.28 -9.49 -10.95
C SER A 5 10.93 -9.78 -10.30
N SER A 6 10.84 -10.90 -9.60
CA SER A 6 9.60 -11.31 -8.94
C SER A 6 9.79 -11.36 -7.43
N GLY A 7 8.87 -10.74 -6.70
CA GLY A 7 8.95 -10.73 -5.25
C GLY A 7 7.99 -9.74 -4.63
N VAL A 8 8.42 -8.49 -4.50
CA VAL A 8 7.59 -7.45 -3.91
C VAL A 8 6.64 -6.86 -4.94
N THR A 9 5.37 -6.76 -4.57
CA THR A 9 4.35 -6.22 -5.47
C THR A 9 4.17 -4.73 -5.23
N THR A 10 4.42 -3.93 -6.28
CA THR A 10 4.29 -2.48 -6.19
C THR A 10 3.00 -2.01 -6.85
N ALA A 11 2.41 -0.96 -6.31
CA ALA A 11 1.18 -0.40 -6.86
C ALA A 11 1.18 1.12 -6.78
N ILE A 12 0.53 1.76 -7.75
CA ILE A 12 0.45 3.21 -7.79
C ILE A 12 -0.99 3.68 -7.84
N ILE A 13 -1.30 4.71 -7.05
CA ILE A 13 -2.65 5.26 -7.00
C ILE A 13 -2.67 6.71 -7.47
N HIS A 14 -3.78 7.10 -8.09
CA HIS A 14 -3.92 8.46 -8.60
C HIS A 14 -4.84 9.28 -7.70
N ARG A 15 -4.23 10.12 -6.86
CA ARG A 15 -5.00 10.96 -5.94
C ARG A 15 -4.78 12.44 -6.25
N PRO A 16 -5.52 12.96 -7.24
CA PRO A 16 -5.42 14.36 -7.65
C PRO A 16 -5.99 15.30 -6.61
N HIS A 17 -6.86 14.78 -5.76
CA HIS A 17 -7.48 15.58 -4.70
C HIS A 17 -7.18 15.01 -3.32
N ALA A 18 -7.02 15.89 -2.34
CA ALA A 18 -6.73 15.46 -0.98
C ALA A 18 -8.02 15.20 -0.20
N ARG A 19 -9.04 16.00 -0.46
CA ARG A 19 -10.32 15.85 0.21
C ARG A 19 -11.19 14.80 -0.48
N GLU A 20 -10.53 13.82 -1.10
CA GLU A 20 -11.24 12.76 -1.80
C GLU A 20 -10.91 11.39 -1.19
N GLN A 21 -11.94 10.60 -0.93
CA GLN A 21 -11.75 9.28 -0.35
C GLN A 21 -10.63 8.53 -1.06
N LEU A 22 -10.26 7.38 -0.50
CA LEU A 22 -9.19 6.57 -1.07
C LEU A 22 -9.77 5.35 -1.81
N GLY A 23 -10.69 4.67 -1.15
CA GLY A 23 -11.31 3.50 -1.76
C GLY A 23 -10.95 2.21 -1.04
N PHE A 24 -9.67 2.07 -0.69
CA PHE A 24 -9.20 0.88 0.01
C PHE A 24 -9.11 1.13 1.51
N CYS A 25 -9.47 0.11 2.30
CA CYS A 25 -9.44 0.22 3.75
C CYS A 25 -8.22 -0.50 4.31
N VAL A 26 -7.41 0.23 5.07
CA VAL A 26 -6.21 -0.35 5.68
C VAL A 26 -6.37 -0.50 7.19
N GLU A 27 -6.11 -1.70 7.69
CA GLU A 27 -6.23 -1.98 9.11
C GLU A 27 -4.88 -2.43 9.69
N ASP A 28 -4.33 -1.62 10.59
CA ASP A 28 -3.05 -1.94 11.21
C ASP A 28 -1.95 -2.06 10.18
N GLY A 29 -2.13 -1.37 9.04
CA GLY A 29 -1.14 -1.42 7.98
C GLY A 29 -1.36 -2.58 7.03
N ILE A 30 -2.59 -3.09 7.00
CA ILE A 30 -2.94 -4.20 6.12
C ILE A 30 -4.32 -4.01 5.50
N ILE A 31 -4.34 -3.87 4.18
CA ILE A 31 -5.60 -3.69 3.46
C ILE A 31 -6.53 -4.88 3.66
N CYS A 32 -7.82 -4.59 3.77
CA CYS A 32 -8.82 -5.64 3.97
C CYS A 32 -9.89 -5.58 2.89
N SER A 33 -10.43 -4.38 2.66
CA SER A 33 -11.47 -4.18 1.66
C SER A 33 -11.04 -3.14 0.62
N LEU A 34 -11.62 -3.22 -0.56
CA LEU A 34 -11.31 -2.29 -1.64
C LEU A 34 -12.57 -1.79 -2.32
N LEU A 35 -12.63 -0.49 -2.58
CA LEU A 35 -13.78 0.12 -3.22
C LEU A 35 -13.90 -0.36 -4.67
N ARG A 36 -14.99 -1.06 -4.98
CA ARG A 36 -15.22 -1.56 -6.32
C ARG A 36 -15.58 -0.42 -7.28
N GLY A 37 -14.64 -0.07 -8.15
CA GLY A 37 -14.88 1.00 -9.10
C GLY A 37 -14.32 2.33 -8.64
N GLY A 38 -13.09 2.30 -8.09
CA GLY A 38 -12.46 3.51 -7.62
C GLY A 38 -11.08 3.71 -8.21
N ILE A 39 -10.19 4.31 -7.43
CA ILE A 39 -8.83 4.56 -7.89
C ILE A 39 -7.92 3.38 -7.59
N ALA A 40 -7.97 2.89 -6.35
CA ALA A 40 -7.16 1.75 -5.94
C ALA A 40 -7.22 0.62 -6.97
N GLU A 41 -8.42 0.07 -7.15
CA GLU A 41 -8.62 -1.02 -8.11
C GLU A 41 -7.83 -0.76 -9.39
N ARG A 42 -8.01 0.44 -9.95
CA ARG A 42 -7.33 0.82 -11.18
C ARG A 42 -5.82 0.89 -10.97
N GLY A 43 -5.42 1.33 -9.78
CA GLY A 43 -4.01 1.45 -9.46
C GLY A 43 -3.31 0.11 -9.42
N GLY A 44 -3.92 -0.85 -8.74
CA GLY A 44 -3.34 -2.18 -8.64
C GLY A 44 -3.28 -2.67 -7.21
N ILE A 45 -4.21 -2.19 -6.38
CA ILE A 45 -4.25 -2.59 -4.98
C ILE A 45 -4.94 -3.94 -4.81
N ARG A 46 -4.44 -4.75 -3.88
CA ARG A 46 -5.01 -6.06 -3.63
C ARG A 46 -5.17 -6.30 -2.13
N VAL A 47 -6.41 -6.47 -1.69
CA VAL A 47 -6.70 -6.71 -0.28
C VAL A 47 -6.06 -8.01 0.20
N GLY A 48 -5.72 -8.04 1.49
CA GLY A 48 -5.10 -9.23 2.05
C GLY A 48 -3.60 -9.08 2.20
N HIS A 49 -3.04 -8.04 1.58
CA HIS A 49 -1.61 -7.80 1.64
C HIS A 49 -1.26 -6.84 2.78
N ARG A 50 0.01 -6.77 3.13
CA ARG A 50 0.47 -5.90 4.21
C ARG A 50 1.34 -4.78 3.66
N ILE A 51 1.09 -3.56 4.12
CA ILE A 51 1.84 -2.39 3.68
C ILE A 51 3.17 -2.28 4.43
N ILE A 52 4.26 -2.58 3.74
CA ILE A 52 5.59 -2.51 4.33
C ILE A 52 6.24 -1.17 4.06
N GLU A 53 5.84 -0.52 2.97
CA GLU A 53 6.39 0.78 2.60
C GLU A 53 5.35 1.61 1.85
N ILE A 54 5.53 2.93 1.89
CA ILE A 54 4.61 3.84 1.21
C ILE A 54 5.34 5.08 0.71
N ASN A 55 5.02 5.50 -0.51
CA ASN A 55 5.65 6.69 -1.10
C ASN A 55 7.11 6.79 -0.69
N GLY A 56 7.78 5.64 -0.61
CA GLY A 56 9.19 5.63 -0.24
C GLY A 56 9.39 5.87 1.25
N GLN A 57 8.63 5.15 2.07
CA GLN A 57 8.73 5.28 3.51
C GLN A 57 8.38 3.98 4.22
N SER A 58 9.35 3.43 4.95
CA SER A 58 9.16 2.18 5.67
C SER A 58 8.11 2.34 6.77
N VAL A 59 7.00 1.64 6.63
CA VAL A 59 5.92 1.71 7.62
C VAL A 59 5.73 0.36 8.32
N VAL A 60 6.53 -0.61 7.93
CA VAL A 60 6.45 -1.94 8.52
C VAL A 60 6.37 -1.86 10.04
N ALA A 61 6.86 -0.76 10.59
CA ALA A 61 6.83 -0.57 12.04
C ALA A 61 5.96 0.62 12.42
N THR A 62 5.88 1.60 11.53
CA THR A 62 5.09 2.80 11.76
C THR A 62 3.64 2.43 12.10
N PRO A 63 3.06 3.12 13.09
CA PRO A 63 1.68 2.89 13.53
C PRO A 63 0.67 3.35 12.48
N HIS A 64 -0.45 2.63 12.40
CA HIS A 64 -1.51 2.95 11.45
C HIS A 64 -1.81 4.46 11.48
N ALA A 65 -2.13 4.97 12.65
CA ALA A 65 -2.44 6.38 12.81
C ALA A 65 -1.61 7.24 11.86
N ARG A 66 -0.29 7.20 12.06
CA ARG A 66 0.62 7.98 11.22
C ARG A 66 0.47 7.58 9.75
N ILE A 67 0.56 6.29 9.48
CA ILE A 67 0.44 5.78 8.12
C ILE A 67 -0.68 6.48 7.36
N ILE A 68 -1.78 6.73 8.06
CA ILE A 68 -2.94 7.39 7.47
C ILE A 68 -2.60 8.82 7.06
N GLU A 69 -1.80 9.49 7.90
CA GLU A 69 -1.40 10.86 7.63
C GLU A 69 -0.49 10.94 6.42
N LEU A 70 0.41 9.96 6.30
CA LEU A 70 1.35 9.92 5.18
C LEU A 70 0.62 9.68 3.86
N LEU A 71 0.07 8.48 3.71
CA LEU A 71 -0.66 8.13 2.50
C LEU A 71 -1.54 9.29 2.03
N THR A 72 -2.36 9.81 2.94
CA THR A 72 -3.25 10.92 2.61
C THR A 72 -2.45 12.16 2.21
N GLU A 73 -1.39 12.44 2.95
CA GLU A 73 -0.54 13.60 2.66
C GLU A 73 0.01 13.54 1.24
N ALA A 74 0.23 12.31 0.75
CA ALA A 74 0.76 12.11 -0.59
C ALA A 74 -0.31 12.37 -1.64
N TYR A 75 -0.04 13.31 -2.53
CA TYR A 75 -0.98 13.67 -3.59
C TYR A 75 -0.51 13.14 -4.93
N GLY A 76 -1.36 13.25 -5.95
CA GLY A 76 -1.01 12.78 -7.27
C GLY A 76 -0.53 11.34 -7.28
N GLU A 77 0.73 11.15 -7.64
CA GLU A 77 1.32 9.81 -7.68
C GLU A 77 1.56 9.28 -6.27
N VAL A 78 0.78 8.28 -5.89
CA VAL A 78 0.90 7.68 -4.56
C VAL A 78 1.41 6.25 -4.66
N HIS A 79 2.70 6.06 -4.42
CA HIS A 79 3.30 4.73 -4.47
C HIS A 79 2.99 3.93 -3.21
N ILE A 80 2.68 2.65 -3.38
CA ILE A 80 2.36 1.78 -2.27
C ILE A 80 2.97 0.39 -2.45
N LYS A 81 3.81 0.00 -1.50
CA LYS A 81 4.45 -1.31 -1.55
C LYS A 81 3.66 -2.34 -0.76
N THR A 82 3.00 -3.25 -1.47
CA THR A 82 2.21 -4.29 -0.84
C THR A 82 2.96 -5.62 -0.81
N MET A 83 2.97 -6.25 0.35
CA MET A 83 3.66 -7.53 0.52
C MET A 83 2.87 -8.45 1.44
N PRO A 84 2.82 -9.75 1.08
CA PRO A 84 2.11 -10.76 1.87
C PRO A 84 2.79 -11.06 3.20
N ALA A 85 2.15 -10.65 4.29
CA ALA A 85 2.70 -10.87 5.62
C ALA A 85 3.41 -12.22 5.70
N ALA A 86 2.89 -13.21 4.97
CA ALA A 86 3.47 -14.54 4.96
C ALA A 86 4.93 -14.50 4.50
N THR A 87 5.13 -14.14 3.23
CA THR A 87 6.46 -14.06 2.67
C THR A 87 7.38 -13.19 3.52
N TYR A 88 7.00 -11.92 3.66
CA TYR A 88 7.79 -10.98 4.45
C TYR A 88 8.26 -11.62 5.75
N ARG A 89 7.31 -12.08 6.56
CA ARG A 89 7.63 -12.70 7.83
C ARG A 89 8.66 -13.81 7.65
N LEU A 90 8.40 -14.70 6.70
CA LEU A 90 9.31 -15.81 6.41
C LEU A 90 10.70 -15.30 6.05
N LEU A 91 10.74 -14.17 5.33
CA LEU A 91 12.00 -13.58 4.92
C LEU A 91 12.78 -13.06 6.13
N THR A 92 12.11 -12.28 6.96
CA THR A 92 12.74 -11.72 8.15
C THR A 92 12.58 -12.66 9.35
N GLY A 93 12.35 -13.94 9.07
CA GLY A 93 12.18 -14.91 10.14
C GLY A 93 13.46 -15.67 10.43
N GLN A 94 13.44 -16.97 10.19
CA GLN A 94 14.60 -17.81 10.43
C GLN A 94 15.52 -17.85 9.22
N GLY A 1 25.03 -3.10 -10.53
CA GLY A 1 24.64 -3.96 -9.42
C GLY A 1 24.07 -5.29 -9.88
N SER A 2 22.95 -5.69 -9.28
CA SER A 2 22.30 -6.95 -9.63
C SER A 2 20.95 -6.70 -10.29
N SER A 3 20.42 -7.73 -10.94
CA SER A 3 19.13 -7.62 -11.62
C SER A 3 18.09 -8.52 -10.95
N GLY A 4 16.83 -8.11 -11.04
CA GLY A 4 15.76 -8.89 -10.45
C GLY A 4 14.62 -9.15 -11.42
N SER A 5 13.68 -10.00 -11.01
CA SER A 5 12.54 -10.34 -11.85
C SER A 5 11.23 -9.90 -11.19
N SER A 6 11.04 -10.31 -9.94
CA SER A 6 9.84 -9.96 -9.20
C SER A 6 9.94 -10.42 -7.74
N GLY A 7 9.88 -9.46 -6.83
CA GLY A 7 9.97 -9.78 -5.41
C GLY A 7 8.87 -9.14 -4.60
N VAL A 8 8.56 -7.89 -4.90
CA VAL A 8 7.51 -7.15 -4.20
C VAL A 8 6.52 -6.54 -5.17
N THR A 9 5.23 -6.65 -4.86
CA THR A 9 4.18 -6.10 -5.70
C THR A 9 4.00 -4.61 -5.45
N THR A 10 4.50 -3.80 -6.38
CA THR A 10 4.41 -2.35 -6.26
C THR A 10 3.17 -1.83 -6.97
N ALA A 11 2.39 -1.01 -6.28
CA ALA A 11 1.18 -0.44 -6.86
C ALA A 11 1.18 1.09 -6.75
N ILE A 12 0.60 1.75 -7.74
CA ILE A 12 0.53 3.20 -7.74
C ILE A 12 -0.91 3.70 -7.73
N ILE A 13 -1.19 4.69 -6.89
CA ILE A 13 -2.53 5.24 -6.78
C ILE A 13 -2.60 6.64 -7.38
N HIS A 14 -3.64 6.90 -8.15
CA HIS A 14 -3.83 8.21 -8.78
C HIS A 14 -4.77 9.08 -7.96
N ARG A 15 -4.20 10.02 -7.22
CA ARG A 15 -4.99 10.91 -6.38
C ARG A 15 -4.93 12.35 -6.92
N PRO A 16 -5.76 12.63 -7.93
CA PRO A 16 -5.82 13.95 -8.56
C PRO A 16 -6.44 14.99 -7.64
N HIS A 17 -7.30 14.55 -6.73
CA HIS A 17 -7.95 15.44 -5.78
C HIS A 17 -7.65 15.03 -4.34
N ALA A 18 -7.60 16.02 -3.45
CA ALA A 18 -7.32 15.75 -2.04
C ALA A 18 -8.61 15.46 -1.28
N ARG A 19 -9.68 16.15 -1.65
CA ARG A 19 -10.97 15.97 -0.99
C ARG A 19 -11.72 14.79 -1.60
N GLU A 20 -10.97 13.81 -2.10
CA GLU A 20 -11.57 12.63 -2.72
C GLU A 20 -11.20 11.37 -1.93
N GLN A 21 -12.22 10.58 -1.57
CA GLN A 21 -12.00 9.35 -0.82
C GLN A 21 -10.89 8.51 -1.46
N LEU A 22 -10.57 7.39 -0.83
CA LEU A 22 -9.55 6.49 -1.34
C LEU A 22 -10.16 5.25 -1.98
N GLY A 23 -10.91 4.49 -1.18
CA GLY A 23 -11.54 3.30 -1.70
C GLY A 23 -11.10 2.04 -0.96
N PHE A 24 -9.80 1.95 -0.68
CA PHE A 24 -9.25 0.80 0.02
C PHE A 24 -9.23 1.03 1.52
N CYS A 25 -9.70 0.05 2.28
CA CYS A 25 -9.74 0.15 3.73
C CYS A 25 -8.53 -0.54 4.36
N VAL A 26 -7.74 0.23 5.11
CA VAL A 26 -6.56 -0.32 5.77
C VAL A 26 -6.81 -0.54 7.26
N GLU A 27 -6.30 -1.66 7.77
CA GLU A 27 -6.46 -1.99 9.18
C GLU A 27 -5.15 -2.49 9.78
N ASP A 28 -4.69 -1.82 10.83
CA ASP A 28 -3.45 -2.19 11.49
C ASP A 28 -2.30 -2.26 10.49
N GLY A 29 -2.42 -1.52 9.40
CA GLY A 29 -1.39 -1.52 8.38
C GLY A 29 -1.58 -2.63 7.36
N ILE A 30 -2.79 -3.17 7.29
CA ILE A 30 -3.09 -4.24 6.36
C ILE A 30 -4.46 -4.03 5.70
N ILE A 31 -4.46 -3.94 4.38
CA ILE A 31 -5.71 -3.74 3.63
C ILE A 31 -6.66 -4.91 3.83
N CYS A 32 -7.94 -4.59 4.03
CA CYS A 32 -8.95 -5.61 4.25
C CYS A 32 -10.02 -5.55 3.15
N SER A 33 -10.66 -4.40 3.02
CA SER A 33 -11.70 -4.21 2.02
C SER A 33 -11.24 -3.26 0.93
N LEU A 34 -11.83 -3.38 -0.26
CA LEU A 34 -11.48 -2.53 -1.39
C LEU A 34 -12.72 -2.04 -2.11
N LEU A 35 -12.81 -0.73 -2.33
CA LEU A 35 -13.94 -0.13 -3.02
C LEU A 35 -14.00 -0.58 -4.47
N ARG A 36 -15.21 -0.89 -4.94
CA ARG A 36 -15.40 -1.33 -6.31
C ARG A 36 -15.42 -0.14 -7.27
N GLY A 37 -14.76 -0.28 -8.41
CA GLY A 37 -14.72 0.78 -9.39
C GLY A 37 -14.10 2.06 -8.83
N GLY A 38 -13.00 1.91 -8.10
CA GLY A 38 -12.35 3.07 -7.52
C GLY A 38 -10.95 3.28 -8.07
N ILE A 39 -10.16 4.10 -7.39
CA ILE A 39 -8.79 4.38 -7.82
C ILE A 39 -7.84 3.25 -7.42
N ALA A 40 -8.04 2.72 -6.22
CA ALA A 40 -7.21 1.63 -5.71
C ALA A 40 -7.13 0.48 -6.73
N GLU A 41 -8.24 -0.22 -6.90
CA GLU A 41 -8.30 -1.34 -7.83
C GLU A 41 -7.58 -0.99 -9.14
N ARG A 42 -7.78 0.23 -9.61
CA ARG A 42 -7.16 0.68 -10.85
C ARG A 42 -5.65 0.84 -10.66
N GLY A 43 -5.25 1.30 -9.48
CA GLY A 43 -3.83 1.49 -9.20
C GLY A 43 -3.08 0.18 -9.08
N GLY A 44 -3.70 -0.79 -8.40
CA GLY A 44 -3.07 -2.08 -8.22
C GLY A 44 -3.05 -2.52 -6.77
N ILE A 45 -4.11 -2.17 -6.03
CA ILE A 45 -4.21 -2.53 -4.62
C ILE A 45 -4.96 -3.86 -4.44
N ARG A 46 -4.44 -4.70 -3.55
CA ARG A 46 -5.05 -6.00 -3.29
C ARG A 46 -5.15 -6.26 -1.80
N VAL A 47 -6.38 -6.34 -1.30
CA VAL A 47 -6.62 -6.59 0.13
C VAL A 47 -5.90 -7.85 0.58
N GLY A 48 -5.53 -7.88 1.86
CA GLY A 48 -4.84 -9.04 2.41
C GLY A 48 -3.33 -8.87 2.40
N HIS A 49 -2.85 -7.96 1.57
CA HIS A 49 -1.41 -7.71 1.47
C HIS A 49 -0.95 -6.72 2.54
N ARG A 50 0.15 -7.05 3.21
CA ARG A 50 0.68 -6.20 4.27
C ARG A 50 1.60 -5.13 3.69
N ILE A 51 1.38 -3.89 4.09
CA ILE A 51 2.17 -2.78 3.61
C ILE A 51 3.52 -2.71 4.33
N ILE A 52 4.58 -2.44 3.58
CA ILE A 52 5.91 -2.36 4.14
C ILE A 52 6.56 -1.01 3.83
N GLU A 53 5.94 -0.27 2.92
CA GLU A 53 6.46 1.05 2.55
C GLU A 53 5.41 1.84 1.77
N ILE A 54 5.42 3.16 1.93
CA ILE A 54 4.47 4.03 1.25
C ILE A 54 5.11 5.36 0.89
N ASN A 55 4.91 5.80 -0.35
CA ASN A 55 5.47 7.06 -0.82
C ASN A 55 6.95 7.16 -0.48
N GLY A 56 7.61 6.02 -0.40
CA GLY A 56 9.03 6.00 -0.08
C GLY A 56 9.30 6.16 1.40
N GLN A 57 8.47 5.51 2.22
CA GLN A 57 8.62 5.60 3.67
C GLN A 57 8.30 4.26 4.32
N SER A 58 9.23 3.76 5.13
CA SER A 58 9.05 2.48 5.81
C SER A 58 7.95 2.58 6.85
N VAL A 59 6.87 1.82 6.62
CA VAL A 59 5.73 1.82 7.54
C VAL A 59 5.68 0.53 8.34
N VAL A 60 6.56 -0.40 8.01
CA VAL A 60 6.62 -1.69 8.70
C VAL A 60 6.73 -1.50 10.21
N ALA A 61 7.35 -0.40 10.61
CA ALA A 61 7.53 -0.11 12.03
C ALA A 61 6.79 1.18 12.41
N THR A 62 5.76 1.52 11.64
CA THR A 62 4.99 2.73 11.90
C THR A 62 3.53 2.39 12.21
N PRO A 63 2.96 3.09 13.19
CA PRO A 63 1.56 2.88 13.61
C PRO A 63 0.57 3.35 12.55
N HIS A 64 -0.58 2.68 12.49
CA HIS A 64 -1.62 3.03 11.53
C HIS A 64 -1.84 4.54 11.50
N ALA A 65 -2.11 5.12 12.67
CA ALA A 65 -2.35 6.56 12.77
C ALA A 65 -1.46 7.33 11.80
N ARG A 66 -0.15 7.13 11.91
CA ARG A 66 0.80 7.81 11.04
C ARG A 66 0.61 7.37 9.59
N ILE A 67 0.55 6.06 9.36
CA ILE A 67 0.38 5.52 8.02
C ILE A 67 -0.70 6.28 7.26
N ILE A 68 -1.81 6.54 7.94
CA ILE A 68 -2.93 7.26 7.33
C ILE A 68 -2.54 8.71 6.99
N GLU A 69 -1.88 9.37 7.93
CA GLU A 69 -1.44 10.75 7.72
C GLU A 69 -0.49 10.85 6.53
N LEU A 70 0.42 9.89 6.43
CA LEU A 70 1.39 9.87 5.33
C LEU A 70 0.68 9.65 3.99
N LEU A 71 0.10 8.47 3.82
CA LEU A 71 -0.61 8.14 2.58
C LEU A 71 -1.46 9.32 2.12
N THR A 72 -2.25 9.88 3.04
CA THR A 72 -3.11 11.00 2.72
C THR A 72 -2.30 12.21 2.27
N GLU A 73 -1.23 12.51 3.00
CA GLU A 73 -0.37 13.64 2.67
C GLU A 73 0.13 13.53 1.23
N ALA A 74 0.31 12.30 0.76
CA ALA A 74 0.79 12.07 -0.59
C ALA A 74 -0.35 12.14 -1.61
N TYR A 75 -0.21 13.02 -2.58
CA TYR A 75 -1.23 13.19 -3.61
C TYR A 75 -0.66 12.92 -5.00
N GLY A 76 -1.56 12.76 -5.97
CA GLY A 76 -1.13 12.49 -7.33
C GLY A 76 -0.59 11.08 -7.51
N GLU A 77 0.73 10.96 -7.63
CA GLU A 77 1.36 9.66 -7.82
C GLU A 77 1.85 9.11 -6.48
N VAL A 78 1.07 8.20 -5.90
CA VAL A 78 1.43 7.59 -4.62
C VAL A 78 1.95 6.17 -4.82
N HIS A 79 3.20 5.95 -4.44
CA HIS A 79 3.82 4.64 -4.57
C HIS A 79 3.60 3.80 -3.30
N ILE A 80 2.67 2.86 -3.37
CA ILE A 80 2.37 2.01 -2.23
C ILE A 80 2.97 0.62 -2.42
N LYS A 81 3.97 0.30 -1.61
CA LYS A 81 4.63 -1.00 -1.68
C LYS A 81 3.88 -2.03 -0.83
N THR A 82 3.19 -2.94 -1.50
CA THR A 82 2.44 -3.99 -0.81
C THR A 82 3.22 -5.29 -0.76
N MET A 83 2.98 -6.08 0.28
CA MET A 83 3.67 -7.37 0.44
C MET A 83 2.85 -8.32 1.30
N PRO A 84 2.78 -9.59 0.88
CA PRO A 84 2.03 -10.62 1.60
C PRO A 84 2.69 -11.00 2.93
N ALA A 85 2.00 -10.72 4.02
CA ALA A 85 2.51 -11.02 5.35
C ALA A 85 3.24 -12.36 5.36
N ALA A 86 2.76 -13.30 4.54
CA ALA A 86 3.38 -14.61 4.46
C ALA A 86 4.86 -14.51 4.10
N THR A 87 5.12 -14.02 2.89
CA THR A 87 6.50 -13.89 2.41
C THR A 87 7.32 -13.00 3.36
N TYR A 88 6.84 -11.77 3.56
CA TYR A 88 7.52 -10.83 4.44
C TYR A 88 7.94 -11.50 5.75
N ARG A 89 6.96 -12.08 6.44
CA ARG A 89 7.22 -12.75 7.71
C ARG A 89 8.29 -13.82 7.55
N LEU A 90 8.17 -14.62 6.50
CA LEU A 90 9.13 -15.68 6.21
C LEU A 90 10.52 -15.11 5.95
N LEU A 91 10.56 -13.92 5.36
CA LEU A 91 11.83 -13.26 5.06
C LEU A 91 12.50 -12.74 6.33
N THR A 92 11.72 -12.04 7.15
CA THR A 92 12.23 -11.49 8.40
C THR A 92 12.47 -12.60 9.43
N GLY A 93 11.96 -13.79 9.14
CA GLY A 93 12.13 -14.90 10.04
C GLY A 93 13.39 -15.70 9.77
N GLN A 94 13.31 -16.60 8.78
CA GLN A 94 14.46 -17.42 8.42
C GLN A 94 15.76 -16.65 8.57
N GLY A 1 15.53 -21.26 -17.33
CA GLY A 1 15.75 -19.83 -17.16
C GLY A 1 14.67 -19.01 -17.84
N SER A 2 13.45 -19.12 -17.36
CA SER A 2 12.32 -18.39 -17.93
C SER A 2 12.14 -17.05 -17.22
N SER A 3 11.26 -16.20 -17.76
CA SER A 3 10.99 -14.90 -17.18
C SER A 3 10.24 -15.04 -15.86
N GLY A 4 10.62 -14.22 -14.89
CA GLY A 4 9.98 -14.25 -13.59
C GLY A 4 10.20 -12.98 -12.79
N SER A 5 10.84 -13.11 -11.63
CA SER A 5 11.10 -11.96 -10.78
C SER A 5 9.81 -11.44 -10.15
N SER A 6 8.97 -12.36 -9.68
CA SER A 6 7.70 -11.98 -9.08
C SER A 6 7.76 -12.13 -7.57
N GLY A 7 8.05 -11.02 -6.88
CA GLY A 7 8.13 -11.05 -5.43
C GLY A 7 7.26 -9.99 -4.77
N VAL A 8 7.81 -8.79 -4.62
CA VAL A 8 7.08 -7.69 -4.00
C VAL A 8 6.17 -7.01 -5.01
N THR A 9 4.88 -6.94 -4.69
CA THR A 9 3.90 -6.31 -5.57
C THR A 9 3.83 -4.81 -5.32
N THR A 10 4.03 -4.03 -6.38
CA THR A 10 3.98 -2.58 -6.28
C THR A 10 2.75 -2.01 -7.00
N ALA A 11 2.16 -0.97 -6.41
CA ALA A 11 0.98 -0.35 -6.99
C ALA A 11 1.12 1.17 -7.00
N ILE A 12 0.40 1.82 -7.91
CA ILE A 12 0.45 3.28 -8.02
C ILE A 12 -0.96 3.87 -8.00
N ILE A 13 -1.24 4.66 -6.97
CA ILE A 13 -2.55 5.30 -6.83
C ILE A 13 -2.50 6.75 -7.27
N HIS A 14 -3.47 7.14 -8.09
CA HIS A 14 -3.55 8.51 -8.59
C HIS A 14 -4.48 9.35 -7.74
N ARG A 15 -3.91 10.14 -6.84
CA ARG A 15 -4.69 10.99 -5.95
C ARG A 15 -4.57 12.45 -6.36
N PRO A 16 -5.40 12.87 -7.34
CA PRO A 16 -5.40 14.25 -7.84
C PRO A 16 -5.95 15.24 -6.82
N HIS A 17 -6.86 14.76 -5.98
CA HIS A 17 -7.47 15.61 -4.96
C HIS A 17 -7.28 14.99 -3.57
N ALA A 18 -6.99 15.84 -2.58
CA ALA A 18 -6.79 15.39 -1.22
C ALA A 18 -8.13 15.19 -0.50
N ARG A 19 -9.12 15.99 -0.88
CA ARG A 19 -10.44 15.91 -0.27
C ARG A 19 -11.27 14.81 -0.94
N GLU A 20 -10.59 13.79 -1.44
CA GLU A 20 -11.27 12.68 -2.10
C GLU A 20 -10.97 11.36 -1.38
N GLN A 21 -12.01 10.54 -1.22
CA GLN A 21 -11.87 9.25 -0.55
C GLN A 21 -10.80 8.40 -1.25
N LEU A 22 -10.48 7.26 -0.65
CA LEU A 22 -9.48 6.35 -1.20
C LEU A 22 -10.14 5.13 -1.82
N GLY A 23 -10.91 4.41 -1.02
CA GLY A 23 -11.59 3.22 -1.51
C GLY A 23 -11.10 1.95 -0.85
N PHE A 24 -9.80 1.88 -0.62
CA PHE A 24 -9.19 0.70 0.02
C PHE A 24 -9.09 0.89 1.53
N CYS A 25 -9.69 -0.03 2.28
CA CYS A 25 -9.67 0.05 3.73
C CYS A 25 -8.43 -0.64 4.28
N VAL A 26 -7.76 0.03 5.23
CA VAL A 26 -6.56 -0.51 5.84
C VAL A 26 -6.71 -0.61 7.36
N GLU A 27 -6.12 -1.67 7.93
CA GLU A 27 -6.20 -1.88 9.37
C GLU A 27 -4.89 -2.46 9.90
N ASP A 28 -4.27 -1.76 10.84
CA ASP A 28 -3.01 -2.20 11.44
C ASP A 28 -1.96 -2.40 10.36
N GLY A 29 -2.09 -1.67 9.26
CA GLY A 29 -1.14 -1.79 8.17
C GLY A 29 -1.45 -2.93 7.24
N ILE A 30 -2.72 -3.35 7.23
CA ILE A 30 -3.15 -4.45 6.37
C ILE A 30 -4.51 -4.16 5.75
N ILE A 31 -4.55 -4.15 4.42
CA ILE A 31 -5.80 -3.89 3.71
C ILE A 31 -6.80 -5.02 3.90
N CYS A 32 -8.08 -4.67 3.99
CA CYS A 32 -9.13 -5.65 4.19
C CYS A 32 -10.10 -5.66 3.01
N SER A 33 -10.73 -4.51 2.77
CA SER A 33 -11.68 -4.38 1.68
C SER A 33 -11.20 -3.36 0.65
N LEU A 34 -11.76 -3.41 -0.55
CA LEU A 34 -11.38 -2.49 -1.62
C LEU A 34 -12.62 -1.95 -2.33
N LEU A 35 -12.67 -0.63 -2.52
CA LEU A 35 -13.79 0.01 -3.19
C LEU A 35 -13.81 -0.33 -4.67
N ARG A 36 -14.65 -1.29 -5.04
CA ARG A 36 -14.77 -1.70 -6.44
C ARG A 36 -15.18 -0.53 -7.33
N GLY A 37 -14.37 -0.25 -8.33
CA GLY A 37 -14.67 0.85 -9.24
C GLY A 37 -14.03 2.15 -8.82
N GLY A 38 -12.88 2.05 -8.15
CA GLY A 38 -12.18 3.23 -7.69
C GLY A 38 -10.77 3.33 -8.23
N ILE A 39 -9.84 3.76 -7.39
CA ILE A 39 -8.45 3.88 -7.79
C ILE A 39 -7.65 2.65 -7.39
N ALA A 40 -7.77 2.25 -6.13
CA ALA A 40 -7.06 1.08 -5.63
C ALA A 40 -6.97 -0.01 -6.69
N GLU A 41 -8.12 -0.47 -7.15
CA GLU A 41 -8.18 -1.52 -8.16
C GLU A 41 -7.33 -1.13 -9.38
N ARG A 42 -7.46 0.11 -9.82
CA ARG A 42 -6.71 0.61 -10.97
C ARG A 42 -5.21 0.50 -10.72
N GLY A 43 -4.76 1.08 -9.62
CA GLY A 43 -3.33 1.04 -9.29
C GLY A 43 -2.82 -0.38 -9.13
N GLY A 44 -3.62 -1.23 -8.50
CA GLY A 44 -3.22 -2.61 -8.29
C GLY A 44 -3.21 -3.01 -6.84
N ILE A 45 -4.10 -2.39 -6.05
CA ILE A 45 -4.20 -2.68 -4.63
C ILE A 45 -4.84 -4.04 -4.39
N ARG A 46 -4.19 -4.86 -3.56
CA ARG A 46 -4.70 -6.18 -3.24
C ARG A 46 -4.89 -6.35 -1.73
N VAL A 47 -6.14 -6.47 -1.30
CA VAL A 47 -6.44 -6.63 0.11
C VAL A 47 -5.71 -7.83 0.70
N GLY A 48 -5.41 -7.76 2.00
CA GLY A 48 -4.71 -8.83 2.66
C GLY A 48 -3.21 -8.63 2.67
N HIS A 49 -2.71 -7.90 1.68
CA HIS A 49 -1.28 -7.63 1.58
C HIS A 49 -0.84 -6.59 2.62
N ARG A 50 0.23 -6.91 3.34
CA ARG A 50 0.74 -5.99 4.37
C ARG A 50 1.66 -4.95 3.75
N ILE A 51 1.46 -3.68 4.13
CA ILE A 51 2.27 -2.59 3.61
C ILE A 51 3.65 -2.58 4.27
N ILE A 52 4.65 -2.23 3.49
CA ILE A 52 6.02 -2.18 3.99
C ILE A 52 6.67 -0.82 3.70
N GLU A 53 6.21 -0.18 2.63
CA GLU A 53 6.74 1.13 2.24
C GLU A 53 5.70 1.91 1.44
N ILE A 54 5.49 3.17 1.83
CA ILE A 54 4.53 4.02 1.15
C ILE A 54 5.20 5.31 0.66
N ASN A 55 4.75 5.79 -0.50
CA ASN A 55 5.31 7.01 -1.08
C ASN A 55 6.80 7.10 -0.82
N GLY A 56 7.46 5.95 -0.73
CA GLY A 56 8.89 5.93 -0.48
C GLY A 56 9.24 6.18 0.98
N GLN A 57 8.47 5.56 1.88
CA GLN A 57 8.71 5.72 3.31
C GLN A 57 8.40 4.44 4.06
N SER A 58 9.33 4.00 4.91
CA SER A 58 9.16 2.78 5.67
C SER A 58 8.00 2.92 6.66
N VAL A 59 7.03 2.02 6.55
CA VAL A 59 5.87 2.04 7.44
C VAL A 59 5.74 0.73 8.22
N VAL A 60 6.51 -0.27 7.79
CA VAL A 60 6.49 -1.57 8.46
C VAL A 60 6.52 -1.42 9.97
N ALA A 61 7.07 -0.30 10.44
CA ALA A 61 7.15 -0.04 11.87
C ALA A 61 6.28 1.15 12.26
N THR A 62 6.19 2.13 11.37
CA THR A 62 5.38 3.32 11.62
C THR A 62 4.00 2.95 12.14
N PRO A 63 3.51 3.71 13.13
CA PRO A 63 2.18 3.48 13.72
C PRO A 63 1.05 3.82 12.77
N HIS A 64 0.06 2.94 12.69
CA HIS A 64 -1.08 3.15 11.82
C HIS A 64 -1.47 4.62 11.77
N ALA A 65 -1.68 5.21 12.94
CA ALA A 65 -2.06 6.62 13.03
C ALA A 65 -1.29 7.45 12.02
N ARG A 66 0.03 7.31 12.00
CA ARG A 66 0.88 8.05 11.09
C ARG A 66 0.69 7.56 9.65
N ILE A 67 0.69 6.25 9.47
CA ILE A 67 0.52 5.65 8.15
C ILE A 67 -0.66 6.28 7.42
N ILE A 68 -1.75 6.50 8.14
CA ILE A 68 -2.94 7.10 7.57
C ILE A 68 -2.71 8.55 7.18
N GLU A 69 -1.98 9.27 8.04
CA GLU A 69 -1.68 10.67 7.78
C GLU A 69 -0.80 10.82 6.53
N LEU A 70 0.21 9.97 6.42
CA LEU A 70 1.12 10.01 5.28
C LEU A 70 0.37 9.75 3.98
N LEU A 71 -0.13 8.53 3.81
CA LEU A 71 -0.86 8.16 2.62
C LEU A 71 -1.82 9.27 2.20
N THR A 72 -2.54 9.82 3.17
CA THR A 72 -3.49 10.90 2.90
C THR A 72 -2.77 12.15 2.42
N GLU A 73 -1.75 12.57 3.15
CA GLU A 73 -0.98 13.76 2.79
C GLU A 73 -0.42 13.63 1.38
N ALA A 74 -0.05 12.41 1.01
CA ALA A 74 0.50 12.16 -0.32
C ALA A 74 -0.50 12.51 -1.42
N TYR A 75 -0.07 13.34 -2.36
CA TYR A 75 -0.93 13.77 -3.46
C TYR A 75 -0.40 13.24 -4.79
N GLY A 76 -1.21 13.42 -5.85
CA GLY A 76 -0.80 12.96 -7.16
C GLY A 76 -0.39 11.50 -7.17
N GLU A 77 0.85 11.25 -7.59
CA GLU A 77 1.35 9.88 -7.64
C GLU A 77 1.62 9.34 -6.23
N VAL A 78 1.15 8.13 -5.97
CA VAL A 78 1.32 7.50 -4.67
C VAL A 78 1.88 6.08 -4.82
N HIS A 79 3.17 5.93 -4.54
CA HIS A 79 3.82 4.63 -4.64
C HIS A 79 3.58 3.80 -3.38
N ILE A 80 2.68 2.83 -3.48
CA ILE A 80 2.36 1.97 -2.34
C ILE A 80 2.90 0.56 -2.56
N LYS A 81 3.91 0.19 -1.78
CA LYS A 81 4.50 -1.14 -1.89
C LYS A 81 3.76 -2.14 -1.01
N THR A 82 2.99 -3.01 -1.65
CA THR A 82 2.22 -4.02 -0.93
C THR A 82 2.95 -5.36 -0.93
N MET A 83 2.97 -6.01 0.24
CA MET A 83 3.62 -7.30 0.37
C MET A 83 2.80 -8.23 1.25
N PRO A 84 2.76 -9.52 0.86
CA PRO A 84 2.00 -10.54 1.60
C PRO A 84 2.65 -10.88 2.94
N ALA A 85 1.94 -10.56 4.02
CA ALA A 85 2.44 -10.83 5.36
C ALA A 85 3.14 -12.19 5.42
N ALA A 86 2.55 -13.19 4.78
CA ALA A 86 3.11 -14.53 4.77
C ALA A 86 4.58 -14.50 4.37
N THR A 87 4.84 -14.16 3.11
CA THR A 87 6.21 -14.10 2.60
C THR A 87 7.07 -13.19 3.47
N TYR A 88 6.74 -11.91 3.50
CA TYR A 88 7.50 -10.94 4.29
C TYR A 88 7.94 -11.55 5.61
N ARG A 89 6.98 -11.95 6.43
CA ARG A 89 7.27 -12.55 7.73
C ARG A 89 8.28 -13.69 7.58
N LEU A 90 8.04 -14.57 6.62
CA LEU A 90 8.93 -15.70 6.38
C LEU A 90 10.34 -15.23 6.09
N LEU A 91 10.46 -14.14 5.34
CA LEU A 91 11.76 -13.59 4.99
C LEU A 91 12.47 -13.05 6.22
N THR A 92 11.80 -12.16 6.94
CA THR A 92 12.36 -11.56 8.15
C THR A 92 11.98 -12.37 9.39
N GLY A 93 11.73 -13.66 9.20
CA GLY A 93 11.35 -14.52 10.30
C GLY A 93 12.22 -14.30 11.52
N GLN A 94 11.62 -14.32 12.70
CA GLN A 94 12.35 -14.12 13.95
C GLN A 94 12.02 -15.23 14.95
N GLY A 1 16.97 -0.13 -21.06
CA GLY A 1 18.07 -0.65 -20.27
C GLY A 1 18.00 -2.16 -20.08
N SER A 2 17.86 -2.59 -18.82
CA SER A 2 17.79 -4.01 -18.52
C SER A 2 17.03 -4.24 -17.21
N SER A 3 15.88 -4.90 -17.32
CA SER A 3 15.06 -5.19 -16.14
C SER A 3 15.64 -6.35 -15.35
N GLY A 4 15.73 -6.17 -14.04
CA GLY A 4 16.27 -7.22 -13.18
C GLY A 4 15.80 -7.10 -11.75
N SER A 5 14.49 -7.12 -11.55
CA SER A 5 13.91 -6.99 -10.21
C SER A 5 12.54 -7.67 -10.15
N SER A 6 12.37 -8.56 -9.18
CA SER A 6 11.11 -9.28 -9.01
C SER A 6 10.98 -9.81 -7.59
N GLY A 7 9.80 -9.60 -7.01
CA GLY A 7 9.56 -10.07 -5.65
C GLY A 7 8.50 -9.25 -4.94
N VAL A 8 8.84 -8.02 -4.58
CA VAL A 8 7.91 -7.14 -3.88
C VAL A 8 6.91 -6.52 -4.86
N THR A 9 5.64 -6.54 -4.48
CA THR A 9 4.58 -5.99 -5.31
C THR A 9 4.49 -4.48 -5.15
N THR A 10 4.60 -3.75 -6.26
CA THR A 10 4.52 -2.30 -6.24
C THR A 10 3.31 -1.80 -7.02
N ALA A 11 2.52 -0.93 -6.39
CA ALA A 11 1.34 -0.38 -7.05
C ALA A 11 1.27 1.13 -6.86
N ILE A 12 0.72 1.82 -7.86
CA ILE A 12 0.60 3.27 -7.80
C ILE A 12 -0.87 3.69 -7.88
N ILE A 13 -1.22 4.72 -7.11
CA ILE A 13 -2.59 5.22 -7.09
C ILE A 13 -2.63 6.68 -7.55
N HIS A 14 -3.76 7.08 -8.15
CA HIS A 14 -3.92 8.44 -8.63
C HIS A 14 -4.83 9.24 -7.69
N ARG A 15 -4.22 10.06 -6.84
CA ARG A 15 -4.97 10.87 -5.89
C ARG A 15 -4.81 12.36 -6.21
N PRO A 16 -5.62 12.85 -7.15
CA PRO A 16 -5.59 14.26 -7.56
C PRO A 16 -6.12 15.20 -6.47
N HIS A 17 -6.88 14.64 -5.54
CA HIS A 17 -7.45 15.42 -4.44
C HIS A 17 -7.11 14.79 -3.09
N ALA A 18 -6.75 15.62 -2.13
CA ALA A 18 -6.40 15.15 -0.79
C ALA A 18 -7.65 14.96 0.07
N ARG A 19 -8.65 15.82 -0.16
CA ARG A 19 -9.89 15.76 0.59
C ARG A 19 -10.85 14.74 -0.02
N GLU A 20 -10.28 13.72 -0.65
CA GLU A 20 -11.09 12.68 -1.29
C GLU A 20 -10.82 11.31 -0.64
N GLN A 21 -11.85 10.48 -0.59
CA GLN A 21 -11.73 9.15 0.00
C GLN A 21 -10.56 8.39 -0.62
N LEU A 22 -10.39 7.14 -0.20
CA LEU A 22 -9.32 6.30 -0.71
C LEU A 22 -9.87 5.08 -1.43
N GLY A 23 -10.78 4.36 -0.77
CA GLY A 23 -11.38 3.19 -1.37
C GLY A 23 -10.91 1.90 -0.71
N PHE A 24 -9.62 1.81 -0.45
CA PHE A 24 -9.05 0.62 0.20
C PHE A 24 -8.99 0.79 1.70
N CYS A 25 -9.61 -0.13 2.42
CA CYS A 25 -9.63 -0.07 3.88
C CYS A 25 -8.38 -0.73 4.46
N VAL A 26 -7.61 0.05 5.23
CA VAL A 26 -6.39 -0.45 5.84
C VAL A 26 -6.56 -0.63 7.34
N GLU A 27 -6.21 -1.82 7.83
CA GLU A 27 -6.33 -2.13 9.25
C GLU A 27 -4.97 -2.47 9.85
N ASP A 28 -4.48 -1.59 10.73
CA ASP A 28 -3.20 -1.80 11.37
C ASP A 28 -2.08 -1.94 10.34
N GLY A 29 -2.27 -1.30 9.19
CA GLY A 29 -1.27 -1.37 8.13
C GLY A 29 -1.49 -2.55 7.21
N ILE A 30 -2.69 -3.13 7.27
CA ILE A 30 -3.02 -4.27 6.43
C ILE A 30 -4.38 -4.10 5.76
N ILE A 31 -4.38 -3.98 4.44
CA ILE A 31 -5.62 -3.80 3.69
C ILE A 31 -6.51 -5.03 3.81
N CYS A 32 -7.78 -4.82 4.13
CA CYS A 32 -8.72 -5.92 4.28
C CYS A 32 -9.75 -5.89 3.14
N SER A 33 -10.37 -4.74 2.93
CA SER A 33 -11.37 -4.58 1.88
C SER A 33 -10.95 -3.52 0.87
N LEU A 34 -11.56 -3.55 -0.30
CA LEU A 34 -11.25 -2.58 -1.35
C LEU A 34 -12.52 -2.09 -2.03
N LEU A 35 -12.61 -0.78 -2.25
CA LEU A 35 -13.77 -0.19 -2.90
C LEU A 35 -13.84 -0.59 -4.36
N ARG A 36 -14.89 -1.31 -4.72
CA ARG A 36 -15.09 -1.77 -6.09
C ARG A 36 -15.52 -0.61 -7.00
N GLY A 37 -14.62 -0.19 -7.88
CA GLY A 37 -14.94 0.91 -8.78
C GLY A 37 -14.34 2.22 -8.32
N GLY A 38 -13.14 2.16 -7.75
CA GLY A 38 -12.48 3.36 -7.29
C GLY A 38 -11.13 3.59 -7.95
N ILE A 39 -10.21 4.21 -7.22
CA ILE A 39 -8.88 4.49 -7.75
C ILE A 39 -7.92 3.33 -7.46
N ALA A 40 -7.94 2.85 -6.23
CA ALA A 40 -7.08 1.74 -5.82
C ALA A 40 -7.18 0.58 -6.80
N GLU A 41 -8.36 -0.03 -6.87
CA GLU A 41 -8.58 -1.15 -7.77
C GLU A 41 -7.87 -0.94 -9.10
N ARG A 42 -8.01 0.26 -9.65
CA ARG A 42 -7.38 0.61 -10.92
C ARG A 42 -5.87 0.75 -10.76
N GLY A 43 -5.45 1.30 -9.61
CA GLY A 43 -4.04 1.49 -9.36
C GLY A 43 -3.28 0.17 -9.28
N GLY A 44 -3.82 -0.76 -8.50
CA GLY A 44 -3.17 -2.06 -8.36
C GLY A 44 -3.10 -2.51 -6.91
N ILE A 45 -4.12 -2.14 -6.13
CA ILE A 45 -4.16 -2.51 -4.72
C ILE A 45 -4.97 -3.79 -4.52
N ARG A 46 -4.40 -4.71 -3.74
CA ARG A 46 -5.07 -5.99 -3.47
C ARG A 46 -5.09 -6.27 -1.97
N VAL A 47 -6.28 -6.50 -1.43
CA VAL A 47 -6.43 -6.79 0.00
C VAL A 47 -5.60 -8.00 0.39
N GLY A 48 -5.38 -8.15 1.71
CA GLY A 48 -4.59 -9.27 2.20
C GLY A 48 -3.12 -8.93 2.30
N HIS A 49 -2.63 -8.12 1.38
CA HIS A 49 -1.22 -7.74 1.37
C HIS A 49 -0.95 -6.64 2.40
N ARG A 50 0.12 -6.81 3.16
CA ARG A 50 0.48 -5.84 4.18
C ARG A 50 1.40 -4.76 3.62
N ILE A 51 1.22 -3.53 4.08
CA ILE A 51 2.03 -2.41 3.61
C ILE A 51 3.37 -2.36 4.35
N ILE A 52 4.46 -2.22 3.59
CA ILE A 52 5.79 -2.15 4.17
C ILE A 52 6.50 -0.86 3.77
N GLU A 53 5.93 -0.16 2.79
CA GLU A 53 6.51 1.09 2.33
C GLU A 53 5.48 1.90 1.54
N ILE A 54 5.43 3.20 1.82
CA ILE A 54 4.49 4.09 1.14
C ILE A 54 5.14 5.42 0.76
N ASN A 55 4.74 5.97 -0.37
CA ASN A 55 5.29 7.24 -0.84
C ASN A 55 6.79 7.31 -0.56
N GLY A 56 7.46 6.17 -0.65
CA GLY A 56 8.89 6.13 -0.41
C GLY A 56 9.23 6.31 1.06
N GLN A 57 8.47 5.65 1.93
CA GLN A 57 8.69 5.74 3.37
C GLN A 57 8.43 4.41 4.05
N SER A 58 9.43 3.87 4.72
CA SER A 58 9.31 2.60 5.41
C SER A 58 8.28 2.69 6.54
N VAL A 59 7.17 1.98 6.38
CA VAL A 59 6.11 1.98 7.38
C VAL A 59 5.88 0.58 7.94
N VAL A 60 6.80 -0.33 7.63
CA VAL A 60 6.70 -1.70 8.10
C VAL A 60 6.47 -1.75 9.61
N ALA A 61 6.89 -0.70 10.30
CA ALA A 61 6.73 -0.61 11.74
C ALA A 61 5.83 0.57 12.12
N THR A 62 5.97 1.67 11.40
CA THR A 62 5.17 2.86 11.67
C THR A 62 3.75 2.49 12.05
N PRO A 63 3.20 3.21 13.04
CA PRO A 63 1.84 2.98 13.53
C PRO A 63 0.78 3.41 12.51
N HIS A 64 -0.27 2.60 12.38
CA HIS A 64 -1.35 2.90 11.45
C HIS A 64 -1.68 4.38 11.45
N ALA A 65 -2.02 4.91 12.62
CA ALA A 65 -2.35 6.32 12.76
C ALA A 65 -1.50 7.18 11.84
N ARG A 66 -0.18 7.07 11.98
CA ARG A 66 0.75 7.84 11.16
C ARG A 66 0.61 7.47 9.69
N ILE A 67 0.58 6.17 9.41
CA ILE A 67 0.44 5.69 8.05
C ILE A 67 -0.66 6.44 7.30
N ILE A 68 -1.79 6.63 7.96
CA ILE A 68 -2.92 7.33 7.37
C ILE A 68 -2.55 8.77 7.03
N GLU A 69 -1.84 9.42 7.95
CA GLU A 69 -1.43 10.81 7.74
C GLU A 69 -0.52 10.93 6.52
N LEU A 70 0.34 9.94 6.33
CA LEU A 70 1.26 9.93 5.21
C LEU A 70 0.52 9.71 3.88
N LEU A 71 -0.05 8.52 3.73
CA LEU A 71 -0.80 8.19 2.52
C LEU A 71 -1.69 9.34 2.09
N THR A 72 -2.33 9.99 3.06
CA THR A 72 -3.21 11.10 2.78
C THR A 72 -2.43 12.29 2.21
N GLU A 73 -1.33 12.64 2.87
CA GLU A 73 -0.50 13.75 2.43
C GLU A 73 -0.02 13.54 1.00
N ALA A 74 0.22 12.29 0.64
CA ALA A 74 0.68 11.95 -0.71
C ALA A 74 -0.37 12.32 -1.75
N TYR A 75 -0.02 13.28 -2.61
CA TYR A 75 -0.93 13.73 -3.65
C TYR A 75 -0.49 13.22 -5.02
N GLY A 76 -1.39 13.28 -5.99
CA GLY A 76 -1.08 12.83 -7.33
C GLY A 76 -0.55 11.41 -7.35
N GLU A 77 0.74 11.27 -7.66
CA GLU A 77 1.38 9.96 -7.72
C GLU A 77 1.58 9.39 -6.31
N VAL A 78 1.05 8.20 -6.08
CA VAL A 78 1.18 7.55 -4.77
C VAL A 78 1.77 6.15 -4.91
N HIS A 79 3.04 6.02 -4.55
CA HIS A 79 3.72 4.72 -4.63
C HIS A 79 3.48 3.91 -3.37
N ILE A 80 2.70 2.84 -3.51
CA ILE A 80 2.40 1.97 -2.38
C ILE A 80 3.03 0.60 -2.56
N LYS A 81 3.97 0.27 -1.68
CA LYS A 81 4.65 -1.02 -1.74
C LYS A 81 3.91 -2.07 -0.91
N THR A 82 3.23 -2.99 -1.60
CA THR A 82 2.48 -4.04 -0.92
C THR A 82 3.30 -5.33 -0.83
N MET A 83 3.11 -6.06 0.26
CA MET A 83 3.82 -7.31 0.47
C MET A 83 2.95 -8.32 1.22
N PRO A 84 2.98 -9.58 0.76
CA PRO A 84 2.20 -10.66 1.37
C PRO A 84 2.73 -11.05 2.75
N ALA A 85 1.87 -10.95 3.75
CA ALA A 85 2.25 -11.30 5.12
C ALA A 85 3.02 -12.62 5.15
N ALA A 86 2.60 -13.57 4.33
CA ALA A 86 3.25 -14.88 4.28
C ALA A 86 4.74 -14.74 4.02
N THR A 87 5.10 -14.29 2.82
CA THR A 87 6.49 -14.10 2.45
C THR A 87 7.23 -13.26 3.49
N TYR A 88 6.82 -12.00 3.62
CA TYR A 88 7.44 -11.09 4.57
C TYR A 88 7.67 -11.77 5.92
N ARG A 89 6.58 -12.28 6.52
CA ARG A 89 6.67 -12.96 7.80
C ARG A 89 7.79 -13.99 7.79
N LEU A 90 7.84 -14.80 6.74
CA LEU A 90 8.86 -15.83 6.61
C LEU A 90 10.26 -15.21 6.60
N LEU A 91 10.39 -14.07 5.95
CA LEU A 91 11.68 -13.37 5.86
C LEU A 91 12.07 -12.80 7.22
N THR A 92 11.07 -12.34 7.97
CA THR A 92 11.32 -11.76 9.29
C THR A 92 11.17 -12.81 10.39
N GLY A 93 11.21 -14.08 9.99
CA GLY A 93 11.08 -15.17 10.95
C GLY A 93 12.05 -15.04 12.10
N GLN A 94 12.05 -16.03 12.99
CA GLN A 94 12.93 -16.02 14.14
C GLN A 94 14.37 -15.71 13.72
N GLY A 1 21.68 -7.94 -11.87
CA GLY A 1 20.25 -8.16 -11.93
C GLY A 1 19.52 -7.04 -12.63
N SER A 2 18.75 -7.38 -13.65
CA SER A 2 18.00 -6.38 -14.41
C SER A 2 16.52 -6.76 -14.48
N SER A 3 15.97 -7.21 -13.36
CA SER A 3 14.58 -7.60 -13.29
C SER A 3 13.70 -6.40 -12.95
N GLY A 4 12.38 -6.63 -12.93
CA GLY A 4 11.45 -5.56 -12.62
C GLY A 4 10.78 -5.75 -11.26
N SER A 5 9.54 -6.20 -11.28
CA SER A 5 8.78 -6.42 -10.05
C SER A 5 8.79 -7.89 -9.67
N SER A 6 9.58 -8.22 -8.65
CA SER A 6 9.67 -9.60 -8.18
C SER A 6 9.73 -9.65 -6.65
N GLY A 7 8.95 -10.55 -6.07
CA GLY A 7 8.92 -10.69 -4.63
C GLY A 7 8.03 -9.66 -3.96
N VAL A 8 8.33 -8.38 -4.20
CA VAL A 8 7.55 -7.30 -3.63
C VAL A 8 6.62 -6.66 -4.66
N THR A 9 5.32 -6.69 -4.39
CA THR A 9 4.34 -6.12 -5.29
C THR A 9 4.24 -4.61 -5.13
N THR A 10 4.55 -3.88 -6.19
CA THR A 10 4.50 -2.42 -6.16
C THR A 10 3.28 -1.90 -6.91
N ALA A 11 2.48 -1.09 -6.23
CA ALA A 11 1.27 -0.52 -6.83
C ALA A 11 1.28 1.00 -6.73
N ILE A 12 0.66 1.66 -7.71
CA ILE A 12 0.60 3.12 -7.73
C ILE A 12 -0.85 3.59 -7.81
N ILE A 13 -1.18 4.58 -6.99
CA ILE A 13 -2.54 5.13 -6.98
C ILE A 13 -2.54 6.59 -7.44
N HIS A 14 -3.66 7.01 -8.01
CA HIS A 14 -3.80 8.38 -8.50
C HIS A 14 -4.78 9.17 -7.64
N ARG A 15 -4.25 10.05 -6.80
CA ARG A 15 -5.07 10.87 -5.92
C ARG A 15 -4.94 12.35 -6.26
N PRO A 16 -5.76 12.82 -7.21
CA PRO A 16 -5.74 14.22 -7.65
C PRO A 16 -6.28 15.17 -6.58
N HIS A 17 -7.27 14.70 -5.82
CA HIS A 17 -7.86 15.51 -4.76
C HIS A 17 -7.61 14.87 -3.40
N ALA A 18 -7.51 15.72 -2.37
CA ALA A 18 -7.28 15.25 -1.01
C ALA A 18 -8.59 14.95 -0.29
N ARG A 19 -9.64 15.69 -0.65
CA ARG A 19 -10.95 15.50 -0.04
C ARG A 19 -11.72 14.37 -0.73
N GLU A 20 -10.97 13.40 -1.26
CA GLU A 20 -11.58 12.27 -1.94
C GLU A 20 -11.17 10.96 -1.30
N GLN A 21 -12.15 10.14 -0.92
CA GLN A 21 -11.88 8.86 -0.30
C GLN A 21 -10.78 8.11 -1.03
N LEU A 22 -10.30 7.03 -0.42
CA LEU A 22 -9.25 6.22 -1.03
C LEU A 22 -9.83 4.98 -1.70
N GLY A 23 -10.72 4.29 -1.00
CA GLY A 23 -11.33 3.09 -1.54
C GLY A 23 -10.89 1.83 -0.81
N PHE A 24 -9.60 1.72 -0.56
CA PHE A 24 -9.05 0.56 0.13
C PHE A 24 -9.03 0.78 1.64
N CYS A 25 -9.50 -0.22 2.38
CA CYS A 25 -9.54 -0.13 3.84
C CYS A 25 -8.31 -0.80 4.45
N VAL A 26 -7.51 0.00 5.18
CA VAL A 26 -6.31 -0.52 5.82
C VAL A 26 -6.47 -0.57 7.33
N GLU A 27 -6.02 -1.68 7.93
CA GLU A 27 -6.12 -1.85 9.37
C GLU A 27 -4.78 -2.26 9.96
N ASP A 28 -4.17 -1.36 10.72
CA ASP A 28 -2.88 -1.64 11.35
C ASP A 28 -1.80 -1.87 10.29
N GLY A 29 -1.97 -1.25 9.13
CA GLY A 29 -1.01 -1.41 8.06
C GLY A 29 -1.29 -2.65 7.22
N ILE A 30 -2.53 -3.11 7.23
CA ILE A 30 -2.91 -4.28 6.47
C ILE A 30 -4.27 -4.10 5.81
N ILE A 31 -4.29 -4.10 4.47
CA ILE A 31 -5.53 -3.92 3.73
C ILE A 31 -6.44 -5.14 3.89
N CYS A 32 -7.75 -4.88 3.96
CA CYS A 32 -8.72 -5.95 4.12
C CYS A 32 -9.80 -5.87 3.04
N SER A 33 -10.33 -4.66 2.84
CA SER A 33 -11.37 -4.45 1.85
C SER A 33 -10.90 -3.47 0.77
N LEU A 34 -11.59 -3.46 -0.36
CA LEU A 34 -11.25 -2.58 -1.47
C LEU A 34 -12.50 -2.07 -2.17
N LEU A 35 -12.56 -0.76 -2.40
CA LEU A 35 -13.70 -0.15 -3.06
C LEU A 35 -13.80 -0.60 -4.51
N ARG A 36 -14.81 -1.43 -4.80
CA ARG A 36 -15.01 -1.92 -6.15
C ARG A 36 -15.43 -0.80 -7.10
N GLY A 37 -14.50 -0.37 -7.94
CA GLY A 37 -14.80 0.70 -8.88
C GLY A 37 -14.21 2.03 -8.45
N GLY A 38 -12.99 2.00 -7.94
CA GLY A 38 -12.33 3.22 -7.50
C GLY A 38 -10.97 3.42 -8.15
N ILE A 39 -10.07 4.06 -7.42
CA ILE A 39 -8.72 4.32 -7.93
C ILE A 39 -7.78 3.16 -7.62
N ALA A 40 -7.88 2.64 -6.40
CA ALA A 40 -7.04 1.53 -5.97
C ALA A 40 -7.06 0.40 -7.00
N GLU A 41 -8.20 -0.26 -7.12
CA GLU A 41 -8.36 -1.36 -8.07
C GLU A 41 -7.59 -1.09 -9.35
N ARG A 42 -7.79 0.10 -9.91
CA ARG A 42 -7.11 0.50 -11.14
C ARG A 42 -5.61 0.64 -10.92
N GLY A 43 -5.23 1.16 -9.75
CA GLY A 43 -3.83 1.34 -9.44
C GLY A 43 -3.08 0.03 -9.36
N GLY A 44 -3.65 -0.93 -8.64
CA GLY A 44 -3.01 -2.22 -8.49
C GLY A 44 -2.98 -2.70 -7.05
N ILE A 45 -3.96 -2.26 -6.26
CA ILE A 45 -4.04 -2.64 -4.86
C ILE A 45 -4.68 -4.01 -4.71
N ARG A 46 -4.18 -4.79 -3.75
CA ARG A 46 -4.71 -6.12 -3.49
C ARG A 46 -4.87 -6.37 -2.00
N VAL A 47 -6.11 -6.50 -1.55
CA VAL A 47 -6.40 -6.75 -0.14
C VAL A 47 -5.64 -7.97 0.38
N GLY A 48 -5.50 -8.05 1.69
CA GLY A 48 -4.79 -9.17 2.29
C GLY A 48 -3.30 -8.96 2.33
N HIS A 49 -2.82 -7.94 1.61
CA HIS A 49 -1.40 -7.65 1.55
C HIS A 49 -1.03 -6.56 2.57
N ARG A 50 0.04 -6.79 3.32
CA ARG A 50 0.48 -5.84 4.32
C ARG A 50 1.38 -4.77 3.70
N ILE A 51 1.24 -3.53 4.18
CA ILE A 51 2.03 -2.42 3.67
C ILE A 51 3.36 -2.33 4.41
N ILE A 52 4.44 -2.14 3.65
CA ILE A 52 5.76 -2.01 4.24
C ILE A 52 6.44 -0.71 3.82
N GLU A 53 5.89 -0.07 2.79
CA GLU A 53 6.43 1.19 2.30
C GLU A 53 5.36 2.00 1.58
N ILE A 54 5.41 3.32 1.73
CA ILE A 54 4.45 4.20 1.09
C ILE A 54 5.09 5.51 0.68
N ASN A 55 4.67 6.02 -0.48
CA ASN A 55 5.22 7.28 -1.00
C ASN A 55 6.71 7.39 -0.70
N GLY A 56 7.41 6.27 -0.79
CA GLY A 56 8.85 6.26 -0.53
C GLY A 56 9.17 6.46 0.94
N GLN A 57 8.50 5.68 1.80
CA GLN A 57 8.71 5.77 3.24
C GLN A 57 8.51 4.43 3.91
N SER A 58 9.53 3.97 4.64
CA SER A 58 9.46 2.69 5.33
C SER A 58 8.44 2.74 6.47
N VAL A 59 7.27 2.16 6.22
CA VAL A 59 6.20 2.13 7.23
C VAL A 59 6.00 0.72 7.77
N VAL A 60 6.92 -0.18 7.45
CA VAL A 60 6.84 -1.56 7.90
C VAL A 60 6.65 -1.63 9.42
N ALA A 61 7.12 -0.60 10.12
CA ALA A 61 6.99 -0.55 11.57
C ALA A 61 6.10 0.62 12.00
N THR A 62 6.17 1.72 11.24
CA THR A 62 5.38 2.90 11.55
C THR A 62 3.94 2.52 11.89
N PRO A 63 3.38 3.19 12.92
CA PRO A 63 2.01 2.94 13.37
C PRO A 63 0.97 3.42 12.36
N HIS A 64 -0.07 2.63 12.17
CA HIS A 64 -1.14 2.97 11.23
C HIS A 64 -1.46 4.46 11.31
N ALA A 65 -1.69 4.94 12.54
CA ALA A 65 -2.02 6.35 12.75
C ALA A 65 -1.23 7.24 11.80
N ARG A 66 0.09 7.09 11.81
CA ARG A 66 0.97 7.88 10.95
C ARG A 66 0.75 7.54 9.48
N ILE A 67 0.61 6.25 9.20
CA ILE A 67 0.41 5.79 7.83
C ILE A 67 -0.73 6.55 7.17
N ILE A 68 -1.81 6.77 7.92
CA ILE A 68 -2.96 7.50 7.40
C ILE A 68 -2.61 8.94 7.07
N GLU A 69 -1.88 9.59 7.98
CA GLU A 69 -1.47 10.98 7.78
C GLU A 69 -0.60 11.11 6.53
N LEU A 70 0.32 10.16 6.35
CA LEU A 70 1.22 10.17 5.20
C LEU A 70 0.46 9.90 3.92
N LEU A 71 -0.05 8.68 3.79
CA LEU A 71 -0.80 8.28 2.60
C LEU A 71 -1.79 9.38 2.18
N THR A 72 -2.61 9.83 3.12
CA THR A 72 -3.59 10.87 2.86
C THR A 72 -2.90 12.15 2.39
N GLU A 73 -1.84 12.54 3.10
CA GLU A 73 -1.10 13.74 2.76
C GLU A 73 -0.44 13.62 1.39
N ALA A 74 -0.32 12.39 0.92
CA ALA A 74 0.30 12.12 -0.38
C ALA A 74 -0.69 12.37 -1.51
N TYR A 75 -0.43 13.37 -2.32
CA TYR A 75 -1.29 13.71 -3.45
C TYR A 75 -0.66 13.30 -4.77
N GLY A 76 -1.47 13.32 -5.83
CA GLY A 76 -0.96 12.95 -7.14
C GLY A 76 -0.49 11.50 -7.20
N GLU A 77 0.78 11.30 -7.49
CA GLU A 77 1.34 9.96 -7.58
C GLU A 77 1.62 9.39 -6.18
N VAL A 78 0.97 8.27 -5.87
CA VAL A 78 1.14 7.63 -4.57
C VAL A 78 1.76 6.24 -4.71
N HIS A 79 3.06 6.15 -4.48
CA HIS A 79 3.78 4.89 -4.58
C HIS A 79 3.56 4.04 -3.33
N ILE A 80 2.72 3.01 -3.45
CA ILE A 80 2.43 2.13 -2.33
C ILE A 80 3.07 0.76 -2.53
N LYS A 81 3.92 0.35 -1.59
CA LYS A 81 4.59 -0.93 -1.65
C LYS A 81 3.87 -1.97 -0.80
N THR A 82 3.16 -2.88 -1.46
CA THR A 82 2.43 -3.94 -0.77
C THR A 82 3.24 -5.23 -0.72
N MET A 83 2.97 -6.04 0.30
CA MET A 83 3.67 -7.32 0.46
C MET A 83 2.82 -8.31 1.22
N PRO A 84 2.84 -9.59 0.79
CA PRO A 84 2.07 -10.66 1.42
C PRO A 84 2.61 -11.02 2.80
N ALA A 85 1.75 -10.90 3.81
CA ALA A 85 2.14 -11.21 5.18
C ALA A 85 2.91 -12.53 5.25
N ALA A 86 2.45 -13.51 4.47
CA ALA A 86 3.10 -14.81 4.43
C ALA A 86 4.59 -14.68 4.14
N THR A 87 4.92 -14.23 2.94
CA THR A 87 6.31 -14.06 2.53
C THR A 87 7.09 -13.27 3.57
N TYR A 88 6.76 -11.99 3.70
CA TYR A 88 7.43 -11.11 4.65
C TYR A 88 7.73 -11.86 5.95
N ARG A 89 6.69 -12.35 6.60
CA ARG A 89 6.84 -13.09 7.85
C ARG A 89 7.86 -14.20 7.70
N LEU A 90 7.81 -14.91 6.58
CA LEU A 90 8.73 -16.00 6.31
C LEU A 90 10.15 -15.49 6.13
N LEU A 91 10.27 -14.28 5.60
CA LEU A 91 11.58 -13.66 5.38
C LEU A 91 12.19 -13.19 6.69
N THR A 92 11.34 -12.74 7.61
CA THR A 92 11.80 -12.26 8.91
C THR A 92 11.75 -13.37 9.95
N GLY A 93 11.80 -14.62 9.49
CA GLY A 93 11.77 -15.75 10.39
C GLY A 93 13.13 -16.40 10.56
N GLN A 94 13.53 -17.19 9.59
CA GLN A 94 14.82 -17.88 9.64
C GLN A 94 15.95 -16.88 9.83
N GLY A 1 16.18 3.20 -16.59
CA GLY A 1 15.29 2.74 -17.64
C GLY A 1 14.20 1.83 -17.13
N SER A 2 14.32 0.53 -17.42
CA SER A 2 13.33 -0.45 -16.99
C SER A 2 13.72 -1.04 -15.63
N SER A 3 13.03 -0.58 -14.58
CA SER A 3 13.30 -1.06 -13.23
C SER A 3 12.07 -1.76 -12.65
N GLY A 4 12.32 -2.79 -11.85
CA GLY A 4 11.23 -3.52 -11.25
C GLY A 4 11.70 -4.79 -10.54
N SER A 5 11.86 -4.70 -9.23
CA SER A 5 12.31 -5.85 -8.44
C SER A 5 11.45 -7.07 -8.72
N SER A 6 11.89 -8.22 -8.22
CA SER A 6 11.17 -9.47 -8.42
C SER A 6 10.89 -10.16 -7.08
N GLY A 7 10.39 -9.39 -6.12
CA GLY A 7 10.09 -9.94 -4.81
C GLY A 7 8.95 -9.20 -4.13
N VAL A 8 8.98 -7.88 -4.17
CA VAL A 8 7.95 -7.05 -3.55
C VAL A 8 7.00 -6.48 -4.60
N THR A 9 5.70 -6.50 -4.29
CA THR A 9 4.70 -5.98 -5.21
C THR A 9 4.54 -4.47 -5.04
N THR A 10 4.60 -3.75 -6.16
CA THR A 10 4.46 -2.30 -6.14
C THR A 10 3.17 -1.87 -6.82
N ALA A 11 2.41 -1.00 -6.16
CA ALA A 11 1.16 -0.50 -6.70
C ALA A 11 1.08 1.02 -6.61
N ILE A 12 0.81 1.66 -7.75
CA ILE A 12 0.72 3.11 -7.79
C ILE A 12 -0.74 3.57 -7.92
N ILE A 13 -1.11 4.56 -7.13
CA ILE A 13 -2.47 5.08 -7.16
C ILE A 13 -2.50 6.50 -7.72
N HIS A 14 -3.65 6.89 -8.27
CA HIS A 14 -3.81 8.22 -8.84
C HIS A 14 -4.71 9.09 -7.96
N ARG A 15 -4.08 9.94 -7.17
CA ARG A 15 -4.82 10.83 -6.28
C ARG A 15 -4.71 12.28 -6.73
N PRO A 16 -5.53 12.65 -7.74
CA PRO A 16 -5.54 14.02 -8.29
C PRO A 16 -6.12 15.03 -7.32
N HIS A 17 -6.75 14.54 -6.26
CA HIS A 17 -7.35 15.40 -5.24
C HIS A 17 -7.37 14.72 -3.88
N ALA A 18 -7.19 15.50 -2.83
CA ALA A 18 -7.19 14.96 -1.47
C ALA A 18 -8.61 14.70 -0.99
N ARG A 19 -9.43 15.75 -0.96
CA ARG A 19 -10.81 15.62 -0.51
C ARG A 19 -11.39 14.28 -0.92
N GLU A 20 -10.95 13.76 -2.07
CA GLU A 20 -11.43 12.48 -2.57
C GLU A 20 -10.72 11.33 -1.88
N GLN A 21 -11.50 10.35 -1.42
CA GLN A 21 -10.94 9.19 -0.75
C GLN A 21 -10.12 8.33 -1.71
N LEU A 22 -9.64 7.19 -1.23
CA LEU A 22 -8.85 6.28 -2.05
C LEU A 22 -9.67 5.08 -2.49
N GLY A 23 -10.46 4.54 -1.57
CA GLY A 23 -11.29 3.39 -1.87
C GLY A 23 -10.91 2.16 -1.06
N PHE A 24 -9.61 1.94 -0.89
CA PHE A 24 -9.11 0.80 -0.14
C PHE A 24 -9.01 1.14 1.35
N CYS A 25 -9.49 0.24 2.19
CA CYS A 25 -9.46 0.43 3.63
C CYS A 25 -8.32 -0.37 4.27
N VAL A 26 -7.49 0.31 5.05
CA VAL A 26 -6.36 -0.33 5.71
C VAL A 26 -6.65 -0.55 7.19
N GLU A 27 -6.45 -1.77 7.66
CA GLU A 27 -6.68 -2.10 9.06
C GLU A 27 -5.44 -2.74 9.68
N ASP A 28 -4.72 -1.95 10.47
CA ASP A 28 -3.50 -2.45 11.12
C ASP A 28 -2.36 -2.58 10.12
N GLY A 29 -2.30 -1.66 9.18
CA GLY A 29 -1.25 -1.69 8.17
C GLY A 29 -1.48 -2.78 7.14
N ILE A 30 -2.71 -3.26 7.06
CA ILE A 30 -3.06 -4.31 6.10
C ILE A 30 -4.42 -4.05 5.47
N ILE A 31 -4.45 -3.91 4.15
CA ILE A 31 -5.69 -3.67 3.43
C ILE A 31 -6.67 -4.82 3.61
N CYS A 32 -7.94 -4.49 3.80
CA CYS A 32 -8.97 -5.51 3.98
C CYS A 32 -9.97 -5.46 2.83
N SER A 33 -10.70 -4.36 2.72
CA SER A 33 -11.69 -4.21 1.66
C SER A 33 -11.26 -3.14 0.65
N LEU A 34 -11.80 -3.23 -0.56
CA LEU A 34 -11.47 -2.28 -1.61
C LEU A 34 -12.73 -1.70 -2.24
N LEU A 35 -12.75 -0.37 -2.39
CA LEU A 35 -13.91 0.31 -2.98
C LEU A 35 -14.03 -0.02 -4.46
N ARG A 36 -15.24 -0.37 -4.89
CA ARG A 36 -15.49 -0.71 -6.28
C ARG A 36 -15.61 0.56 -7.13
N GLY A 37 -15.21 0.45 -8.39
CA GLY A 37 -15.27 1.59 -9.29
C GLY A 37 -14.60 2.82 -8.72
N GLY A 38 -13.47 2.61 -8.04
CA GLY A 38 -12.75 3.72 -7.45
C GLY A 38 -11.38 3.93 -8.08
N ILE A 39 -10.43 4.36 -7.27
CA ILE A 39 -9.07 4.60 -7.75
C ILE A 39 -8.18 3.39 -7.49
N ALA A 40 -8.29 2.82 -6.30
CA ALA A 40 -7.50 1.66 -5.93
C ALA A 40 -7.57 0.58 -7.00
N GLU A 41 -8.76 0.01 -7.19
CA GLU A 41 -8.96 -1.03 -8.18
C GLU A 41 -8.16 -0.73 -9.45
N ARG A 42 -8.32 0.48 -9.96
CA ARG A 42 -7.61 0.89 -11.18
C ARG A 42 -6.11 0.84 -10.97
N GLY A 43 -5.67 1.26 -9.79
CA GLY A 43 -4.25 1.26 -9.49
C GLY A 43 -3.66 -0.13 -9.45
N GLY A 44 -4.33 -1.04 -8.73
CA GLY A 44 -3.86 -2.40 -8.62
C GLY A 44 -3.80 -2.87 -7.18
N ILE A 45 -4.33 -2.08 -6.27
CA ILE A 45 -4.35 -2.43 -4.85
C ILE A 45 -5.02 -3.78 -4.62
N ARG A 46 -4.37 -4.62 -3.84
CA ARG A 46 -4.92 -5.95 -3.53
C ARG A 46 -5.00 -6.17 -2.03
N VAL A 47 -6.22 -6.33 -1.52
CA VAL A 47 -6.44 -6.55 -0.10
C VAL A 47 -5.68 -7.77 0.39
N GLY A 48 -5.60 -7.92 1.71
CA GLY A 48 -4.88 -9.04 2.29
C GLY A 48 -3.40 -8.79 2.41
N HIS A 49 -2.83 -8.12 1.41
CA HIS A 49 -1.41 -7.82 1.41
C HIS A 49 -1.08 -6.72 2.41
N ARG A 50 0.01 -6.90 3.15
CA ARG A 50 0.43 -5.93 4.15
C ARG A 50 1.37 -4.89 3.54
N ILE A 51 1.23 -3.65 3.96
CA ILE A 51 2.06 -2.57 3.46
C ILE A 51 3.42 -2.54 4.17
N ILE A 52 4.48 -2.41 3.38
CA ILE A 52 5.83 -2.37 3.93
C ILE A 52 6.50 -1.03 3.64
N GLU A 53 6.07 -0.37 2.58
CA GLU A 53 6.63 0.92 2.20
C GLU A 53 5.56 1.82 1.60
N ILE A 54 5.79 3.12 1.65
CA ILE A 54 4.84 4.10 1.11
C ILE A 54 5.56 5.38 0.68
N ASN A 55 5.30 5.80 -0.55
CA ASN A 55 5.91 7.02 -1.08
C ASN A 55 7.39 7.09 -0.71
N GLY A 56 8.04 5.92 -0.67
CA GLY A 56 9.45 5.88 -0.31
C GLY A 56 9.70 6.05 1.17
N GLN A 57 8.86 5.40 1.97
CA GLN A 57 8.98 5.49 3.42
C GLN A 57 8.69 4.15 4.08
N SER A 58 9.53 3.75 5.04
CA SER A 58 9.35 2.49 5.73
C SER A 58 8.16 2.55 6.68
N VAL A 59 7.14 1.77 6.39
CA VAL A 59 5.94 1.73 7.22
C VAL A 59 5.86 0.43 8.02
N VAL A 60 6.71 -0.53 7.67
CA VAL A 60 6.74 -1.81 8.35
C VAL A 60 6.78 -1.63 9.86
N ALA A 61 7.27 -0.47 10.30
CA ALA A 61 7.36 -0.16 11.72
C ALA A 61 6.47 1.02 12.10
N THR A 62 6.28 1.93 11.13
CA THR A 62 5.45 3.12 11.35
C THR A 62 4.12 2.74 11.97
N PRO A 63 3.66 3.56 12.94
CA PRO A 63 2.39 3.34 13.64
C PRO A 63 1.19 3.58 12.74
N HIS A 64 0.24 2.65 12.77
CA HIS A 64 -0.97 2.77 11.95
C HIS A 64 -1.40 4.23 11.82
N ALA A 65 -1.46 4.93 12.95
CA ALA A 65 -1.86 6.34 12.96
C ALA A 65 -1.15 7.11 11.85
N ARG A 66 0.16 7.29 12.01
CA ARG A 66 0.96 8.01 11.03
C ARG A 66 0.69 7.50 9.61
N ILE A 67 0.77 6.19 9.43
CA ILE A 67 0.52 5.58 8.13
C ILE A 67 -0.67 6.23 7.44
N ILE A 68 -1.71 6.52 8.22
CA ILE A 68 -2.91 7.14 7.68
C ILE A 68 -2.65 8.59 7.27
N GLU A 69 -1.97 9.34 8.15
CA GLU A 69 -1.65 10.73 7.88
C GLU A 69 -0.77 10.86 6.65
N LEU A 70 0.17 9.93 6.50
CA LEU A 70 1.09 9.93 5.37
C LEU A 70 0.35 9.66 4.06
N LEU A 71 -0.12 8.43 3.89
CA LEU A 71 -0.86 8.05 2.69
C LEU A 71 -1.79 9.17 2.24
N THR A 72 -2.55 9.71 3.19
CA THR A 72 -3.48 10.79 2.89
C THR A 72 -2.75 12.03 2.39
N GLU A 73 -1.71 12.44 3.13
CA GLU A 73 -0.93 13.62 2.76
C GLU A 73 -0.35 13.46 1.36
N ALA A 74 0.04 12.23 1.01
CA ALA A 74 0.61 11.95 -0.30
C ALA A 74 -0.40 12.20 -1.40
N TYR A 75 -0.13 13.20 -2.24
CA TYR A 75 -1.02 13.54 -3.34
C TYR A 75 -0.40 13.17 -4.68
N GLY A 76 -1.24 13.06 -5.71
CA GLY A 76 -0.75 12.72 -7.03
C GLY A 76 -0.31 11.27 -7.12
N GLU A 77 0.94 11.06 -7.50
CA GLU A 77 1.48 9.71 -7.63
C GLU A 77 1.77 9.11 -6.27
N VAL A 78 0.90 8.20 -5.83
CA VAL A 78 1.06 7.54 -4.54
C VAL A 78 1.60 6.12 -4.71
N HIS A 79 2.90 5.96 -4.51
CA HIS A 79 3.55 4.66 -4.63
C HIS A 79 3.35 3.84 -3.37
N ILE A 80 2.47 2.83 -3.44
CA ILE A 80 2.19 1.97 -2.31
C ILE A 80 2.83 0.60 -2.49
N LYS A 81 3.76 0.26 -1.59
CA LYS A 81 4.44 -1.02 -1.66
C LYS A 81 3.69 -2.08 -0.85
N THR A 82 3.08 -3.02 -1.56
CA THR A 82 2.32 -4.09 -0.90
C THR A 82 3.15 -5.37 -0.81
N MET A 83 2.91 -6.14 0.24
CA MET A 83 3.63 -7.40 0.44
C MET A 83 2.82 -8.35 1.32
N PRO A 84 2.85 -9.64 0.97
CA PRO A 84 2.12 -10.68 1.71
C PRO A 84 2.74 -10.95 3.08
N ALA A 85 1.92 -10.82 4.13
CA ALA A 85 2.39 -11.04 5.48
C ALA A 85 3.20 -12.34 5.58
N ALA A 86 2.73 -13.38 4.90
CA ALA A 86 3.42 -14.66 4.90
C ALA A 86 4.87 -14.51 4.48
N THR A 87 5.08 -14.20 3.20
CA THR A 87 6.43 -14.03 2.66
C THR A 87 7.28 -13.14 3.58
N TYR A 88 6.85 -11.89 3.73
CA TYR A 88 7.56 -10.94 4.57
C TYR A 88 8.04 -11.60 5.86
N ARG A 89 7.09 -12.08 6.66
CA ARG A 89 7.42 -12.73 7.92
C ARG A 89 8.54 -13.75 7.74
N LEU A 90 8.34 -14.68 6.81
CA LEU A 90 9.33 -15.71 6.54
C LEU A 90 10.70 -15.09 6.28
N LEU A 91 10.70 -13.94 5.61
CA LEU A 91 11.94 -13.24 5.30
C LEU A 91 12.61 -12.72 6.56
N THR A 92 11.85 -11.96 7.35
CA THR A 92 12.36 -11.39 8.59
C THR A 92 12.10 -12.33 9.77
N GLY A 93 12.03 -13.62 9.48
CA GLY A 93 11.79 -14.60 10.53
C GLY A 93 13.05 -15.33 10.94
N GLN A 94 12.95 -16.13 12.00
CA GLN A 94 14.10 -16.88 12.49
C GLN A 94 14.45 -18.03 11.54
N GLY A 1 9.19 -6.25 -14.65
CA GLY A 1 10.11 -7.22 -15.20
C GLY A 1 9.41 -8.24 -16.07
N SER A 2 9.41 -9.49 -15.62
CA SER A 2 8.78 -10.58 -16.37
C SER A 2 7.36 -10.83 -15.86
N SER A 3 6.52 -11.40 -16.72
CA SER A 3 5.14 -11.69 -16.37
C SER A 3 5.04 -13.00 -15.60
N GLY A 4 4.47 -12.94 -14.40
CA GLY A 4 4.33 -14.14 -13.59
C GLY A 4 4.48 -13.86 -12.11
N SER A 5 5.53 -14.41 -11.51
CA SER A 5 5.79 -14.22 -10.09
C SER A 5 6.60 -12.95 -9.85
N SER A 6 6.43 -12.37 -8.66
CA SER A 6 7.14 -11.14 -8.30
C SER A 6 7.34 -11.05 -6.80
N GLY A 7 8.59 -10.89 -6.38
CA GLY A 7 8.90 -10.79 -4.97
C GLY A 7 7.96 -9.85 -4.24
N VAL A 8 8.11 -8.55 -4.50
CA VAL A 8 7.26 -7.55 -3.86
C VAL A 8 6.34 -6.88 -4.87
N THR A 9 5.05 -6.87 -4.55
CA THR A 9 4.05 -6.27 -5.44
C THR A 9 3.96 -4.76 -5.22
N THR A 10 4.27 -4.00 -6.26
CA THR A 10 4.23 -2.54 -6.18
C THR A 10 2.99 -1.99 -6.87
N ALA A 11 2.32 -1.05 -6.21
CA ALA A 11 1.12 -0.44 -6.76
C ALA A 11 1.20 1.08 -6.71
N ILE A 12 0.58 1.74 -7.68
CA ILE A 12 0.58 3.19 -7.75
C ILE A 12 -0.84 3.74 -7.81
N ILE A 13 -1.15 4.66 -6.88
CA ILE A 13 -2.47 5.27 -6.83
C ILE A 13 -2.44 6.70 -7.36
N HIS A 14 -3.60 7.18 -7.79
CA HIS A 14 -3.71 8.55 -8.32
C HIS A 14 -4.78 9.33 -7.58
N ARG A 15 -4.35 10.26 -6.73
CA ARG A 15 -5.27 11.08 -5.96
C ARG A 15 -5.16 12.55 -6.36
N PRO A 16 -5.99 12.97 -7.32
CA PRO A 16 -6.00 14.35 -7.80
C PRO A 16 -6.54 15.33 -6.76
N HIS A 17 -7.23 14.80 -5.77
CA HIS A 17 -7.81 15.62 -4.70
C HIS A 17 -7.58 14.98 -3.34
N ALA A 18 -7.41 15.83 -2.32
CA ALA A 18 -7.18 15.35 -0.96
C ALA A 18 -8.50 15.10 -0.24
N ARG A 19 -9.51 15.90 -0.57
CA ARG A 19 -10.82 15.78 0.05
C ARG A 19 -11.65 14.71 -0.65
N GLU A 20 -10.97 13.71 -1.21
CA GLU A 20 -11.64 12.62 -1.91
C GLU A 20 -11.25 11.27 -1.32
N GLN A 21 -12.25 10.40 -1.13
CA GLN A 21 -12.00 9.08 -0.58
C GLN A 21 -10.86 8.38 -1.30
N LEU A 22 -10.44 7.24 -0.77
CA LEU A 22 -9.35 6.48 -1.36
C LEU A 22 -9.87 5.20 -2.02
N GLY A 23 -10.73 4.48 -1.31
CA GLY A 23 -11.29 3.26 -1.84
C GLY A 23 -10.81 2.03 -1.10
N PHE A 24 -9.50 1.96 -0.86
CA PHE A 24 -8.92 0.82 -0.16
C PHE A 24 -8.94 1.04 1.35
N CYS A 25 -9.35 0.01 2.08
CA CYS A 25 -9.42 0.08 3.53
C CYS A 25 -8.22 -0.62 4.17
N VAL A 26 -7.47 0.12 4.99
CA VAL A 26 -6.31 -0.43 5.67
C VAL A 26 -6.57 -0.60 7.16
N GLU A 27 -6.17 -1.75 7.69
CA GLU A 27 -6.36 -2.04 9.11
C GLU A 27 -5.05 -2.46 9.76
N ASP A 28 -4.59 -1.66 10.71
CA ASP A 28 -3.35 -1.94 11.42
C ASP A 28 -2.19 -2.09 10.44
N GLY A 29 -2.32 -1.46 9.27
CA GLY A 29 -1.28 -1.55 8.26
C GLY A 29 -1.47 -2.72 7.32
N ILE A 30 -2.70 -3.22 7.25
CA ILE A 30 -3.02 -4.35 6.39
C ILE A 30 -4.35 -4.15 5.69
N ILE A 31 -4.32 -4.01 4.37
CA ILE A 31 -5.53 -3.82 3.58
C ILE A 31 -6.47 -5.01 3.72
N CYS A 32 -7.76 -4.73 3.84
CA CYS A 32 -8.76 -5.79 3.98
C CYS A 32 -9.79 -5.70 2.86
N SER A 33 -10.28 -4.49 2.60
CA SER A 33 -11.28 -4.28 1.56
C SER A 33 -10.79 -3.27 0.52
N LEU A 34 -11.34 -3.34 -0.68
CA LEU A 34 -10.96 -2.43 -1.75
C LEU A 34 -12.18 -1.94 -2.52
N LEU A 35 -12.31 -0.63 -2.66
CA LEU A 35 -13.43 -0.04 -3.38
C LEU A 35 -13.36 -0.36 -4.86
N ARG A 36 -14.05 -1.43 -5.27
CA ARG A 36 -14.07 -1.85 -6.66
C ARG A 36 -14.68 -0.76 -7.54
N GLY A 37 -13.85 -0.19 -8.42
CA GLY A 37 -14.34 0.85 -9.31
C GLY A 37 -13.75 2.21 -8.98
N GLY A 38 -13.13 2.32 -7.81
CA GLY A 38 -12.52 3.58 -7.40
C GLY A 38 -11.15 3.78 -8.00
N ILE A 39 -10.25 4.38 -7.23
CA ILE A 39 -8.90 4.64 -7.69
C ILE A 39 -7.98 3.46 -7.39
N ALA A 40 -8.14 2.88 -6.21
CA ALA A 40 -7.33 1.74 -5.80
C ALA A 40 -7.35 0.64 -6.85
N GLU A 41 -8.54 0.10 -7.12
CA GLU A 41 -8.69 -0.96 -8.10
C GLU A 41 -7.95 -0.62 -9.39
N ARG A 42 -8.08 0.63 -9.82
CA ARG A 42 -7.43 1.09 -11.04
C ARG A 42 -5.92 1.23 -10.84
N GLY A 43 -5.51 1.38 -9.58
CA GLY A 43 -4.11 1.51 -9.27
C GLY A 43 -3.37 0.18 -9.27
N GLY A 44 -3.97 -0.81 -8.61
CA GLY A 44 -3.35 -2.12 -8.55
C GLY A 44 -3.23 -2.64 -7.13
N ILE A 45 -4.03 -2.07 -6.22
CA ILE A 45 -4.01 -2.48 -4.83
C ILE A 45 -4.70 -3.82 -4.64
N ARG A 46 -4.17 -4.63 -3.72
CA ARG A 46 -4.74 -5.95 -3.44
C ARG A 46 -4.96 -6.14 -1.95
N VAL A 47 -6.15 -6.58 -1.58
CA VAL A 47 -6.50 -6.80 -0.18
C VAL A 47 -5.71 -7.98 0.39
N GLY A 48 -5.66 -8.07 1.72
CA GLY A 48 -4.94 -9.15 2.36
C GLY A 48 -3.45 -8.89 2.43
N HIS A 49 -2.97 -7.96 1.62
CA HIS A 49 -1.55 -7.62 1.58
C HIS A 49 -1.22 -6.57 2.63
N ARG A 50 -0.03 -6.68 3.22
CA ARG A 50 0.41 -5.72 4.23
C ARG A 50 1.37 -4.70 3.65
N ILE A 51 1.24 -3.45 4.10
CA ILE A 51 2.09 -2.38 3.61
C ILE A 51 3.43 -2.36 4.35
N ILE A 52 4.52 -2.24 3.59
CA ILE A 52 5.85 -2.21 4.17
C ILE A 52 6.58 -0.92 3.81
N GLU A 53 6.03 -0.19 2.84
CA GLU A 53 6.63 1.07 2.40
C GLU A 53 5.60 1.94 1.68
N ILE A 54 5.78 3.24 1.78
CA ILE A 54 4.87 4.19 1.14
C ILE A 54 5.60 5.46 0.72
N ASN A 55 5.34 5.90 -0.50
CA ASN A 55 5.97 7.11 -1.02
C ASN A 55 7.46 7.16 -0.66
N GLY A 56 8.07 5.99 -0.59
CA GLY A 56 9.49 5.91 -0.26
C GLY A 56 9.73 6.03 1.23
N GLN A 57 8.79 5.54 2.03
CA GLN A 57 8.91 5.59 3.48
C GLN A 57 8.57 4.25 4.12
N SER A 58 9.52 3.69 4.86
CA SER A 58 9.32 2.40 5.52
C SER A 58 8.15 2.47 6.50
N VAL A 59 7.12 1.69 6.23
CA VAL A 59 5.94 1.66 7.09
C VAL A 59 5.86 0.35 7.87
N VAL A 60 6.78 -0.57 7.57
CA VAL A 60 6.81 -1.86 8.25
C VAL A 60 6.81 -1.69 9.76
N ALA A 61 7.24 -0.52 10.22
CA ALA A 61 7.27 -0.23 11.65
C ALA A 61 6.39 0.96 12.00
N THR A 62 6.23 1.87 11.03
CA THR A 62 5.41 3.06 11.23
C THR A 62 4.06 2.70 11.85
N PRO A 63 3.60 3.53 12.81
CA PRO A 63 2.32 3.31 13.48
C PRO A 63 1.13 3.55 12.57
N HIS A 64 0.10 2.71 12.70
CA HIS A 64 -1.10 2.83 11.88
C HIS A 64 -1.43 4.30 11.63
N ALA A 65 -1.53 5.07 12.70
CA ALA A 65 -1.84 6.50 12.58
C ALA A 65 -1.09 7.13 11.42
N ARG A 66 0.23 7.20 11.55
CA ARG A 66 1.07 7.78 10.51
C ARG A 66 0.69 7.23 9.13
N ILE A 67 0.76 5.92 8.99
CA ILE A 67 0.43 5.26 7.73
C ILE A 67 -0.78 5.92 7.08
N ILE A 68 -1.74 6.33 7.90
CA ILE A 68 -2.96 6.97 7.40
C ILE A 68 -2.68 8.41 6.99
N GLU A 69 -2.11 9.19 7.90
CA GLU A 69 -1.79 10.59 7.63
C GLU A 69 -0.88 10.71 6.40
N LEU A 70 0.27 10.06 6.46
CA LEU A 70 1.22 10.09 5.36
C LEU A 70 0.52 9.85 4.03
N LEU A 71 -0.01 8.64 3.85
CA LEU A 71 -0.71 8.28 2.63
C LEU A 71 -1.65 9.40 2.19
N THR A 72 -2.68 9.65 2.99
CA THR A 72 -3.66 10.68 2.69
C THR A 72 -2.97 11.96 2.23
N GLU A 73 -1.94 12.38 2.97
CA GLU A 73 -1.20 13.59 2.64
C GLU A 73 -0.62 13.50 1.23
N ALA A 74 -0.24 12.29 0.82
CA ALA A 74 0.32 12.07 -0.51
C ALA A 74 -0.71 12.32 -1.60
N TYR A 75 -0.45 13.31 -2.44
CA TYR A 75 -1.36 13.66 -3.53
C TYR A 75 -0.83 13.13 -4.86
N GLY A 76 -1.67 13.22 -5.89
CA GLY A 76 -1.29 12.75 -7.21
C GLY A 76 -0.76 11.34 -7.19
N GLU A 77 0.47 11.15 -7.65
CA GLU A 77 1.09 9.82 -7.67
C GLU A 77 1.48 9.37 -6.27
N VAL A 78 1.07 8.16 -5.91
CA VAL A 78 1.37 7.61 -4.59
C VAL A 78 1.89 6.18 -4.71
N HIS A 79 3.19 6.01 -4.51
CA HIS A 79 3.80 4.68 -4.58
C HIS A 79 3.53 3.88 -3.32
N ILE A 80 2.77 2.80 -3.46
CA ILE A 80 2.44 1.95 -2.33
C ILE A 80 3.02 0.54 -2.50
N LYS A 81 4.01 0.22 -1.67
CA LYS A 81 4.66 -1.09 -1.74
C LYS A 81 3.88 -2.11 -0.91
N THR A 82 3.18 -3.01 -1.60
CA THR A 82 2.41 -4.04 -0.92
C THR A 82 3.19 -5.35 -0.82
N MET A 83 2.97 -6.07 0.27
CA MET A 83 3.66 -7.34 0.49
C MET A 83 2.83 -8.26 1.38
N PRO A 84 2.83 -9.56 1.06
CA PRO A 84 2.07 -10.56 1.82
C PRO A 84 2.69 -10.83 3.18
N ALA A 85 1.85 -10.88 4.21
CA ALA A 85 2.31 -11.12 5.58
C ALA A 85 3.08 -12.43 5.67
N ALA A 86 2.58 -13.45 4.97
CA ALA A 86 3.22 -14.76 4.97
C ALA A 86 4.70 -14.65 4.57
N THR A 87 4.94 -14.21 3.34
CA THR A 87 6.30 -14.06 2.83
C THR A 87 7.15 -13.20 3.77
N TYR A 88 6.83 -11.91 3.84
CA TYR A 88 7.56 -10.99 4.70
C TYR A 88 7.94 -11.66 6.02
N ARG A 89 6.94 -12.22 6.70
CA ARG A 89 7.18 -12.89 7.97
C ARG A 89 8.20 -14.01 7.82
N LEU A 90 8.10 -14.74 6.71
CA LEU A 90 9.03 -15.85 6.45
C LEU A 90 10.43 -15.33 6.18
N LEU A 91 10.52 -14.11 5.68
CA LEU A 91 11.80 -13.49 5.38
C LEU A 91 12.51 -13.04 6.65
N THR A 92 11.77 -12.33 7.51
CA THR A 92 12.32 -11.84 8.77
C THR A 92 12.51 -12.98 9.76
N GLY A 93 11.96 -14.14 9.45
CA GLY A 93 12.08 -15.29 10.32
C GLY A 93 12.99 -16.37 9.75
N GLN A 94 14.29 -16.12 9.80
CA GLN A 94 15.27 -17.07 9.28
C GLN A 94 16.21 -17.55 10.38
N GLY A 1 22.68 -8.17 -17.02
CA GLY A 1 22.30 -7.37 -18.17
C GLY A 1 21.11 -6.48 -17.89
N SER A 2 20.08 -6.59 -18.72
CA SER A 2 18.87 -5.77 -18.57
C SER A 2 17.70 -6.64 -18.13
N SER A 3 17.17 -6.36 -16.94
CA SER A 3 16.05 -7.11 -16.40
C SER A 3 15.53 -6.47 -15.12
N GLY A 4 14.24 -6.17 -15.10
CA GLY A 4 13.64 -5.56 -13.92
C GLY A 4 13.75 -6.44 -12.69
N SER A 5 13.08 -6.03 -11.62
CA SER A 5 13.10 -6.78 -10.37
C SER A 5 11.77 -7.49 -10.13
N SER A 6 11.79 -8.50 -9.26
CA SER A 6 10.58 -9.25 -8.95
C SER A 6 10.57 -9.68 -7.49
N GLY A 7 9.38 -9.69 -6.89
CA GLY A 7 9.26 -10.08 -5.50
C GLY A 7 8.21 -9.27 -4.76
N VAL A 8 8.52 -8.01 -4.49
CA VAL A 8 7.60 -7.13 -3.78
C VAL A 8 6.56 -6.55 -4.72
N THR A 9 5.30 -6.61 -4.32
CA THR A 9 4.21 -6.10 -5.13
C THR A 9 4.09 -4.59 -5.01
N THR A 10 4.32 -3.89 -6.11
CA THR A 10 4.25 -2.43 -6.12
C THR A 10 3.02 -1.96 -6.89
N ALA A 11 2.38 -0.90 -6.38
CA ALA A 11 1.20 -0.35 -7.01
C ALA A 11 1.19 1.18 -6.93
N ILE A 12 0.71 1.83 -7.98
CA ILE A 12 0.65 3.28 -8.03
C ILE A 12 -0.79 3.77 -8.11
N ILE A 13 -1.15 4.69 -7.23
CA ILE A 13 -2.49 5.25 -7.20
C ILE A 13 -2.52 6.66 -7.77
N HIS A 14 -3.68 7.06 -8.31
CA HIS A 14 -3.83 8.38 -8.89
C HIS A 14 -4.81 9.22 -8.08
N ARG A 15 -4.28 10.13 -7.27
CA ARG A 15 -5.10 11.00 -6.44
C ARG A 15 -5.07 12.44 -6.95
N PRO A 16 -5.87 12.73 -7.98
CA PRO A 16 -5.94 14.06 -8.58
C PRO A 16 -6.61 15.07 -7.65
N HIS A 17 -7.21 14.58 -6.57
CA HIS A 17 -7.89 15.44 -5.60
C HIS A 17 -7.96 14.77 -4.24
N ALA A 18 -7.80 15.57 -3.18
CA ALA A 18 -7.85 15.04 -1.82
C ALA A 18 -9.29 14.80 -1.38
N ARG A 19 -10.11 15.84 -1.43
CA ARG A 19 -11.51 15.74 -1.03
C ARG A 19 -12.08 14.38 -1.40
N GLU A 20 -11.59 13.81 -2.50
CA GLU A 20 -12.05 12.52 -2.97
C GLU A 20 -11.37 11.39 -2.20
N GLN A 21 -12.12 10.33 -1.92
CA GLN A 21 -11.59 9.19 -1.19
C GLN A 21 -10.62 8.39 -2.05
N LEU A 22 -10.15 7.26 -1.52
CA LEU A 22 -9.22 6.41 -2.25
C LEU A 22 -9.91 5.13 -2.72
N GLY A 23 -10.66 4.50 -1.82
CA GLY A 23 -11.36 3.27 -2.16
C GLY A 23 -10.93 2.10 -1.31
N PHE A 24 -9.62 1.94 -1.14
CA PHE A 24 -9.08 0.85 -0.35
C PHE A 24 -9.01 1.23 1.13
N CYS A 25 -9.26 0.25 2.00
CA CYS A 25 -9.23 0.48 3.44
C CYS A 25 -8.07 -0.27 4.09
N VAL A 26 -7.23 0.45 4.82
CA VAL A 26 -6.09 -0.14 5.50
C VAL A 26 -6.38 -0.35 6.98
N GLU A 27 -6.01 -1.51 7.49
CA GLU A 27 -6.22 -1.83 8.91
C GLU A 27 -4.93 -2.32 9.55
N ASP A 28 -4.40 -1.53 10.49
CA ASP A 28 -3.18 -1.88 11.19
C ASP A 28 -2.03 -2.08 10.20
N GLY A 29 -2.11 -1.39 9.07
CA GLY A 29 -1.06 -1.51 8.06
C GLY A 29 -1.32 -2.64 7.09
N ILE A 30 -2.57 -3.12 7.05
CA ILE A 30 -2.94 -4.21 6.17
C ILE A 30 -4.31 -3.97 5.55
N ILE A 31 -4.35 -3.88 4.22
CA ILE A 31 -5.61 -3.67 3.51
C ILE A 31 -6.60 -4.78 3.80
N CYS A 32 -7.86 -4.39 4.02
CA CYS A 32 -8.91 -5.35 4.30
C CYS A 32 -9.93 -5.40 3.17
N SER A 33 -10.59 -4.28 2.93
CA SER A 33 -11.60 -4.19 1.87
C SER A 33 -11.17 -3.20 0.80
N LEU A 34 -11.69 -3.38 -0.41
CA LEU A 34 -11.38 -2.49 -1.52
C LEU A 34 -12.64 -1.98 -2.19
N LEU A 35 -12.69 -0.67 -2.43
CA LEU A 35 -13.84 -0.05 -3.07
C LEU A 35 -13.94 -0.44 -4.54
N ARG A 36 -14.96 -1.21 -4.88
CA ARG A 36 -15.15 -1.65 -6.26
C ARG A 36 -15.50 -0.48 -7.17
N GLY A 37 -14.69 -0.29 -8.21
CA GLY A 37 -14.93 0.80 -9.14
C GLY A 37 -14.31 2.10 -8.67
N GLY A 38 -13.13 2.01 -8.07
CA GLY A 38 -12.45 3.19 -7.59
C GLY A 38 -11.07 3.36 -8.19
N ILE A 39 -10.16 3.99 -7.43
CA ILE A 39 -8.80 4.22 -7.91
C ILE A 39 -7.89 3.04 -7.54
N ALA A 40 -8.10 2.50 -6.34
CA ALA A 40 -7.29 1.38 -5.87
C ALA A 40 -7.26 0.25 -6.90
N GLU A 41 -8.42 -0.32 -7.18
CA GLU A 41 -8.53 -1.41 -8.14
C GLU A 41 -7.77 -1.07 -9.43
N ARG A 42 -7.86 0.18 -9.84
CA ARG A 42 -7.18 0.64 -11.05
C ARG A 42 -5.67 0.63 -10.87
N GLY A 43 -5.22 1.12 -9.71
CA GLY A 43 -3.80 1.16 -9.43
C GLY A 43 -3.19 -0.23 -9.32
N GLY A 44 -3.89 -1.13 -8.64
CA GLY A 44 -3.39 -2.48 -8.49
C GLY A 44 -3.34 -2.92 -7.03
N ILE A 45 -4.21 -2.34 -6.21
CA ILE A 45 -4.26 -2.67 -4.79
C ILE A 45 -5.09 -3.92 -4.55
N ARG A 46 -4.60 -4.77 -3.65
CA ARG A 46 -5.30 -6.01 -3.32
C ARG A 46 -5.30 -6.25 -1.81
N VAL A 47 -6.48 -6.50 -1.26
CA VAL A 47 -6.64 -6.74 0.17
C VAL A 47 -5.82 -7.94 0.60
N GLY A 48 -5.72 -8.14 1.92
CA GLY A 48 -4.96 -9.26 2.44
C GLY A 48 -3.47 -8.97 2.52
N HIS A 49 -2.98 -8.16 1.59
CA HIS A 49 -1.56 -7.81 1.55
C HIS A 49 -1.25 -6.73 2.59
N ARG A 50 -0.08 -6.84 3.21
CA ARG A 50 0.34 -5.88 4.22
C ARG A 50 1.25 -4.81 3.60
N ILE A 51 1.27 -3.63 4.22
CA ILE A 51 2.09 -2.53 3.73
C ILE A 51 3.47 -2.55 4.39
N ILE A 52 4.50 -2.36 3.57
CA ILE A 52 5.87 -2.35 4.07
C ILE A 52 6.57 -1.04 3.73
N GLU A 53 6.04 -0.33 2.74
CA GLU A 53 6.61 0.94 2.33
C GLU A 53 5.56 1.82 1.65
N ILE A 54 5.76 3.13 1.71
CA ILE A 54 4.83 4.07 1.10
C ILE A 54 5.54 5.34 0.65
N ASN A 55 5.23 5.79 -0.56
CA ASN A 55 5.85 7.00 -1.10
C ASN A 55 7.31 7.10 -0.69
N GLY A 56 7.97 5.95 -0.58
CA GLY A 56 9.37 5.92 -0.19
C GLY A 56 9.57 6.07 1.30
N GLN A 57 8.68 5.45 2.08
CA GLN A 57 8.75 5.52 3.53
C GLN A 57 8.42 4.17 4.16
N SER A 58 9.34 3.64 4.95
CA SER A 58 9.14 2.36 5.61
C SER A 58 8.12 2.48 6.73
N VAL A 59 6.98 1.80 6.57
CA VAL A 59 5.92 1.82 7.57
C VAL A 59 5.79 0.48 8.27
N VAL A 60 6.73 -0.42 7.99
CA VAL A 60 6.72 -1.74 8.58
C VAL A 60 6.80 -1.66 10.11
N ALA A 61 7.27 -0.52 10.60
CA ALA A 61 7.39 -0.30 12.04
C ALA A 61 6.52 0.86 12.50
N THR A 62 6.18 1.74 11.55
CA THR A 62 5.36 2.90 11.86
C THR A 62 3.93 2.49 12.21
N PRO A 63 3.35 3.15 13.23
CA PRO A 63 1.99 2.86 13.69
C PRO A 63 0.94 3.30 12.67
N HIS A 64 -0.10 2.49 12.50
CA HIS A 64 -1.16 2.79 11.57
C HIS A 64 -1.58 4.26 11.67
N ALA A 65 -1.86 4.70 12.89
CA ALA A 65 -2.26 6.09 13.11
C ALA A 65 -1.52 7.04 12.18
N ARG A 66 -0.20 6.96 12.21
CA ARG A 66 0.63 7.82 11.36
C ARG A 66 0.46 7.46 9.89
N ILE A 67 0.45 6.16 9.61
CA ILE A 67 0.30 5.68 8.24
C ILE A 67 -0.84 6.39 7.53
N ILE A 68 -1.89 6.69 8.27
CA ILE A 68 -3.06 7.38 7.72
C ILE A 68 -2.71 8.82 7.32
N GLU A 69 -1.90 9.47 8.14
CA GLU A 69 -1.49 10.84 7.89
C GLU A 69 -0.56 10.92 6.68
N LEU A 70 0.28 9.90 6.53
CA LEU A 70 1.22 9.84 5.42
C LEU A 70 0.49 9.63 4.09
N LEU A 71 -0.10 8.45 3.94
CA LEU A 71 -0.83 8.12 2.72
C LEU A 71 -1.70 9.28 2.27
N THR A 72 -2.43 9.87 3.22
CA THR A 72 -3.30 10.99 2.92
C THR A 72 -2.50 12.23 2.56
N GLU A 73 -1.36 12.40 3.21
CA GLU A 73 -0.49 13.55 2.96
C GLU A 73 0.08 13.50 1.55
N ALA A 74 0.04 12.32 0.95
CA ALA A 74 0.55 12.13 -0.41
C ALA A 74 -0.57 12.22 -1.43
N TYR A 75 -0.50 13.22 -2.31
CA TYR A 75 -1.51 13.41 -3.34
C TYR A 75 -0.96 13.04 -4.72
N GLY A 76 -1.86 12.94 -5.70
CA GLY A 76 -1.46 12.59 -7.04
C GLY A 76 -0.83 11.21 -7.11
N GLU A 77 0.42 11.15 -7.54
CA GLU A 77 1.14 9.88 -7.66
C GLU A 77 1.49 9.33 -6.29
N VAL A 78 0.95 8.15 -5.97
CA VAL A 78 1.22 7.50 -4.69
C VAL A 78 1.80 6.12 -4.89
N HIS A 79 3.07 5.95 -4.51
CA HIS A 79 3.74 4.67 -4.64
C HIS A 79 3.56 3.82 -3.38
N ILE A 80 2.65 2.86 -3.45
CA ILE A 80 2.38 1.98 -2.31
C ILE A 80 3.01 0.61 -2.52
N LYS A 81 3.80 0.18 -1.54
CA LYS A 81 4.46 -1.12 -1.60
C LYS A 81 3.72 -2.15 -0.76
N THR A 82 3.02 -3.06 -1.43
CA THR A 82 2.26 -4.10 -0.74
C THR A 82 3.03 -5.41 -0.71
N MET A 83 2.80 -6.21 0.33
CA MET A 83 3.48 -7.50 0.47
C MET A 83 2.71 -8.41 1.41
N PRO A 84 2.63 -9.71 1.05
CA PRO A 84 1.93 -10.71 1.85
C PRO A 84 2.64 -11.01 3.16
N ALA A 85 2.00 -10.68 4.28
CA ALA A 85 2.58 -10.92 5.59
C ALA A 85 3.29 -12.27 5.65
N ALA A 86 2.70 -13.27 4.99
CA ALA A 86 3.29 -14.60 4.97
C ALA A 86 4.74 -14.56 4.50
N THR A 87 4.94 -14.24 3.23
CA THR A 87 6.29 -14.16 2.67
C THR A 87 7.18 -13.26 3.50
N TYR A 88 6.85 -11.98 3.55
CA TYR A 88 7.63 -11.01 4.32
C TYR A 88 8.13 -11.63 5.62
N ARG A 89 7.19 -11.96 6.51
CA ARG A 89 7.53 -12.55 7.80
C ARG A 89 8.51 -13.71 7.61
N LEU A 90 8.24 -14.57 6.64
CA LEU A 90 9.09 -15.72 6.37
C LEU A 90 10.48 -15.26 5.92
N LEU A 91 10.55 -14.09 5.31
CA LEU A 91 11.82 -13.54 4.84
C LEU A 91 12.62 -12.94 5.99
N THR A 92 11.95 -12.13 6.81
CA THR A 92 12.60 -11.49 7.95
C THR A 92 12.92 -12.51 9.04
N GLY A 93 12.14 -13.58 9.08
CA GLY A 93 12.35 -14.62 10.08
C GLY A 93 13.77 -15.15 10.05
N GLN A 94 14.13 -15.83 8.96
CA GLN A 94 15.46 -16.40 8.82
C GLN A 94 16.53 -15.41 9.24
N GLY A 1 21.44 -8.12 -19.33
CA GLY A 1 20.04 -8.49 -19.43
C GLY A 1 19.69 -9.65 -18.52
N SER A 2 18.64 -10.38 -18.87
CA SER A 2 18.20 -11.53 -18.07
C SER A 2 18.15 -11.17 -16.59
N SER A 3 17.65 -9.97 -16.29
CA SER A 3 17.55 -9.51 -14.92
C SER A 3 16.10 -9.50 -14.45
N GLY A 4 15.91 -9.40 -13.13
CA GLY A 4 14.57 -9.38 -12.58
C GLY A 4 14.56 -9.43 -11.06
N SER A 5 13.79 -8.53 -10.45
CA SER A 5 13.72 -8.47 -9.00
C SER A 5 12.36 -8.97 -8.50
N SER A 6 11.87 -10.03 -9.13
CA SER A 6 10.58 -10.61 -8.77
C SER A 6 10.56 -10.99 -7.30
N GLY A 7 9.97 -10.13 -6.47
CA GLY A 7 9.89 -10.41 -5.05
C GLY A 7 8.81 -9.60 -4.37
N VAL A 8 8.90 -8.27 -4.49
CA VAL A 8 7.91 -7.39 -3.88
C VAL A 8 6.97 -6.80 -4.92
N THR A 9 5.72 -6.59 -4.54
CA THR A 9 4.72 -6.03 -5.44
C THR A 9 4.56 -4.53 -5.23
N THR A 10 4.42 -3.80 -6.32
CA THR A 10 4.27 -2.35 -6.27
C THR A 10 2.99 -1.91 -6.97
N ALA A 11 2.38 -0.85 -6.46
CA ALA A 11 1.14 -0.32 -7.04
C ALA A 11 1.06 1.20 -6.87
N ILE A 12 0.59 1.87 -7.91
CA ILE A 12 0.45 3.32 -7.87
C ILE A 12 -1.01 3.74 -7.90
N ILE A 13 -1.31 4.83 -7.19
CA ILE A 13 -2.68 5.34 -7.14
C ILE A 13 -2.76 6.77 -7.66
N HIS A 14 -3.93 7.16 -8.16
CA HIS A 14 -4.13 8.50 -8.68
C HIS A 14 -5.02 9.31 -7.76
N ARG A 15 -4.40 10.17 -6.95
CA ARG A 15 -5.13 11.01 -6.01
C ARG A 15 -4.98 12.49 -6.38
N PRO A 16 -5.85 12.98 -7.26
CA PRO A 16 -5.84 14.38 -7.71
C PRO A 16 -6.27 15.34 -6.60
N HIS A 17 -7.00 14.82 -5.63
CA HIS A 17 -7.49 15.63 -4.52
C HIS A 17 -7.12 15.00 -3.18
N ALA A 18 -6.71 15.83 -2.23
CA ALA A 18 -6.33 15.35 -0.91
C ALA A 18 -7.56 15.10 -0.04
N ARG A 19 -8.57 15.94 -0.23
CA ARG A 19 -9.81 15.82 0.54
C ARG A 19 -10.74 14.78 -0.08
N GLU A 20 -10.16 13.79 -0.75
CA GLU A 20 -10.94 12.74 -1.39
C GLU A 20 -10.56 11.37 -0.83
N GLN A 21 -11.57 10.56 -0.54
CA GLN A 21 -11.36 9.22 0.00
C GLN A 21 -10.28 8.48 -0.80
N LEU A 22 -9.94 7.28 -0.34
CA LEU A 22 -8.93 6.48 -1.02
C LEU A 22 -9.57 5.31 -1.75
N GLY A 23 -10.47 4.60 -1.07
CA GLY A 23 -11.15 3.46 -1.67
C GLY A 23 -10.77 2.14 -1.01
N PHE A 24 -9.47 1.95 -0.78
CA PHE A 24 -8.98 0.73 -0.16
C PHE A 24 -8.94 0.87 1.36
N CYS A 25 -9.64 -0.02 2.05
CA CYS A 25 -9.69 0.00 3.50
C CYS A 25 -8.46 -0.68 4.10
N VAL A 26 -7.71 0.07 4.91
CA VAL A 26 -6.51 -0.45 5.53
C VAL A 26 -6.69 -0.60 7.04
N GLU A 27 -6.26 -1.74 7.58
CA GLU A 27 -6.38 -1.99 9.01
C GLU A 27 -5.03 -2.36 9.62
N ASP A 28 -4.59 -1.56 10.59
CA ASP A 28 -3.32 -1.80 11.25
C ASP A 28 -2.20 -1.98 10.23
N GLY A 29 -2.37 -1.37 9.05
CA GLY A 29 -1.37 -1.47 8.01
C GLY A 29 -1.60 -2.66 7.10
N ILE A 30 -2.82 -3.18 7.10
CA ILE A 30 -3.17 -4.34 6.28
C ILE A 30 -4.53 -4.14 5.61
N ILE A 31 -4.53 -4.08 4.28
CA ILE A 31 -5.76 -3.90 3.52
C ILE A 31 -6.71 -5.07 3.73
N CYS A 32 -8.00 -4.78 3.84
CA CYS A 32 -9.01 -5.81 4.04
C CYS A 32 -10.08 -5.74 2.96
N SER A 33 -10.56 -4.53 2.69
CA SER A 33 -11.59 -4.33 1.67
C SER A 33 -11.14 -3.30 0.64
N LEU A 34 -11.80 -3.31 -0.52
CA LEU A 34 -11.47 -2.38 -1.59
C LEU A 34 -12.73 -1.78 -2.19
N LEU A 35 -12.70 -0.47 -2.43
CA LEU A 35 -13.85 0.23 -3.01
C LEU A 35 -14.04 -0.18 -4.47
N ARG A 36 -15.14 -0.86 -4.75
CA ARG A 36 -15.45 -1.30 -6.11
C ARG A 36 -15.45 -0.12 -7.08
N GLY A 37 -14.86 -0.32 -8.24
CA GLY A 37 -14.80 0.74 -9.23
C GLY A 37 -14.25 2.04 -8.67
N GLY A 38 -13.07 1.95 -8.06
CA GLY A 38 -12.44 3.13 -7.48
C GLY A 38 -11.09 3.42 -8.10
N ILE A 39 -10.23 4.09 -7.34
CA ILE A 39 -8.90 4.43 -7.81
C ILE A 39 -7.92 3.28 -7.58
N ALA A 40 -7.94 2.73 -6.37
CA ALA A 40 -7.06 1.63 -6.02
C ALA A 40 -7.14 0.51 -7.06
N GLU A 41 -8.32 -0.08 -7.21
CA GLU A 41 -8.52 -1.15 -8.17
C GLU A 41 -7.78 -0.87 -9.47
N ARG A 42 -7.84 0.38 -9.92
CA ARG A 42 -7.17 0.78 -11.15
C ARG A 42 -5.66 0.88 -10.95
N GLY A 43 -5.27 1.33 -9.76
CA GLY A 43 -3.86 1.47 -9.46
C GLY A 43 -3.15 0.13 -9.37
N GLY A 44 -3.76 -0.82 -8.66
CA GLY A 44 -3.17 -2.13 -8.50
C GLY A 44 -3.17 -2.60 -7.07
N ILE A 45 -4.14 -2.12 -6.29
CA ILE A 45 -4.24 -2.49 -4.88
C ILE A 45 -4.91 -3.86 -4.73
N ARG A 46 -4.32 -4.70 -3.88
CA ARG A 46 -4.87 -6.04 -3.64
C ARG A 46 -5.03 -6.29 -2.15
N VAL A 47 -6.28 -6.48 -1.71
CA VAL A 47 -6.57 -6.74 -0.31
C VAL A 47 -5.82 -7.97 0.19
N GLY A 48 -5.59 -8.02 1.50
CA GLY A 48 -4.89 -9.15 2.08
C GLY A 48 -3.40 -8.87 2.28
N HIS A 49 -2.81 -8.12 1.35
CA HIS A 49 -1.40 -7.78 1.42
C HIS A 49 -1.16 -6.66 2.43
N ARG A 50 -0.08 -6.78 3.19
CA ARG A 50 0.27 -5.77 4.19
C ARG A 50 1.15 -4.68 3.59
N ILE A 51 0.98 -3.46 4.07
CA ILE A 51 1.76 -2.33 3.58
C ILE A 51 3.07 -2.19 4.34
N ILE A 52 4.18 -2.29 3.63
CA ILE A 52 5.50 -2.18 4.24
C ILE A 52 6.16 -0.84 3.89
N GLU A 53 5.75 -0.27 2.76
CA GLU A 53 6.29 1.01 2.32
C GLU A 53 5.24 1.82 1.57
N ILE A 54 5.35 3.15 1.67
CA ILE A 54 4.40 4.04 1.02
C ILE A 54 5.09 5.33 0.58
N ASN A 55 4.78 5.77 -0.63
CA ASN A 55 5.36 7.00 -1.17
C ASN A 55 6.85 7.08 -0.85
N GLY A 56 7.54 5.95 -0.97
CA GLY A 56 8.96 5.91 -0.68
C GLY A 56 9.27 6.10 0.79
N GLN A 57 8.49 5.44 1.65
CA GLN A 57 8.67 5.55 3.09
C GLN A 57 8.47 4.20 3.76
N SER A 58 9.47 3.75 4.51
CA SER A 58 9.40 2.47 5.20
C SER A 58 8.42 2.55 6.37
N VAL A 59 7.29 1.85 6.22
CA VAL A 59 6.27 1.84 7.27
C VAL A 59 5.88 0.41 7.63
N VAL A 60 6.86 -0.48 7.62
CA VAL A 60 6.63 -1.88 7.96
C VAL A 60 6.27 -2.04 9.43
N ALA A 61 6.65 -1.06 10.24
CA ALA A 61 6.37 -1.09 11.66
C ALA A 61 5.46 0.06 12.07
N THR A 62 5.72 1.23 11.51
CA THR A 62 4.93 2.41 11.81
C THR A 62 3.47 2.05 12.06
N PRO A 63 2.87 2.67 13.10
CA PRO A 63 1.48 2.42 13.47
C PRO A 63 0.50 2.99 12.43
N HIS A 64 -0.57 2.24 12.17
CA HIS A 64 -1.58 2.66 11.21
C HIS A 64 -1.85 4.15 11.33
N ALA A 65 -2.18 4.60 12.54
CA ALA A 65 -2.46 6.01 12.77
C ALA A 65 -1.52 6.90 11.97
N ARG A 66 -0.22 6.68 12.13
CA ARG A 66 0.78 7.47 11.42
C ARG A 66 0.76 7.15 9.93
N ILE A 67 0.74 5.86 9.60
CA ILE A 67 0.73 5.43 8.21
C ILE A 67 -0.29 6.22 7.40
N ILE A 68 -1.46 6.46 8.00
CA ILE A 68 -2.52 7.21 7.34
C ILE A 68 -2.08 8.64 7.03
N GLU A 69 -1.56 9.32 8.06
CA GLU A 69 -1.11 10.69 7.91
C GLU A 69 -0.12 10.82 6.75
N LEU A 70 0.67 9.76 6.54
CA LEU A 70 1.65 9.75 5.45
C LEU A 70 0.97 9.69 4.11
N LEU A 71 0.21 8.62 3.87
CA LEU A 71 -0.50 8.43 2.61
C LEU A 71 -1.31 9.68 2.26
N THR A 72 -2.06 10.19 3.24
CA THR A 72 -2.88 11.38 3.03
C THR A 72 -2.05 12.54 2.52
N GLU A 73 -0.85 12.70 3.08
CA GLU A 73 0.05 13.78 2.68
C GLU A 73 0.45 13.64 1.21
N ALA A 74 0.38 12.41 0.71
CA ALA A 74 0.73 12.15 -0.69
C ALA A 74 -0.38 12.60 -1.63
N TYR A 75 0.01 13.27 -2.71
CA TYR A 75 -0.95 13.76 -3.68
C TYR A 75 -0.69 13.16 -5.07
N GLY A 76 -1.63 13.36 -5.98
CA GLY A 76 -1.48 12.83 -7.33
C GLY A 76 -0.93 11.42 -7.34
N GLU A 77 0.32 11.27 -7.75
CA GLU A 77 0.96 9.96 -7.80
C GLU A 77 1.27 9.44 -6.40
N VAL A 78 0.50 8.46 -5.95
CA VAL A 78 0.70 7.88 -4.62
C VAL A 78 1.22 6.45 -4.73
N HIS A 79 2.52 6.28 -4.49
CA HIS A 79 3.14 4.97 -4.56
C HIS A 79 2.83 4.15 -3.31
N ILE A 80 2.61 2.85 -3.49
CA ILE A 80 2.30 1.96 -2.38
C ILE A 80 2.88 0.57 -2.61
N LYS A 81 3.86 0.21 -1.79
CA LYS A 81 4.50 -1.10 -1.89
C LYS A 81 3.75 -2.14 -1.04
N THR A 82 3.08 -3.06 -1.71
CA THR A 82 2.33 -4.11 -1.01
C THR A 82 3.16 -5.38 -0.88
N MET A 83 3.02 -6.06 0.24
CA MET A 83 3.75 -7.30 0.50
C MET A 83 2.96 -8.22 1.42
N PRO A 84 2.94 -9.52 1.08
CA PRO A 84 2.24 -10.53 1.88
C PRO A 84 2.91 -10.79 3.22
N ALA A 85 2.15 -10.62 4.31
CA ALA A 85 2.67 -10.84 5.64
C ALA A 85 3.40 -12.17 5.74
N ALA A 86 2.81 -13.21 5.17
CA ALA A 86 3.40 -14.54 5.19
C ALA A 86 4.87 -14.49 4.79
N THR A 87 5.12 -14.14 3.53
CA THR A 87 6.48 -14.06 3.01
C THR A 87 7.39 -13.32 3.97
N TYR A 88 7.09 -12.04 4.21
CA TYR A 88 7.89 -11.22 5.11
C TYR A 88 8.28 -12.01 6.36
N ARG A 89 7.28 -12.45 7.11
CA ARG A 89 7.51 -13.21 8.34
C ARG A 89 8.50 -14.34 8.08
N LEU A 90 8.34 -15.02 6.95
CA LEU A 90 9.22 -16.12 6.58
C LEU A 90 10.60 -15.62 6.19
N LEU A 91 10.68 -14.35 5.81
CA LEU A 91 11.94 -13.74 5.41
C LEU A 91 12.78 -13.39 6.64
N THR A 92 12.22 -12.56 7.51
CA THR A 92 12.92 -12.14 8.73
C THR A 92 13.02 -13.29 9.72
N GLY A 93 12.49 -14.44 9.34
CA GLY A 93 12.52 -15.60 10.22
C GLY A 93 13.88 -16.27 10.25
N GLN A 94 14.33 -16.72 9.10
CA GLN A 94 15.63 -17.38 8.99
C GLN A 94 16.58 -16.61 8.09
N GLY A 1 19.01 0.80 -8.07
CA GLY A 1 18.93 1.22 -9.45
C GLY A 1 18.75 0.06 -10.41
N SER A 2 18.08 0.31 -11.52
CA SER A 2 17.84 -0.73 -12.52
C SER A 2 17.31 -2.00 -11.86
N SER A 3 16.40 -1.83 -10.91
CA SER A 3 15.81 -2.96 -10.19
C SER A 3 14.67 -3.57 -11.00
N GLY A 4 14.20 -4.74 -10.57
CA GLY A 4 13.12 -5.41 -11.25
C GLY A 4 12.82 -6.78 -10.68
N SER A 5 12.51 -6.81 -9.38
CA SER A 5 12.21 -8.06 -8.70
C SER A 5 10.74 -8.44 -8.89
N SER A 6 10.45 -9.73 -8.74
CA SER A 6 9.08 -10.23 -8.89
C SER A 6 8.58 -10.87 -7.60
N GLY A 7 8.94 -10.27 -6.47
CA GLY A 7 8.52 -10.80 -5.18
C GLY A 7 7.63 -9.83 -4.44
N VAL A 8 7.95 -8.54 -4.51
CA VAL A 8 7.18 -7.52 -3.82
C VAL A 8 6.14 -6.90 -4.75
N THR A 9 4.88 -6.90 -4.31
CA THR A 9 3.80 -6.34 -5.11
C THR A 9 3.73 -4.83 -4.98
N THR A 10 3.99 -4.14 -6.08
CA THR A 10 3.96 -2.67 -6.08
C THR A 10 2.73 -2.15 -6.82
N ALA A 11 2.16 -1.06 -6.32
CA ALA A 11 0.99 -0.45 -6.92
C ALA A 11 1.04 1.07 -6.84
N ILE A 12 0.47 1.73 -7.83
CA ILE A 12 0.45 3.19 -7.87
C ILE A 12 -0.97 3.72 -7.95
N ILE A 13 -1.29 4.68 -7.09
CA ILE A 13 -2.62 5.27 -7.06
C ILE A 13 -2.58 6.72 -7.54
N HIS A 14 -3.73 7.23 -7.96
CA HIS A 14 -3.83 8.61 -8.44
C HIS A 14 -4.93 9.36 -7.70
N ARG A 15 -4.53 10.18 -6.73
CA ARG A 15 -5.49 10.95 -5.94
C ARG A 15 -5.35 12.44 -6.23
N PRO A 16 -6.09 12.92 -7.25
CA PRO A 16 -6.06 14.33 -7.65
C PRO A 16 -6.72 15.24 -6.62
N HIS A 17 -7.58 14.66 -5.79
CA HIS A 17 -8.28 15.42 -4.76
C HIS A 17 -8.03 14.82 -3.39
N ALA A 18 -7.90 15.68 -2.38
CA ALA A 18 -7.66 15.23 -1.01
C ALA A 18 -8.97 14.91 -0.30
N ARG A 19 -10.00 15.68 -0.61
CA ARG A 19 -11.31 15.47 0.00
C ARG A 19 -12.09 14.39 -0.74
N GLU A 20 -11.37 13.44 -1.33
CA GLU A 20 -11.99 12.35 -2.07
C GLU A 20 -11.61 11.00 -1.46
N GLN A 21 -12.58 10.10 -1.36
CA GLN A 21 -12.34 8.78 -0.81
C GLN A 21 -11.14 8.11 -1.48
N LEU A 22 -10.66 7.02 -0.89
CA LEU A 22 -9.52 6.30 -1.42
C LEU A 22 -9.96 5.00 -2.09
N GLY A 23 -10.95 4.34 -1.49
CA GLY A 23 -11.45 3.09 -2.05
C GLY A 23 -10.96 1.89 -1.28
N PHE A 24 -9.65 1.80 -1.07
CA PHE A 24 -9.06 0.67 -0.35
C PHE A 24 -9.09 0.93 1.16
N CYS A 25 -9.51 -0.08 1.91
CA CYS A 25 -9.58 0.03 3.37
C CYS A 25 -8.35 -0.59 4.02
N VAL A 26 -7.60 0.22 4.75
CA VAL A 26 -6.39 -0.25 5.43
C VAL A 26 -6.62 -0.35 6.94
N GLU A 27 -6.17 -1.45 7.52
CA GLU A 27 -6.32 -1.67 8.95
C GLU A 27 -4.99 -2.09 9.58
N ASP A 28 -4.55 -1.33 10.58
CA ASP A 28 -3.30 -1.63 11.27
C ASP A 28 -2.15 -1.78 10.27
N GLY A 29 -2.30 -1.15 9.11
CA GLY A 29 -1.28 -1.22 8.09
C GLY A 29 -1.47 -2.40 7.16
N ILE A 30 -2.69 -2.94 7.14
CA ILE A 30 -3.00 -4.08 6.29
C ILE A 30 -4.37 -3.92 5.63
N ILE A 31 -4.38 -3.91 4.29
CA ILE A 31 -5.63 -3.76 3.55
C ILE A 31 -6.53 -4.98 3.75
N CYS A 32 -7.83 -4.71 3.90
CA CYS A 32 -8.80 -5.78 4.10
C CYS A 32 -9.85 -5.78 2.98
N SER A 33 -10.38 -4.60 2.68
CA SER A 33 -11.38 -4.46 1.64
C SER A 33 -10.95 -3.45 0.58
N LEU A 34 -11.56 -3.53 -0.60
CA LEU A 34 -11.23 -2.62 -1.69
C LEU A 34 -12.49 -2.17 -2.42
N LEU A 35 -12.60 -0.87 -2.64
CA LEU A 35 -13.75 -0.31 -3.33
C LEU A 35 -13.80 -0.76 -4.79
N ARG A 36 -14.93 -1.32 -5.19
CA ARG A 36 -15.11 -1.80 -6.55
C ARG A 36 -15.44 -0.65 -7.49
N GLY A 37 -14.55 -0.40 -8.46
CA GLY A 37 -14.76 0.67 -9.41
C GLY A 37 -14.22 2.00 -8.92
N GLY A 38 -13.00 1.98 -8.38
CA GLY A 38 -12.39 3.19 -7.88
C GLY A 38 -11.03 3.45 -8.48
N ILE A 39 -10.10 3.94 -7.67
CA ILE A 39 -8.75 4.23 -8.14
C ILE A 39 -7.78 3.12 -7.73
N ALA A 40 -7.86 2.70 -6.48
CA ALA A 40 -6.98 1.64 -5.97
C ALA A 40 -6.94 0.47 -6.93
N GLU A 41 -8.08 -0.20 -7.11
CA GLU A 41 -8.16 -1.34 -8.00
C GLU A 41 -7.38 -1.09 -9.28
N ARG A 42 -7.60 0.06 -9.89
CA ARG A 42 -6.91 0.42 -11.13
C ARG A 42 -5.41 0.58 -10.89
N GLY A 43 -5.06 1.16 -9.75
CA GLY A 43 -3.66 1.37 -9.42
C GLY A 43 -2.90 0.06 -9.29
N GLY A 44 -3.50 -0.90 -8.60
CA GLY A 44 -2.86 -2.19 -8.42
C GLY A 44 -2.89 -2.66 -6.96
N ILE A 45 -3.90 -2.21 -6.22
CA ILE A 45 -4.04 -2.59 -4.83
C ILE A 45 -4.72 -3.94 -4.68
N ARG A 46 -4.20 -4.77 -3.79
CA ARG A 46 -4.74 -6.10 -3.55
C ARG A 46 -4.89 -6.37 -2.06
N VAL A 47 -6.14 -6.48 -1.60
CA VAL A 47 -6.41 -6.75 -0.20
C VAL A 47 -5.70 -8.01 0.28
N GLY A 48 -5.34 -8.04 1.55
CA GLY A 48 -4.66 -9.19 2.11
C GLY A 48 -3.16 -8.99 2.23
N HIS A 49 -2.64 -8.01 1.49
CA HIS A 49 -1.22 -7.72 1.52
C HIS A 49 -0.92 -6.59 2.50
N ARG A 50 0.15 -6.75 3.28
CA ARG A 50 0.54 -5.74 4.26
C ARG A 50 1.49 -4.72 3.64
N ILE A 51 1.35 -3.47 4.07
CA ILE A 51 2.20 -2.40 3.56
C ILE A 51 3.55 -2.36 4.27
N ILE A 52 4.61 -2.25 3.50
CA ILE A 52 5.96 -2.21 4.06
C ILE A 52 6.65 -0.88 3.73
N GLU A 53 6.08 -0.14 2.78
CA GLU A 53 6.64 1.14 2.38
C GLU A 53 5.59 1.99 1.65
N ILE A 54 5.76 3.31 1.73
CA ILE A 54 4.83 4.22 1.08
C ILE A 54 5.54 5.47 0.60
N ASN A 55 5.15 5.96 -0.58
CA ASN A 55 5.75 7.16 -1.15
C ASN A 55 7.25 7.23 -0.83
N GLY A 56 7.87 6.05 -0.71
CA GLY A 56 9.29 6.00 -0.40
C GLY A 56 9.58 6.24 1.06
N GLN A 57 8.76 5.63 1.93
CA GLN A 57 8.94 5.78 3.37
C GLN A 57 8.62 4.48 4.09
N SER A 58 9.58 4.01 4.89
CA SER A 58 9.41 2.76 5.63
C SER A 58 8.24 2.86 6.60
N VAL A 59 7.28 1.96 6.47
CA VAL A 59 6.10 1.94 7.33
C VAL A 59 6.02 0.65 8.13
N VAL A 60 6.92 -0.29 7.81
CA VAL A 60 6.95 -1.58 8.50
C VAL A 60 7.02 -1.38 10.01
N ALA A 61 7.66 -0.31 10.44
CA ALA A 61 7.81 -0.01 11.86
C ALA A 61 7.11 1.30 12.22
N THR A 62 6.11 1.67 11.43
CA THR A 62 5.37 2.90 11.66
C THR A 62 3.94 2.61 12.12
N PRO A 63 3.46 3.39 13.10
CA PRO A 63 2.11 3.23 13.65
C PRO A 63 1.03 3.64 12.65
N HIS A 64 -0.09 2.92 12.67
CA HIS A 64 -1.20 3.21 11.76
C HIS A 64 -1.45 4.71 11.68
N ALA A 65 -1.61 5.34 12.83
CA ALA A 65 -1.85 6.78 12.88
C ALA A 65 -0.99 7.52 11.86
N ARG A 66 0.32 7.38 11.99
CA ARG A 66 1.25 8.04 11.08
C ARG A 66 0.98 7.64 9.64
N ILE A 67 0.89 6.33 9.40
CA ILE A 67 0.64 5.80 8.07
C ILE A 67 -0.55 6.52 7.42
N ILE A 68 -1.66 6.59 8.14
CA ILE A 68 -2.86 7.24 7.64
C ILE A 68 -2.57 8.70 7.25
N GLU A 69 -1.84 9.39 8.11
CA GLU A 69 -1.50 10.78 7.86
C GLU A 69 -0.66 10.92 6.59
N LEU A 70 0.35 10.06 6.46
CA LEU A 70 1.22 10.08 5.29
C LEU A 70 0.42 9.87 4.01
N LEU A 71 -0.10 8.67 3.84
CA LEU A 71 -0.89 8.33 2.65
C LEU A 71 -1.83 9.48 2.29
N THR A 72 -2.72 9.83 3.22
CA THR A 72 -3.67 10.91 2.99
C THR A 72 -2.95 12.21 2.63
N GLU A 73 -1.81 12.44 3.26
CA GLU A 73 -1.03 13.64 2.99
C GLU A 73 -0.39 13.60 1.61
N ALA A 74 -0.36 12.41 1.02
CA ALA A 74 0.22 12.22 -0.30
C ALA A 74 -0.83 12.39 -1.39
N TYR A 75 -0.65 13.40 -2.23
CA TYR A 75 -1.59 13.67 -3.32
C TYR A 75 -0.99 13.28 -4.67
N GLY A 76 -1.85 13.17 -5.67
CA GLY A 76 -1.39 12.80 -7.00
C GLY A 76 -0.83 11.39 -7.05
N GLU A 77 0.42 11.27 -7.48
CA GLU A 77 1.07 9.97 -7.58
C GLU A 77 1.43 9.44 -6.20
N VAL A 78 0.94 8.24 -5.88
CA VAL A 78 1.22 7.62 -4.59
C VAL A 78 1.69 6.19 -4.76
N HIS A 79 2.97 5.95 -4.50
CA HIS A 79 3.55 4.62 -4.62
C HIS A 79 3.34 3.83 -3.34
N ILE A 80 2.62 2.71 -3.46
CA ILE A 80 2.35 1.86 -2.30
C ILE A 80 2.93 0.46 -2.51
N LYS A 81 3.95 0.13 -1.72
CA LYS A 81 4.59 -1.17 -1.81
C LYS A 81 3.90 -2.19 -0.91
N THR A 82 3.16 -3.11 -1.52
CA THR A 82 2.44 -4.13 -0.78
C THR A 82 3.25 -5.42 -0.69
N MET A 83 3.02 -6.20 0.35
CA MET A 83 3.71 -7.46 0.55
C MET A 83 2.86 -8.46 1.32
N PRO A 84 2.86 -9.72 0.87
CA PRO A 84 2.08 -10.79 1.51
C PRO A 84 2.64 -11.17 2.87
N ALA A 85 1.89 -10.87 3.93
CA ALA A 85 2.31 -11.19 5.28
C ALA A 85 3.05 -12.52 5.33
N ALA A 86 2.64 -13.46 4.50
CA ALA A 86 3.27 -14.77 4.44
C ALA A 86 4.77 -14.64 4.17
N THR A 87 5.12 -14.22 2.96
CA THR A 87 6.51 -14.06 2.58
C THR A 87 7.28 -13.26 3.62
N TYR A 88 6.91 -12.00 3.77
CA TYR A 88 7.57 -11.12 4.74
C TYR A 88 7.88 -11.87 6.03
N ARG A 89 6.85 -12.44 6.63
CA ARG A 89 7.00 -13.19 7.87
C ARG A 89 8.06 -14.29 7.73
N LEU A 90 7.95 -15.05 6.63
CA LEU A 90 8.89 -16.13 6.37
C LEU A 90 10.31 -15.59 6.20
N LEU A 91 10.41 -14.35 5.71
CA LEU A 91 11.70 -13.72 5.48
C LEU A 91 12.36 -13.35 6.81
N THR A 92 11.65 -12.57 7.62
CA THR A 92 12.17 -12.15 8.92
C THR A 92 12.22 -13.33 9.89
N GLY A 93 11.76 -14.48 9.45
CA GLY A 93 11.76 -15.67 10.29
C GLY A 93 13.06 -16.45 10.19
N GLN A 94 13.24 -17.41 11.08
CA GLN A 94 14.44 -18.23 11.08
C GLN A 94 14.74 -18.78 9.69
N GLY A 1 2.35 -4.20 -16.27
CA GLY A 1 3.43 -4.36 -17.22
C GLY A 1 4.74 -4.71 -16.55
N SER A 2 5.84 -4.61 -17.30
CA SER A 2 7.15 -4.94 -16.77
C SER A 2 7.47 -4.10 -15.53
N SER A 3 7.26 -4.69 -14.36
CA SER A 3 7.51 -3.99 -13.10
C SER A 3 9.00 -3.67 -12.94
N GLY A 4 9.83 -4.70 -13.04
CA GLY A 4 11.26 -4.52 -12.90
C GLY A 4 11.92 -5.61 -12.08
N SER A 5 12.24 -5.28 -10.83
CA SER A 5 12.87 -6.24 -9.92
C SER A 5 11.83 -7.07 -9.20
N SER A 6 11.88 -8.39 -9.42
CA SER A 6 10.94 -9.30 -8.79
C SER A 6 11.14 -9.34 -7.28
N GLY A 7 10.10 -9.77 -6.57
CA GLY A 7 10.18 -9.84 -5.12
C GLY A 7 9.00 -9.19 -4.44
N VAL A 8 9.01 -7.85 -4.38
CA VAL A 8 7.94 -7.10 -3.76
C VAL A 8 7.06 -6.42 -4.80
N THR A 9 5.76 -6.46 -4.59
CA THR A 9 4.81 -5.84 -5.53
C THR A 9 4.65 -4.35 -5.23
N THR A 10 4.57 -3.55 -6.28
CA THR A 10 4.41 -2.10 -6.14
C THR A 10 3.19 -1.61 -6.91
N ALA A 11 2.33 -0.86 -6.22
CA ALA A 11 1.13 -0.31 -6.85
C ALA A 11 1.11 1.21 -6.77
N ILE A 12 0.48 1.84 -7.76
CA ILE A 12 0.40 3.30 -7.80
C ILE A 12 -1.06 3.75 -7.83
N ILE A 13 -1.38 4.70 -6.95
CA ILE A 13 -2.74 5.23 -6.87
C ILE A 13 -2.80 6.65 -7.38
N HIS A 14 -3.95 7.03 -7.97
CA HIS A 14 -4.13 8.37 -8.50
C HIS A 14 -5.10 9.16 -7.64
N ARG A 15 -4.57 10.03 -6.79
CA ARG A 15 -5.39 10.85 -5.91
C ARG A 15 -5.25 12.33 -6.26
N PRO A 16 -6.12 12.80 -7.18
CA PRO A 16 -6.12 14.19 -7.63
C PRO A 16 -6.61 15.14 -6.55
N HIS A 17 -7.51 14.66 -5.70
CA HIS A 17 -8.06 15.46 -4.63
C HIS A 17 -7.77 14.84 -3.27
N ALA A 18 -7.64 15.67 -2.24
CA ALA A 18 -7.36 15.19 -0.89
C ALA A 18 -8.65 14.90 -0.14
N ARG A 19 -9.69 15.67 -0.43
CA ARG A 19 -10.98 15.48 0.23
C ARG A 19 -11.80 14.40 -0.48
N GLU A 20 -11.11 13.44 -1.08
CA GLU A 20 -11.77 12.35 -1.78
C GLU A 20 -11.37 11.00 -1.19
N GLN A 21 -12.37 10.16 -0.95
CA GLN A 21 -12.12 8.83 -0.39
C GLN A 21 -10.93 8.16 -1.06
N LEU A 22 -10.47 7.06 -0.48
CA LEU A 22 -9.34 6.33 -1.04
C LEU A 22 -9.81 5.07 -1.76
N GLY A 23 -10.73 4.34 -1.14
CA GLY A 23 -11.25 3.12 -1.74
C GLY A 23 -10.76 1.87 -1.05
N PHE A 24 -9.45 1.79 -0.82
CA PHE A 24 -8.85 0.64 -0.16
C PHE A 24 -8.85 0.82 1.35
N CYS A 25 -9.52 -0.10 2.05
CA CYS A 25 -9.59 -0.03 3.51
C CYS A 25 -8.35 -0.66 4.14
N VAL A 26 -7.61 0.14 4.89
CA VAL A 26 -6.40 -0.34 5.55
C VAL A 26 -6.61 -0.46 7.05
N GLU A 27 -5.97 -1.46 7.66
CA GLU A 27 -6.08 -1.69 9.09
C GLU A 27 -4.75 -2.15 9.68
N ASP A 28 -4.20 -1.36 10.59
CA ASP A 28 -2.93 -1.69 11.24
C ASP A 28 -1.83 -1.87 10.19
N GLY A 29 -1.99 -1.20 9.05
CA GLY A 29 -1.01 -1.31 7.99
C GLY A 29 -1.24 -2.50 7.09
N ILE A 30 -2.48 -3.00 7.08
CA ILE A 30 -2.83 -4.14 6.25
C ILE A 30 -4.22 -3.97 5.65
N ILE A 31 -4.28 -4.00 4.31
CA ILE A 31 -5.55 -3.84 3.60
C ILE A 31 -6.45 -5.04 3.83
N CYS A 32 -7.74 -4.78 4.00
CA CYS A 32 -8.72 -5.84 4.23
C CYS A 32 -9.77 -5.86 3.13
N SER A 33 -10.25 -4.67 2.75
CA SER A 33 -11.26 -4.55 1.70
C SER A 33 -10.86 -3.49 0.69
N LEU A 34 -11.42 -3.61 -0.52
CA LEU A 34 -11.13 -2.65 -1.58
C LEU A 34 -12.41 -2.15 -2.23
N LEU A 35 -12.47 -0.84 -2.47
CA LEU A 35 -13.65 -0.23 -3.09
C LEU A 35 -13.80 -0.68 -4.53
N ARG A 36 -14.82 -1.49 -4.79
CA ARG A 36 -15.08 -1.99 -6.14
C ARG A 36 -15.47 -0.85 -7.08
N GLY A 37 -14.62 -0.57 -8.05
CA GLY A 37 -14.90 0.49 -9.00
C GLY A 37 -14.35 1.84 -8.55
N GLY A 38 -13.12 1.82 -8.03
CA GLY A 38 -12.50 3.05 -7.57
C GLY A 38 -11.18 3.32 -8.25
N ILE A 39 -10.23 3.86 -7.50
CA ILE A 39 -8.91 4.17 -8.03
C ILE A 39 -7.90 3.07 -7.70
N ALA A 40 -7.96 2.59 -6.46
CA ALA A 40 -7.05 1.53 -6.01
C ALA A 40 -7.05 0.36 -6.98
N GLU A 41 -8.21 -0.23 -7.19
CA GLU A 41 -8.35 -1.37 -8.10
C GLU A 41 -7.56 -1.13 -9.39
N ARG A 42 -7.60 0.11 -9.88
CA ARG A 42 -6.88 0.47 -11.10
C ARG A 42 -5.40 0.65 -10.82
N GLY A 43 -5.07 1.03 -9.59
CA GLY A 43 -3.67 1.24 -9.23
C GLY A 43 -2.93 -0.07 -9.03
N GLY A 44 -3.61 -1.05 -8.46
CA GLY A 44 -2.98 -2.35 -8.23
C GLY A 44 -3.09 -2.79 -6.77
N ILE A 45 -4.08 -2.26 -6.07
CA ILE A 45 -4.28 -2.61 -4.67
C ILE A 45 -5.01 -3.94 -4.52
N ARG A 46 -4.53 -4.76 -3.59
CA ARG A 46 -5.14 -6.07 -3.36
C ARG A 46 -5.30 -6.33 -1.87
N VAL A 47 -6.52 -6.65 -1.46
CA VAL A 47 -6.82 -6.93 -0.07
C VAL A 47 -6.01 -8.12 0.45
N GLY A 48 -5.73 -8.12 1.74
CA GLY A 48 -4.96 -9.20 2.33
C GLY A 48 -3.48 -8.90 2.39
N HIS A 49 -3.02 -8.04 1.49
CA HIS A 49 -1.61 -7.67 1.43
C HIS A 49 -1.26 -6.68 2.53
N ARG A 50 -0.01 -6.72 3.00
CA ARG A 50 0.44 -5.82 4.05
C ARG A 50 1.30 -4.70 3.47
N ILE A 51 1.06 -3.48 3.93
CA ILE A 51 1.81 -2.32 3.46
C ILE A 51 3.11 -2.16 4.26
N ILE A 52 4.24 -2.23 3.55
CA ILE A 52 5.54 -2.08 4.18
C ILE A 52 6.16 -0.73 3.87
N GLU A 53 5.75 -0.14 2.76
CA GLU A 53 6.26 1.16 2.35
C GLU A 53 5.19 1.97 1.62
N ILE A 54 5.25 3.29 1.74
CA ILE A 54 4.29 4.17 1.10
C ILE A 54 4.93 5.49 0.70
N ASN A 55 4.46 6.05 -0.41
CA ASN A 55 4.99 7.32 -0.91
C ASN A 55 6.49 7.43 -0.63
N GLY A 56 7.22 6.34 -0.87
CA GLY A 56 8.64 6.34 -0.65
C GLY A 56 9.00 6.54 0.82
N GLN A 57 8.35 5.78 1.70
CA GLN A 57 8.60 5.88 3.13
C GLN A 57 8.35 4.55 3.83
N SER A 58 9.39 4.01 4.46
CA SER A 58 9.28 2.74 5.15
C SER A 58 8.33 2.85 6.34
N VAL A 59 7.29 2.03 6.35
CA VAL A 59 6.31 2.02 7.43
C VAL A 59 6.11 0.62 7.99
N VAL A 60 6.97 -0.30 7.58
CA VAL A 60 6.89 -1.68 8.04
C VAL A 60 6.74 -1.74 9.55
N ALA A 61 7.14 -0.67 10.23
CA ALA A 61 7.05 -0.61 11.69
C ALA A 61 6.16 0.55 12.13
N THR A 62 6.10 1.59 11.31
CA THR A 62 5.28 2.76 11.62
C THR A 62 3.84 2.37 11.90
N PRO A 63 3.24 2.98 12.93
CA PRO A 63 1.86 2.71 13.32
C PRO A 63 0.85 3.22 12.29
N HIS A 64 -0.31 2.58 12.23
CA HIS A 64 -1.36 2.98 11.30
C HIS A 64 -1.68 4.46 11.45
N ALA A 65 -1.99 4.88 12.67
CA ALA A 65 -2.31 6.28 12.94
C ALA A 65 -1.41 7.21 12.16
N ARG A 66 -0.12 6.89 12.11
CA ARG A 66 0.85 7.70 11.39
C ARG A 66 0.78 7.43 9.89
N ILE A 67 0.64 6.17 9.53
CA ILE A 67 0.56 5.77 8.13
C ILE A 67 -0.56 6.52 7.41
N ILE A 68 -1.62 6.83 8.14
CA ILE A 68 -2.75 7.55 7.57
C ILE A 68 -2.37 8.99 7.23
N GLU A 69 -1.52 9.58 8.06
CA GLU A 69 -1.08 10.95 7.85
C GLU A 69 -0.12 11.04 6.66
N LEU A 70 0.64 9.97 6.44
CA LEU A 70 1.59 9.93 5.33
C LEU A 70 0.87 9.75 4.00
N LEU A 71 0.17 8.63 3.86
CA LEU A 71 -0.57 8.33 2.64
C LEU A 71 -1.42 9.52 2.21
N THR A 72 -2.25 10.01 3.13
CA THR A 72 -3.11 11.14 2.85
C THR A 72 -2.31 12.37 2.44
N GLU A 73 -1.15 12.54 3.07
CA GLU A 73 -0.28 13.68 2.76
C GLU A 73 0.23 13.60 1.33
N ALA A 74 0.22 12.40 0.76
CA ALA A 74 0.68 12.19 -0.61
C ALA A 74 -0.46 12.40 -1.60
N TYR A 75 -0.30 13.38 -2.47
CA TYR A 75 -1.31 13.68 -3.48
C TYR A 75 -0.88 13.18 -4.86
N GLY A 76 -1.81 13.23 -5.81
CA GLY A 76 -1.51 12.78 -7.15
C GLY A 76 -1.01 11.35 -7.19
N GLU A 77 0.28 11.19 -7.46
CA GLU A 77 0.89 9.86 -7.53
C GLU A 77 1.18 9.33 -6.13
N VAL A 78 0.82 8.08 -5.88
CA VAL A 78 1.05 7.45 -4.58
C VAL A 78 1.68 6.07 -4.74
N HIS A 79 2.97 5.98 -4.43
CA HIS A 79 3.70 4.73 -4.54
C HIS A 79 3.49 3.87 -3.30
N ILE A 80 2.69 2.82 -3.42
CA ILE A 80 2.41 1.93 -2.31
C ILE A 80 3.04 0.55 -2.53
N LYS A 81 3.87 0.13 -1.58
CA LYS A 81 4.53 -1.17 -1.66
C LYS A 81 3.77 -2.23 -0.88
N THR A 82 3.12 -3.14 -1.61
CA THR A 82 2.35 -4.21 -0.99
C THR A 82 3.16 -5.48 -0.88
N MET A 83 3.00 -6.20 0.23
CA MET A 83 3.72 -7.45 0.45
C MET A 83 2.88 -8.42 1.26
N PRO A 84 2.87 -9.70 0.84
CA PRO A 84 2.12 -10.75 1.51
C PRO A 84 2.70 -11.11 2.87
N ALA A 85 1.92 -10.88 3.92
CA ALA A 85 2.36 -11.18 5.27
C ALA A 85 3.07 -12.53 5.34
N ALA A 86 2.52 -13.51 4.63
CA ALA A 86 3.11 -14.84 4.60
C ALA A 86 4.61 -14.78 4.33
N THR A 87 4.97 -14.38 3.11
CA THR A 87 6.37 -14.28 2.72
C THR A 87 7.15 -13.40 3.69
N TYR A 88 6.84 -12.11 3.69
CA TYR A 88 7.51 -11.16 4.57
C TYR A 88 7.82 -11.80 5.92
N ARG A 89 6.77 -12.23 6.62
CA ARG A 89 6.93 -12.86 7.93
C ARG A 89 7.94 -13.99 7.86
N LEU A 90 7.80 -14.85 6.85
CA LEU A 90 8.70 -15.99 6.68
C LEU A 90 10.12 -15.51 6.38
N LEU A 91 10.25 -14.28 5.89
CA LEU A 91 11.55 -13.71 5.57
C LEU A 91 12.22 -13.16 6.82
N THR A 92 11.42 -12.55 7.70
CA THR A 92 11.94 -11.97 8.93
C THR A 92 11.82 -12.96 10.09
N GLY A 93 11.72 -14.25 9.75
CA GLY A 93 11.61 -15.28 10.77
C GLY A 93 12.92 -15.54 11.47
N GLN A 94 12.93 -16.53 12.37
CA GLN A 94 14.13 -16.89 13.10
C GLN A 94 14.98 -17.89 12.32
N GLY A 1 21.13 -2.78 -13.62
CA GLY A 1 20.86 -2.96 -15.04
C GLY A 1 19.37 -3.01 -15.34
N SER A 2 18.62 -3.74 -14.51
CA SER A 2 17.18 -3.88 -14.70
C SER A 2 16.43 -3.42 -13.45
N SER A 3 15.18 -3.02 -13.63
CA SER A 3 14.35 -2.56 -12.53
C SER A 3 13.01 -3.28 -12.52
N GLY A 4 13.00 -4.48 -11.94
CA GLY A 4 11.78 -5.26 -11.88
C GLY A 4 12.03 -6.70 -11.50
N SER A 5 12.13 -6.96 -10.20
CA SER A 5 12.38 -8.31 -9.70
C SER A 5 11.08 -8.95 -9.21
N SER A 6 11.00 -10.28 -9.34
CA SER A 6 9.82 -11.02 -8.92
C SER A 6 9.73 -11.08 -7.40
N GLY A 7 8.52 -10.95 -6.88
CA GLY A 7 8.32 -11.00 -5.44
C GLY A 7 7.33 -9.95 -4.96
N VAL A 8 7.85 -8.79 -4.57
CA VAL A 8 7.02 -7.70 -4.08
C VAL A 8 6.20 -7.08 -5.22
N THR A 9 4.98 -6.67 -4.90
CA THR A 9 4.09 -6.07 -5.89
C THR A 9 3.87 -4.60 -5.59
N THR A 10 4.34 -3.74 -6.48
CA THR A 10 4.18 -2.30 -6.31
C THR A 10 2.97 -1.78 -7.08
N ALA A 11 2.24 -0.87 -6.47
CA ALA A 11 1.05 -0.29 -7.09
C ALA A 11 1.05 1.23 -6.96
N ILE A 12 0.45 1.90 -7.94
CA ILE A 12 0.38 3.36 -7.93
C ILE A 12 -1.07 3.83 -7.88
N ILE A 13 -1.35 4.76 -6.97
CA ILE A 13 -2.70 5.30 -6.83
C ILE A 13 -2.77 6.73 -7.35
N HIS A 14 -3.71 6.96 -8.27
CA HIS A 14 -3.89 8.29 -8.85
C HIS A 14 -4.76 9.17 -7.95
N ARG A 15 -4.11 10.07 -7.22
CA ARG A 15 -4.82 10.97 -6.31
C ARG A 15 -4.79 12.40 -6.82
N PRO A 16 -5.67 12.70 -7.79
CA PRO A 16 -5.76 14.03 -8.40
C PRO A 16 -6.32 15.07 -7.43
N HIS A 17 -6.78 14.60 -6.27
CA HIS A 17 -7.35 15.49 -5.26
C HIS A 17 -7.32 14.82 -3.89
N ALA A 18 -7.28 15.64 -2.85
CA ALA A 18 -7.25 15.15 -1.48
C ALA A 18 -8.66 14.89 -0.95
N ARG A 19 -9.48 15.95 -0.94
CA ARG A 19 -10.85 15.85 -0.45
C ARG A 19 -11.45 14.49 -0.81
N GLU A 20 -11.03 13.94 -1.95
CA GLU A 20 -11.52 12.66 -2.41
C GLU A 20 -10.83 11.51 -1.68
N GLN A 21 -11.59 10.47 -1.37
CA GLN A 21 -11.05 9.31 -0.66
C GLN A 21 -10.16 8.48 -1.59
N LEU A 22 -9.69 7.34 -1.09
CA LEU A 22 -8.84 6.45 -1.86
C LEU A 22 -9.62 5.24 -2.36
N GLY A 23 -10.47 4.69 -1.49
CA GLY A 23 -11.25 3.53 -1.86
C GLY A 23 -10.87 2.29 -1.09
N PHE A 24 -9.57 2.08 -0.92
CA PHE A 24 -9.06 0.92 -0.20
C PHE A 24 -8.98 1.21 1.30
N CYS A 25 -9.33 0.21 2.11
CA CYS A 25 -9.30 0.36 3.55
C CYS A 25 -8.14 -0.43 4.16
N VAL A 26 -7.32 0.25 4.96
CA VAL A 26 -6.17 -0.38 5.59
C VAL A 26 -6.42 -0.61 7.08
N GLU A 27 -6.04 -1.79 7.57
CA GLU A 27 -6.22 -2.12 8.97
C GLU A 27 -4.91 -2.57 9.60
N ASP A 28 -4.41 -1.77 10.55
CA ASP A 28 -3.15 -2.09 11.23
C ASP A 28 -2.03 -2.29 10.22
N GLY A 29 -2.15 -1.65 9.07
CA GLY A 29 -1.13 -1.77 8.04
C GLY A 29 -1.40 -2.92 7.09
N ILE A 30 -2.66 -3.35 7.03
CA ILE A 30 -3.05 -4.45 6.16
C ILE A 30 -4.41 -4.19 5.51
N ILE A 31 -4.41 -4.05 4.20
CA ILE A 31 -5.64 -3.80 3.46
C ILE A 31 -6.66 -4.93 3.68
N CYS A 32 -7.93 -4.57 3.82
CA CYS A 32 -8.98 -5.55 4.02
C CYS A 32 -10.03 -5.45 2.93
N SER A 33 -10.69 -4.31 2.84
CA SER A 33 -11.72 -4.09 1.83
C SER A 33 -11.27 -3.07 0.80
N LEU A 34 -11.86 -3.14 -0.39
CA LEU A 34 -11.52 -2.21 -1.47
C LEU A 34 -12.78 -1.65 -2.12
N LEU A 35 -12.79 -0.33 -2.31
CA LEU A 35 -13.93 0.34 -2.92
C LEU A 35 -14.07 -0.04 -4.39
N ARG A 36 -15.20 -0.65 -4.74
CA ARG A 36 -15.45 -1.07 -6.10
C ARG A 36 -15.78 0.13 -6.99
N GLY A 37 -14.96 0.34 -8.02
CA GLY A 37 -15.18 1.45 -8.92
C GLY A 37 -14.50 2.72 -8.46
N GLY A 38 -13.33 2.58 -7.86
CA GLY A 38 -12.59 3.73 -7.36
C GLY A 38 -11.25 3.90 -8.05
N ILE A 39 -10.24 4.27 -7.27
CA ILE A 39 -8.90 4.47 -7.82
C ILE A 39 -8.02 3.25 -7.55
N ALA A 40 -7.98 2.82 -6.29
CA ALA A 40 -7.17 1.66 -5.91
C ALA A 40 -7.26 0.56 -6.96
N GLU A 41 -8.46 0.00 -7.12
CA GLU A 41 -8.68 -1.06 -8.09
C GLU A 41 -7.94 -0.77 -9.40
N ARG A 42 -7.88 0.51 -9.76
CA ARG A 42 -7.21 0.92 -10.98
C ARG A 42 -5.69 1.03 -10.77
N GLY A 43 -5.30 1.41 -9.56
CA GLY A 43 -3.89 1.53 -9.25
C GLY A 43 -3.19 0.20 -9.15
N GLY A 44 -3.83 -0.75 -8.48
CA GLY A 44 -3.25 -2.07 -8.32
C GLY A 44 -3.28 -2.55 -6.89
N ILE A 45 -4.23 -2.06 -6.11
CA ILE A 45 -4.36 -2.44 -4.71
C ILE A 45 -5.18 -3.72 -4.57
N ARG A 46 -4.67 -4.65 -3.77
CA ARG A 46 -5.35 -5.92 -3.55
C ARG A 46 -5.39 -6.26 -2.06
N VAL A 47 -6.58 -6.34 -1.51
CA VAL A 47 -6.75 -6.67 -0.09
C VAL A 47 -5.92 -7.88 0.30
N GLY A 48 -5.83 -8.14 1.59
CA GLY A 48 -5.07 -9.27 2.08
C GLY A 48 -3.59 -8.96 2.19
N HIS A 49 -3.07 -8.18 1.25
CA HIS A 49 -1.66 -7.81 1.25
C HIS A 49 -1.37 -6.79 2.36
N ARG A 50 -0.14 -6.78 2.84
CA ARG A 50 0.27 -5.87 3.90
C ARG A 50 1.21 -4.80 3.35
N ILE A 51 1.14 -3.60 3.94
CA ILE A 51 1.99 -2.49 3.51
C ILE A 51 3.32 -2.51 4.25
N ILE A 52 4.42 -2.39 3.50
CA ILE A 52 5.75 -2.38 4.07
C ILE A 52 6.49 -1.09 3.74
N GLU A 53 6.00 -0.37 2.73
CA GLU A 53 6.61 0.88 2.32
C GLU A 53 5.59 1.79 1.64
N ILE A 54 5.83 3.09 1.69
CA ILE A 54 4.94 4.06 1.08
C ILE A 54 5.69 5.32 0.67
N ASN A 55 5.59 5.68 -0.62
CA ASN A 55 6.26 6.86 -1.13
C ASN A 55 7.74 6.85 -0.77
N GLY A 56 8.29 5.66 -0.59
CA GLY A 56 9.70 5.53 -0.26
C GLY A 56 9.94 5.62 1.24
N GLN A 57 8.89 5.42 2.02
CA GLN A 57 9.00 5.48 3.47
C GLN A 57 8.63 4.15 4.11
N SER A 58 9.56 3.57 4.86
CA SER A 58 9.33 2.29 5.52
C SER A 58 8.21 2.40 6.55
N VAL A 59 7.11 1.72 6.30
CA VAL A 59 5.97 1.73 7.20
C VAL A 59 5.89 0.44 8.01
N VAL A 60 6.60 -0.58 7.56
CA VAL A 60 6.61 -1.87 8.23
C VAL A 60 6.64 -1.70 9.74
N ALA A 61 7.30 -0.64 10.20
CA ALA A 61 7.40 -0.35 11.63
C ALA A 61 6.50 0.81 12.02
N THR A 62 6.34 1.75 11.11
CA THR A 62 5.51 2.92 11.35
C THR A 62 4.16 2.53 11.93
N PRO A 63 3.68 3.30 12.92
CA PRO A 63 2.40 3.05 13.57
C PRO A 63 1.21 3.33 12.66
N HIS A 64 0.18 2.51 12.77
CA HIS A 64 -1.02 2.67 11.94
C HIS A 64 -1.36 4.15 11.77
N ALA A 65 -1.55 4.84 12.88
CA ALA A 65 -1.89 6.26 12.86
C ALA A 65 -1.17 6.96 11.70
N ARG A 66 0.15 6.94 11.73
CA ARG A 66 0.95 7.58 10.70
C ARG A 66 0.56 7.05 9.31
N ILE A 67 0.63 5.74 9.14
CA ILE A 67 0.28 5.12 7.87
C ILE A 67 -0.90 5.82 7.21
N ILE A 68 -1.81 6.33 8.04
CA ILE A 68 -2.99 7.02 7.54
C ILE A 68 -2.65 8.45 7.14
N GLU A 69 -2.04 9.19 8.06
CA GLU A 69 -1.65 10.58 7.80
C GLU A 69 -0.74 10.67 6.58
N LEU A 70 0.30 9.85 6.57
CA LEU A 70 1.24 9.84 5.46
C LEU A 70 0.53 9.61 4.13
N LEU A 71 -0.04 8.42 3.97
CA LEU A 71 -0.76 8.07 2.75
C LEU A 71 -1.69 9.21 2.32
N THR A 72 -2.53 9.65 3.24
CA THR A 72 -3.47 10.73 2.96
C THR A 72 -2.75 11.98 2.49
N GLU A 73 -1.67 12.33 3.18
CA GLU A 73 -0.88 13.51 2.84
C GLU A 73 -0.31 13.39 1.43
N ALA A 74 -0.06 12.16 1.01
CA ALA A 74 0.48 11.90 -0.33
C ALA A 74 -0.56 12.14 -1.40
N TYR A 75 -0.27 13.08 -2.29
CA TYR A 75 -1.20 13.42 -3.38
C TYR A 75 -0.62 13.00 -4.73
N GLY A 76 -1.45 13.09 -5.77
CA GLY A 76 -1.00 12.72 -7.10
C GLY A 76 -0.52 11.29 -7.17
N GLU A 77 0.72 11.11 -7.61
CA GLU A 77 1.31 9.78 -7.72
C GLU A 77 1.69 9.23 -6.35
N VAL A 78 0.97 8.22 -5.90
CA VAL A 78 1.23 7.61 -4.59
C VAL A 78 1.74 6.18 -4.75
N HIS A 79 3.00 5.96 -4.40
CA HIS A 79 3.61 4.64 -4.49
C HIS A 79 3.35 3.83 -3.23
N ILE A 80 2.63 2.73 -3.37
CA ILE A 80 2.31 1.86 -2.24
C ILE A 80 2.90 0.47 -2.44
N LYS A 81 3.89 0.13 -1.62
CA LYS A 81 4.54 -1.17 -1.70
C LYS A 81 3.77 -2.22 -0.89
N THR A 82 3.14 -3.15 -1.59
CA THR A 82 2.36 -4.20 -0.94
C THR A 82 3.16 -5.50 -0.85
N MET A 83 2.91 -6.27 0.19
CA MET A 83 3.60 -7.54 0.39
C MET A 83 2.81 -8.46 1.32
N PRO A 84 2.80 -9.76 1.00
CA PRO A 84 2.08 -10.77 1.79
C PRO A 84 2.73 -11.01 3.15
N ALA A 85 1.96 -10.81 4.21
CA ALA A 85 2.46 -11.01 5.57
C ALA A 85 3.28 -12.30 5.66
N ALA A 86 2.75 -13.37 5.09
CA ALA A 86 3.43 -14.67 5.12
C ALA A 86 4.89 -14.52 4.70
N THR A 87 5.11 -14.18 3.44
CA THR A 87 6.46 -14.01 2.92
C THR A 87 7.28 -13.09 3.81
N TYR A 88 6.96 -11.81 3.79
CA TYR A 88 7.67 -10.82 4.59
C TYR A 88 8.04 -11.40 5.95
N ARG A 89 7.02 -11.71 6.75
CA ARG A 89 7.23 -12.28 8.07
C ARG A 89 8.28 -13.37 8.05
N LEU A 90 8.20 -14.24 7.05
CA LEU A 90 9.15 -15.34 6.91
C LEU A 90 10.54 -14.81 6.57
N LEU A 91 10.59 -13.69 5.85
CA LEU A 91 11.85 -13.08 5.47
C LEU A 91 12.50 -12.38 6.65
N THR A 92 11.67 -11.83 7.54
CA THR A 92 12.17 -11.12 8.72
C THR A 92 12.22 -12.05 9.92
N GLY A 93 12.06 -13.35 9.68
CA GLY A 93 12.09 -14.31 10.76
C GLY A 93 13.21 -14.04 11.74
N GLN A 94 12.88 -14.02 13.03
CA GLN A 94 13.85 -13.77 14.08
C GLN A 94 14.81 -14.95 14.22
N GLY A 1 21.67 -7.21 -18.39
CA GLY A 1 20.54 -6.81 -17.57
C GLY A 1 19.84 -8.00 -16.94
N SER A 2 18.74 -7.73 -16.23
CA SER A 2 17.99 -8.79 -15.58
C SER A 2 16.56 -8.87 -16.14
N SER A 3 16.36 -9.78 -17.08
CA SER A 3 15.06 -9.96 -17.71
C SER A 3 14.10 -10.68 -16.77
N GLY A 4 13.01 -10.01 -16.43
CA GLY A 4 12.02 -10.61 -15.53
C GLY A 4 12.40 -10.43 -14.07
N SER A 5 11.68 -9.54 -13.39
CA SER A 5 11.94 -9.29 -11.97
C SER A 5 10.72 -9.61 -11.13
N SER A 6 10.90 -10.47 -10.13
CA SER A 6 9.82 -10.87 -9.24
C SER A 6 10.15 -10.57 -7.79
N GLY A 7 9.11 -10.38 -6.97
CA GLY A 7 9.32 -10.08 -5.56
C GLY A 7 8.20 -9.24 -4.98
N VAL A 8 8.53 -8.02 -4.60
CA VAL A 8 7.55 -7.10 -4.02
C VAL A 8 6.69 -6.47 -5.09
N THR A 9 5.38 -6.63 -4.97
CA THR A 9 4.44 -6.07 -5.94
C THR A 9 4.21 -4.58 -5.68
N THR A 10 4.59 -3.76 -6.65
CA THR A 10 4.43 -2.31 -6.54
C THR A 10 3.15 -1.84 -7.23
N ALA A 11 2.50 -0.84 -6.64
CA ALA A 11 1.27 -0.30 -7.19
C ALA A 11 1.16 1.20 -6.94
N ILE A 12 0.90 1.97 -7.99
CA ILE A 12 0.77 3.41 -7.87
C ILE A 12 -0.69 3.83 -7.78
N ILE A 13 -0.98 4.81 -6.94
CA ILE A 13 -2.34 5.31 -6.77
C ILE A 13 -2.46 6.76 -7.21
N HIS A 14 -3.52 7.07 -7.95
CA HIS A 14 -3.76 8.42 -8.43
C HIS A 14 -4.79 9.14 -7.56
N ARG A 15 -4.32 10.05 -6.71
CA ARG A 15 -5.20 10.80 -5.82
C ARG A 15 -5.31 12.25 -6.28
N PRO A 16 -6.16 12.49 -7.30
CA PRO A 16 -6.38 13.82 -7.85
C PRO A 16 -7.14 14.72 -6.89
N HIS A 17 -7.52 14.17 -5.74
CA HIS A 17 -8.25 14.93 -4.72
C HIS A 17 -8.16 14.24 -3.36
N ALA A 18 -8.06 15.05 -2.31
CA ALA A 18 -7.97 14.52 -0.95
C ALA A 18 -9.34 14.44 -0.30
N ARG A 19 -10.06 15.55 -0.32
CA ARG A 19 -11.40 15.61 0.26
C ARG A 19 -12.13 14.28 0.09
N GLU A 20 -11.93 13.65 -1.06
CA GLU A 20 -12.57 12.37 -1.35
C GLU A 20 -11.68 11.21 -0.93
N GLN A 21 -12.29 10.18 -0.36
CA GLN A 21 -11.55 9.00 0.09
C GLN A 21 -10.87 8.31 -1.08
N LEU A 22 -10.25 7.17 -0.81
CA LEU A 22 -9.55 6.41 -1.84
C LEU A 22 -10.38 5.20 -2.27
N GLY A 23 -10.95 4.50 -1.31
CA GLY A 23 -11.76 3.33 -1.60
C GLY A 23 -11.25 2.08 -0.92
N PHE A 24 -9.93 2.02 -0.71
CA PHE A 24 -9.31 0.87 -0.07
C PHE A 24 -9.20 1.08 1.44
N CYS A 25 -9.78 0.14 2.20
CA CYS A 25 -9.75 0.22 3.65
C CYS A 25 -8.52 -0.48 4.22
N VAL A 26 -7.72 0.25 4.99
CA VAL A 26 -6.52 -0.31 5.59
C VAL A 26 -6.67 -0.46 7.09
N GLU A 27 -6.17 -1.59 7.63
CA GLU A 27 -6.26 -1.85 9.06
C GLU A 27 -4.90 -2.28 9.60
N ASP A 28 -4.38 -1.50 10.55
CA ASP A 28 -3.09 -1.81 11.16
C ASP A 28 -2.01 -2.00 10.10
N GLY A 29 -2.21 -1.37 8.94
CA GLY A 29 -1.25 -1.48 7.86
C GLY A 29 -1.55 -2.66 6.96
N ILE A 30 -2.78 -3.17 7.01
CA ILE A 30 -3.18 -4.30 6.19
C ILE A 30 -4.56 -4.07 5.59
N ILE A 31 -4.60 -4.00 4.25
CA ILE A 31 -5.86 -3.79 3.55
C ILE A 31 -6.82 -4.94 3.78
N CYS A 32 -8.09 -4.61 4.00
CA CYS A 32 -9.11 -5.62 4.24
C CYS A 32 -10.15 -5.62 3.12
N SER A 33 -10.73 -4.46 2.86
CA SER A 33 -11.74 -4.32 1.82
C SER A 33 -11.33 -3.27 0.79
N LEU A 34 -11.90 -3.37 -0.41
CA LEU A 34 -11.59 -2.43 -1.48
C LEU A 34 -12.86 -1.93 -2.15
N LEU A 35 -12.91 -0.62 -2.42
CA LEU A 35 -14.07 -0.01 -3.06
C LEU A 35 -14.23 -0.52 -4.48
N ARG A 36 -15.47 -0.72 -4.91
CA ARG A 36 -15.76 -1.19 -6.25
C ARG A 36 -15.76 -0.03 -7.25
N GLY A 37 -14.98 -0.19 -8.32
CA GLY A 37 -14.89 0.85 -9.33
C GLY A 37 -14.26 2.13 -8.80
N GLY A 38 -13.13 1.99 -8.12
CA GLY A 38 -12.44 3.14 -7.57
C GLY A 38 -11.04 3.29 -8.12
N ILE A 39 -10.13 3.79 -7.29
CA ILE A 39 -8.75 3.99 -7.70
C ILE A 39 -7.88 2.81 -7.29
N ALA A 40 -7.90 2.47 -6.01
CA ALA A 40 -7.13 1.35 -5.49
C ALA A 40 -7.04 0.22 -6.51
N GLU A 41 -8.20 -0.27 -6.93
CA GLU A 41 -8.25 -1.35 -7.92
C GLU A 41 -7.50 -0.98 -9.19
N ARG A 42 -7.71 0.25 -9.65
CA ARG A 42 -7.05 0.73 -10.86
C ARG A 42 -5.54 0.67 -10.71
N GLY A 43 -5.03 1.25 -9.63
CA GLY A 43 -3.60 1.25 -9.39
C GLY A 43 -3.03 -0.15 -9.29
N GLY A 44 -3.72 -1.01 -8.55
CA GLY A 44 -3.26 -2.38 -8.39
C GLY A 44 -3.31 -2.84 -6.94
N ILE A 45 -4.26 -2.32 -6.19
CA ILE A 45 -4.41 -2.67 -4.79
C ILE A 45 -5.17 -3.99 -4.63
N ARG A 46 -4.70 -4.83 -3.72
CA ARG A 46 -5.32 -6.12 -3.47
C ARG A 46 -5.46 -6.39 -1.97
N VAL A 47 -6.69 -6.43 -1.49
CA VAL A 47 -6.96 -6.67 -0.07
C VAL A 47 -6.21 -7.91 0.41
N GLY A 48 -5.92 -7.94 1.71
CA GLY A 48 -5.21 -9.08 2.29
C GLY A 48 -3.72 -8.82 2.42
N HIS A 49 -3.16 -8.09 1.46
CA HIS A 49 -1.74 -7.78 1.48
C HIS A 49 -1.42 -6.73 2.56
N ARG A 50 -0.19 -6.76 3.06
CA ARG A 50 0.23 -5.82 4.09
C ARG A 50 1.19 -4.78 3.51
N ILE A 51 0.98 -3.52 3.90
CA ILE A 51 1.83 -2.44 3.42
C ILE A 51 3.15 -2.39 4.18
N ILE A 52 4.24 -2.18 3.45
CA ILE A 52 5.56 -2.11 4.06
C ILE A 52 6.25 -0.79 3.73
N GLU A 53 5.79 -0.13 2.67
CA GLU A 53 6.36 1.15 2.25
C GLU A 53 5.30 2.00 1.54
N ILE A 54 5.49 3.31 1.61
CA ILE A 54 4.57 4.24 0.97
C ILE A 54 5.26 5.55 0.60
N ASN A 55 4.97 6.06 -0.60
CA ASN A 55 5.56 7.30 -1.07
C ASN A 55 7.07 7.30 -0.83
N GLY A 56 7.67 6.12 -0.86
CA GLY A 56 9.10 6.00 -0.65
C GLY A 56 9.48 6.12 0.82
N GLN A 57 8.67 5.52 1.69
CA GLN A 57 8.93 5.56 3.12
C GLN A 57 8.59 4.22 3.77
N SER A 58 9.54 3.68 4.54
CA SER A 58 9.34 2.41 5.21
C SER A 58 8.30 2.53 6.32
N VAL A 59 7.22 1.77 6.20
CA VAL A 59 6.15 1.79 7.20
C VAL A 59 5.78 0.39 7.64
N VAL A 60 6.72 -0.54 7.51
CA VAL A 60 6.50 -1.92 7.91
C VAL A 60 6.19 -2.03 9.40
N ALA A 61 6.79 -1.14 10.18
CA ALA A 61 6.57 -1.14 11.63
C ALA A 61 5.69 0.03 12.05
N THR A 62 5.87 1.17 11.38
CA THR A 62 5.09 2.36 11.69
C THR A 62 3.62 2.01 11.94
N PRO A 63 3.04 2.65 12.97
CA PRO A 63 1.64 2.43 13.34
C PRO A 63 0.67 2.98 12.30
N HIS A 64 -0.46 2.29 12.12
CA HIS A 64 -1.46 2.71 11.16
C HIS A 64 -1.73 4.21 11.26
N ALA A 65 -2.03 4.67 12.47
CA ALA A 65 -2.30 6.08 12.71
C ALA A 65 -1.39 6.96 11.84
N ARG A 66 -0.09 6.74 11.95
CA ARG A 66 0.88 7.52 11.19
C ARG A 66 0.75 7.22 9.70
N ILE A 67 0.62 5.95 9.37
CA ILE A 67 0.50 5.53 7.97
C ILE A 67 -0.59 6.32 7.26
N ILE A 68 -1.72 6.51 7.93
CA ILE A 68 -2.84 7.26 7.37
C ILE A 68 -2.45 8.70 7.10
N GLU A 69 -1.86 9.35 8.10
CA GLU A 69 -1.44 10.74 7.97
C GLU A 69 -0.52 10.92 6.77
N LEU A 70 0.30 9.91 6.49
CA LEU A 70 1.22 9.95 5.38
C LEU A 70 0.48 9.82 4.05
N LEU A 71 -0.11 8.65 3.81
CA LEU A 71 -0.84 8.40 2.57
C LEU A 71 -1.70 9.60 2.21
N THR A 72 -2.36 10.19 3.20
CA THR A 72 -3.21 11.35 2.98
C THR A 72 -2.39 12.56 2.56
N GLU A 73 -1.30 12.81 3.28
CA GLU A 73 -0.43 13.94 2.98
C GLU A 73 0.12 13.84 1.57
N ALA A 74 0.00 12.65 0.97
CA ALA A 74 0.49 12.42 -0.38
C ALA A 74 -0.66 12.40 -1.38
N TYR A 75 -0.61 13.31 -2.35
CA TYR A 75 -1.65 13.39 -3.38
C TYR A 75 -1.08 13.05 -4.75
N GLY A 76 -1.98 12.75 -5.69
CA GLY A 76 -1.56 12.41 -7.04
C GLY A 76 -0.87 11.05 -7.11
N GLU A 77 0.38 11.05 -7.57
CA GLU A 77 1.13 9.81 -7.68
C GLU A 77 1.58 9.31 -6.32
N VAL A 78 1.06 8.16 -5.91
CA VAL A 78 1.40 7.58 -4.62
C VAL A 78 1.95 6.17 -4.79
N HIS A 79 3.26 6.03 -4.64
CA HIS A 79 3.92 4.73 -4.77
C HIS A 79 3.69 3.87 -3.53
N ILE A 80 2.75 2.93 -3.63
CA ILE A 80 2.44 2.05 -2.52
C ILE A 80 3.03 0.66 -2.72
N LYS A 81 3.89 0.25 -1.79
CA LYS A 81 4.53 -1.06 -1.87
C LYS A 81 3.78 -2.09 -1.03
N THR A 82 3.11 -3.01 -1.72
CA THR A 82 2.35 -4.06 -1.04
C THR A 82 3.17 -5.34 -0.91
N MET A 83 2.96 -6.05 0.19
CA MET A 83 3.67 -7.30 0.44
C MET A 83 2.89 -8.20 1.38
N PRO A 84 2.82 -9.50 1.05
CA PRO A 84 2.10 -10.49 1.85
C PRO A 84 2.79 -10.77 3.18
N ALA A 85 2.04 -10.65 4.26
CA ALA A 85 2.57 -10.89 5.60
C ALA A 85 3.35 -12.20 5.65
N ALA A 86 2.76 -13.26 5.09
CA ALA A 86 3.39 -14.57 5.07
C ALA A 86 4.85 -14.47 4.63
N THR A 87 5.05 -14.10 3.37
CA THR A 87 6.40 -13.96 2.84
C THR A 87 7.32 -13.24 3.80
N TYR A 88 6.94 -12.02 4.16
CA TYR A 88 7.73 -11.21 5.09
C TYR A 88 8.16 -12.03 6.31
N ARG A 89 7.16 -12.44 7.10
CA ARG A 89 7.42 -13.23 8.30
C ARG A 89 8.41 -14.36 8.01
N LEU A 90 8.30 -14.95 6.82
CA LEU A 90 9.18 -16.03 6.42
C LEU A 90 10.58 -15.50 6.08
N LEU A 91 10.63 -14.28 5.58
CA LEU A 91 11.90 -13.66 5.22
C LEU A 91 12.72 -13.34 6.46
N THR A 92 12.06 -12.80 7.49
CA THR A 92 12.73 -12.45 8.73
C THR A 92 12.74 -13.64 9.70
N GLY A 93 12.61 -14.84 9.16
CA GLY A 93 12.61 -16.03 9.98
C GLY A 93 13.93 -16.26 10.68
N GLN A 94 13.93 -16.19 12.01
CA GLN A 94 15.14 -16.39 12.79
C GLN A 94 15.72 -17.78 12.54
N GLY A 1 16.92 -20.66 -13.31
CA GLY A 1 16.35 -19.34 -13.21
C GLY A 1 14.98 -19.25 -13.85
N SER A 2 13.97 -18.91 -13.05
CA SER A 2 12.61 -18.80 -13.56
C SER A 2 12.11 -17.37 -13.44
N SER A 3 11.94 -16.71 -14.59
CA SER A 3 11.47 -15.33 -14.63
C SER A 3 9.95 -15.28 -14.75
N GLY A 4 9.31 -14.58 -13.81
CA GLY A 4 7.87 -14.47 -13.82
C GLY A 4 7.40 -13.07 -13.48
N SER A 5 7.86 -12.55 -12.34
CA SER A 5 7.46 -11.22 -11.91
C SER A 5 8.39 -10.72 -10.80
N SER A 6 8.21 -9.47 -10.40
CA SER A 6 9.03 -8.88 -9.35
C SER A 6 8.84 -9.61 -8.03
N GLY A 7 9.63 -9.22 -7.03
CA GLY A 7 9.53 -9.85 -5.73
C GLY A 7 8.44 -9.24 -4.86
N VAL A 8 8.40 -7.92 -4.83
CA VAL A 8 7.40 -7.21 -4.03
C VAL A 8 6.31 -6.62 -4.92
N THR A 9 5.08 -6.66 -4.44
CA THR A 9 3.94 -6.13 -5.19
C THR A 9 3.89 -4.61 -5.10
N THR A 10 4.25 -3.94 -6.19
CA THR A 10 4.25 -2.49 -6.23
C THR A 10 2.97 -1.96 -6.89
N ALA A 11 2.24 -1.13 -6.16
CA ALA A 11 1.00 -0.55 -6.67
C ALA A 11 1.02 0.96 -6.59
N ILE A 12 0.56 1.63 -7.64
CA ILE A 12 0.52 3.08 -7.68
C ILE A 12 -0.90 3.60 -7.75
N ILE A 13 -1.20 4.63 -6.96
CA ILE A 13 -2.52 5.22 -6.94
C ILE A 13 -2.50 6.66 -7.46
N HIS A 14 -3.59 7.06 -8.11
CA HIS A 14 -3.69 8.41 -8.66
C HIS A 14 -4.69 9.24 -7.86
N ARG A 15 -4.19 10.08 -6.97
CA ARG A 15 -5.04 10.93 -6.15
C ARG A 15 -4.83 12.40 -6.49
N PRO A 16 -5.64 12.90 -7.44
CA PRO A 16 -5.58 14.30 -7.89
C PRO A 16 -6.06 15.27 -6.82
N HIS A 17 -7.06 14.85 -6.05
CA HIS A 17 -7.61 15.69 -4.99
C HIS A 17 -7.43 15.03 -3.62
N ALA A 18 -7.30 15.84 -2.58
CA ALA A 18 -7.12 15.33 -1.23
C ALA A 18 -8.47 15.11 -0.54
N ARG A 19 -9.45 15.93 -0.91
CA ARG A 19 -10.78 15.83 -0.32
C ARG A 19 -11.62 14.77 -1.05
N GLU A 20 -10.93 13.77 -1.59
CA GLU A 20 -11.60 12.70 -2.31
C GLU A 20 -11.33 11.34 -1.66
N GLN A 21 -12.38 10.54 -1.51
CA GLN A 21 -12.26 9.22 -0.90
C GLN A 21 -11.13 8.43 -1.54
N LEU A 22 -10.79 7.29 -0.94
CA LEU A 22 -9.72 6.44 -1.45
C LEU A 22 -10.29 5.19 -2.11
N GLY A 23 -11.06 4.42 -1.35
CA GLY A 23 -11.65 3.21 -1.88
C GLY A 23 -11.22 1.97 -1.11
N PHE A 24 -9.94 1.92 -0.75
CA PHE A 24 -9.40 0.79 -0.01
C PHE A 24 -9.34 1.09 1.48
N CYS A 25 -9.65 0.08 2.29
CA CYS A 25 -9.63 0.23 3.75
C CYS A 25 -8.43 -0.49 4.35
N VAL A 26 -7.64 0.25 5.11
CA VAL A 26 -6.45 -0.31 5.75
C VAL A 26 -6.66 -0.48 7.25
N GLU A 27 -6.38 -1.68 7.75
CA GLU A 27 -6.54 -1.98 9.18
C GLU A 27 -5.25 -2.56 9.75
N ASP A 28 -4.59 -1.77 10.60
CA ASP A 28 -3.35 -2.21 11.23
C ASP A 28 -2.26 -2.42 10.19
N GLY A 29 -2.30 -1.62 9.12
CA GLY A 29 -1.30 -1.74 8.07
C GLY A 29 -1.61 -2.88 7.13
N ILE A 30 -2.85 -3.35 7.14
CA ILE A 30 -3.26 -4.45 6.27
C ILE A 30 -4.64 -4.19 5.68
N ILE A 31 -4.68 -4.01 4.36
CA ILE A 31 -5.93 -3.74 3.66
C ILE A 31 -6.90 -4.91 3.82
N CYS A 32 -8.18 -4.60 3.94
CA CYS A 32 -9.21 -5.63 4.08
C CYS A 32 -10.24 -5.54 2.97
N SER A 33 -10.70 -4.32 2.70
CA SER A 33 -11.70 -4.09 1.65
C SER A 33 -11.16 -3.16 0.58
N LEU A 34 -11.73 -3.25 -0.62
CA LEU A 34 -11.31 -2.42 -1.74
C LEU A 34 -12.50 -1.98 -2.57
N LEU A 35 -12.59 -0.67 -2.84
CA LEU A 35 -13.68 -0.12 -3.62
C LEU A 35 -13.61 -0.60 -5.07
N ARG A 36 -14.46 -1.58 -5.41
CA ARG A 36 -14.49 -2.13 -6.75
C ARG A 36 -14.90 -1.06 -7.76
N GLY A 37 -14.02 -0.79 -8.72
CA GLY A 37 -14.31 0.20 -9.74
C GLY A 37 -13.92 1.60 -9.30
N GLY A 38 -12.74 1.73 -8.71
CA GLY A 38 -12.27 3.02 -8.26
C GLY A 38 -10.85 3.30 -8.69
N ILE A 39 -10.08 3.96 -7.82
CA ILE A 39 -8.69 4.28 -8.12
C ILE A 39 -7.76 3.15 -7.70
N ALA A 40 -7.88 2.71 -6.45
CA ALA A 40 -7.05 1.64 -5.93
C ALA A 40 -7.00 0.46 -6.91
N GLU A 41 -8.14 -0.21 -7.08
CA GLU A 41 -8.23 -1.35 -7.97
C GLU A 41 -7.47 -1.08 -9.28
N ARG A 42 -7.62 0.14 -9.79
CA ARG A 42 -6.95 0.54 -11.03
C ARG A 42 -5.44 0.62 -10.82
N GLY A 43 -5.03 1.09 -9.65
CA GLY A 43 -3.62 1.22 -9.35
C GLY A 43 -2.93 -0.13 -9.22
N GLY A 44 -3.53 -1.02 -8.45
CA GLY A 44 -2.94 -2.33 -8.26
C GLY A 44 -2.92 -2.75 -6.80
N ILE A 45 -3.93 -2.32 -6.05
CA ILE A 45 -4.01 -2.65 -4.63
C ILE A 45 -4.76 -3.96 -4.42
N ARG A 46 -4.23 -4.80 -3.55
CA ARG A 46 -4.85 -6.10 -3.25
C ARG A 46 -5.06 -6.26 -1.76
N VAL A 47 -6.31 -6.43 -1.35
CA VAL A 47 -6.65 -6.61 0.05
C VAL A 47 -5.94 -7.82 0.65
N GLY A 48 -5.56 -7.71 1.92
CA GLY A 48 -4.87 -8.80 2.57
C GLY A 48 -3.36 -8.61 2.61
N HIS A 49 -2.84 -7.89 1.62
CA HIS A 49 -1.41 -7.63 1.53
C HIS A 49 -0.99 -6.60 2.59
N ARG A 50 0.12 -6.89 3.26
CA ARG A 50 0.63 -6.00 4.30
C ARG A 50 1.58 -4.96 3.70
N ILE A 51 1.41 -3.71 4.10
CA ILE A 51 2.25 -2.62 3.60
C ILE A 51 3.60 -2.61 4.31
N ILE A 52 4.66 -2.31 3.56
CA ILE A 52 6.01 -2.26 4.11
C ILE A 52 6.66 -0.90 3.86
N GLU A 53 6.18 -0.22 2.82
CA GLU A 53 6.72 1.10 2.48
C GLU A 53 5.69 1.92 1.72
N ILE A 54 5.61 3.21 2.05
CA ILE A 54 4.67 4.10 1.40
C ILE A 54 5.34 5.41 0.99
N ASN A 55 5.09 5.83 -0.25
CA ASN A 55 5.68 7.06 -0.77
C ASN A 55 7.16 7.15 -0.44
N GLY A 56 7.82 5.99 -0.42
CA GLY A 56 9.24 5.95 -0.11
C GLY A 56 9.52 6.17 1.36
N GLN A 57 8.72 5.54 2.22
CA GLN A 57 8.90 5.66 3.66
C GLN A 57 8.56 4.36 4.37
N SER A 58 9.55 3.79 5.05
CA SER A 58 9.36 2.53 5.77
C SER A 58 8.20 2.65 6.76
N VAL A 59 7.23 1.74 6.63
CA VAL A 59 6.08 1.74 7.51
C VAL A 59 5.98 0.44 8.30
N VAL A 60 6.79 -0.55 7.90
CA VAL A 60 6.80 -1.84 8.57
C VAL A 60 6.76 -1.68 10.08
N ALA A 61 7.22 -0.53 10.56
CA ALA A 61 7.24 -0.24 11.98
C ALA A 61 6.33 0.93 12.32
N THR A 62 6.37 1.97 11.49
CA THR A 62 5.55 3.15 11.70
C THR A 62 4.15 2.77 12.18
N PRO A 63 3.63 3.55 13.15
CA PRO A 63 2.30 3.32 13.72
C PRO A 63 1.18 3.63 12.73
N HIS A 64 0.15 2.79 12.73
CA HIS A 64 -0.98 2.98 11.82
C HIS A 64 -1.33 4.46 11.69
N ALA A 65 -1.49 5.13 12.82
CA ALA A 65 -1.82 6.54 12.83
C ALA A 65 -1.07 7.30 11.74
N ARG A 66 0.24 7.38 11.89
CA ARG A 66 1.08 8.07 10.92
C ARG A 66 0.78 7.60 9.50
N ILE A 67 0.85 6.28 9.30
CA ILE A 67 0.58 5.70 7.99
C ILE A 67 -0.64 6.34 7.35
N ILE A 68 -1.68 6.56 8.14
CA ILE A 68 -2.91 7.18 7.64
C ILE A 68 -2.67 8.62 7.22
N GLU A 69 -1.83 9.32 7.97
CA GLU A 69 -1.52 10.71 7.68
C GLU A 69 -0.66 10.82 6.43
N LEU A 70 0.32 9.93 6.31
CA LEU A 70 1.22 9.92 5.15
C LEU A 70 0.45 9.60 3.87
N LEU A 71 -0.14 8.41 3.83
CA LEU A 71 -0.90 7.98 2.65
C LEU A 71 -1.84 9.07 2.19
N THR A 72 -2.64 9.60 3.12
CA THR A 72 -3.59 10.66 2.80
C THR A 72 -2.87 11.91 2.29
N GLU A 73 -1.84 12.33 3.01
CA GLU A 73 -1.07 13.51 2.64
C GLU A 73 -0.51 13.36 1.23
N ALA A 74 -0.19 12.13 0.85
CA ALA A 74 0.36 11.85 -0.47
C ALA A 74 -0.65 12.19 -1.57
N TYR A 75 -0.28 13.14 -2.43
CA TYR A 75 -1.16 13.56 -3.51
C TYR A 75 -0.64 13.07 -4.85
N GLY A 76 -1.43 13.26 -5.90
CA GLY A 76 -1.03 12.83 -7.23
C GLY A 76 -0.53 11.41 -7.24
N GLU A 77 0.74 11.23 -7.61
CA GLU A 77 1.34 9.91 -7.66
C GLU A 77 1.59 9.36 -6.25
N VAL A 78 0.95 8.23 -5.94
CA VAL A 78 1.10 7.61 -4.64
C VAL A 78 1.63 6.18 -4.77
N HIS A 79 2.94 6.02 -4.59
CA HIS A 79 3.56 4.71 -4.68
C HIS A 79 3.38 3.92 -3.40
N ILE A 80 2.65 2.82 -3.48
CA ILE A 80 2.40 1.97 -2.31
C ILE A 80 2.96 0.57 -2.52
N LYS A 81 3.97 0.21 -1.72
CA LYS A 81 4.59 -1.10 -1.81
C LYS A 81 3.84 -2.12 -0.94
N THR A 82 3.09 -3.00 -1.60
CA THR A 82 2.33 -4.02 -0.88
C THR A 82 3.08 -5.34 -0.86
N MET A 83 2.91 -6.08 0.24
CA MET A 83 3.58 -7.38 0.38
C MET A 83 2.77 -8.30 1.28
N PRO A 84 2.69 -9.58 0.91
CA PRO A 84 1.96 -10.60 1.66
C PRO A 84 2.63 -10.92 3.00
N ALA A 85 1.96 -10.61 4.10
CA ALA A 85 2.49 -10.87 5.42
C ALA A 85 3.22 -12.21 5.47
N ALA A 86 2.66 -13.20 4.79
CA ALA A 86 3.27 -14.52 4.74
C ALA A 86 4.72 -14.45 4.32
N THR A 87 4.95 -14.10 3.05
CA THR A 87 6.31 -14.00 2.52
C THR A 87 7.19 -13.14 3.42
N TYR A 88 6.78 -11.89 3.61
CA TYR A 88 7.54 -10.96 4.45
C TYR A 88 8.01 -11.65 5.74
N ARG A 89 7.05 -12.13 6.52
CA ARG A 89 7.35 -12.80 7.77
C ARG A 89 8.42 -13.87 7.56
N LEU A 90 8.22 -14.71 6.57
CA LEU A 90 9.17 -15.79 6.26
C LEU A 90 10.56 -15.22 6.00
N LEU A 91 10.61 -14.10 5.28
CA LEU A 91 11.87 -13.45 4.95
C LEU A 91 12.54 -12.90 6.21
N THR A 92 11.75 -12.29 7.08
CA THR A 92 12.26 -11.73 8.32
C THR A 92 12.68 -12.82 9.30
N GLY A 93 11.99 -13.96 9.23
CA GLY A 93 12.31 -15.07 10.12
C GLY A 93 13.24 -16.08 9.47
N GLN A 94 12.96 -17.36 9.71
CA GLN A 94 13.79 -18.42 9.15
C GLN A 94 15.27 -18.09 9.24
N GLY A 1 12.89 -7.06 -6.29
CA GLY A 1 13.26 -8.44 -6.55
C GLY A 1 14.63 -8.79 -6.00
N SER A 2 14.67 -9.69 -5.03
CA SER A 2 15.94 -10.10 -4.42
C SER A 2 16.18 -11.58 -4.65
N SER A 3 17.36 -11.90 -5.19
CA SER A 3 17.72 -13.29 -5.46
C SER A 3 16.52 -14.08 -5.99
N GLY A 4 15.77 -13.46 -6.90
CA GLY A 4 14.61 -14.11 -7.46
C GLY A 4 13.99 -13.31 -8.59
N SER A 5 12.73 -12.91 -8.40
CA SER A 5 12.02 -12.13 -9.40
C SER A 5 10.67 -11.65 -8.86
N SER A 6 10.23 -10.49 -9.32
CA SER A 6 8.96 -9.92 -8.88
C SER A 6 8.71 -10.22 -7.41
N GLY A 7 9.78 -10.20 -6.61
CA GLY A 7 9.65 -10.47 -5.19
C GLY A 7 8.65 -9.56 -4.51
N VAL A 8 8.90 -8.26 -4.57
CA VAL A 8 8.01 -7.29 -3.95
C VAL A 8 7.06 -6.69 -4.98
N THR A 9 5.81 -6.48 -4.56
CA THR A 9 4.79 -5.92 -5.44
C THR A 9 4.60 -4.43 -5.19
N THR A 10 4.58 -3.64 -6.25
CA THR A 10 4.41 -2.19 -6.13
C THR A 10 3.12 -1.74 -6.81
N ALA A 11 2.41 -0.82 -6.17
CA ALA A 11 1.17 -0.29 -6.71
C ALA A 11 1.19 1.22 -6.77
N ILE A 12 0.54 1.79 -7.79
CA ILE A 12 0.48 3.23 -7.95
C ILE A 12 -0.97 3.72 -7.99
N ILE A 13 -1.27 4.71 -7.16
CA ILE A 13 -2.61 5.27 -7.11
C ILE A 13 -2.63 6.71 -7.63
N HIS A 14 -3.82 7.17 -8.02
CA HIS A 14 -3.97 8.53 -8.54
C HIS A 14 -4.87 9.36 -7.63
N ARG A 15 -4.25 10.22 -6.83
CA ARG A 15 -5.00 11.07 -5.91
C ARG A 15 -4.89 12.54 -6.33
N PRO A 16 -5.79 12.97 -7.23
CA PRO A 16 -5.82 14.35 -7.71
C PRO A 16 -6.27 15.35 -6.65
N HIS A 17 -7.12 14.88 -5.74
CA HIS A 17 -7.62 15.72 -4.66
C HIS A 17 -7.28 15.13 -3.30
N ALA A 18 -7.05 16.00 -2.32
CA ALA A 18 -6.72 15.56 -0.97
C ALA A 18 -7.98 15.30 -0.15
N ARG A 19 -9.01 16.08 -0.39
CA ARG A 19 -10.28 15.94 0.33
C ARG A 19 -11.14 14.85 -0.31
N GLU A 20 -10.49 13.90 -0.96
CA GLU A 20 -11.20 12.80 -1.62
C GLU A 20 -10.74 11.46 -1.08
N GLN A 21 -11.70 10.59 -0.77
CA GLN A 21 -11.39 9.27 -0.23
C GLN A 21 -10.55 8.46 -1.23
N LEU A 22 -10.09 7.29 -0.80
CA LEU A 22 -9.28 6.43 -1.64
C LEU A 22 -10.09 5.24 -2.14
N GLY A 23 -10.68 4.49 -1.20
CA GLY A 23 -11.47 3.33 -1.56
C GLY A 23 -11.06 2.09 -0.81
N PHE A 24 -9.76 1.93 -0.58
CA PHE A 24 -9.24 0.77 0.13
C PHE A 24 -9.11 1.06 1.62
N CYS A 25 -9.59 0.14 2.44
CA CYS A 25 -9.55 0.30 3.89
C CYS A 25 -8.35 -0.45 4.48
N VAL A 26 -7.58 0.23 5.32
CA VAL A 26 -6.41 -0.37 5.94
C VAL A 26 -6.67 -0.64 7.42
N GLU A 27 -6.20 -1.80 7.90
CA GLU A 27 -6.38 -2.17 9.29
C GLU A 27 -5.10 -2.78 9.85
N ASP A 28 -4.39 -2.01 10.67
CA ASP A 28 -3.15 -2.47 11.28
C ASP A 28 -2.04 -2.54 10.24
N GLY A 29 -2.14 -1.72 9.20
CA GLY A 29 -1.14 -1.71 8.16
C GLY A 29 -1.41 -2.74 7.08
N ILE A 30 -2.61 -3.30 7.09
CA ILE A 30 -2.99 -4.30 6.11
C ILE A 30 -4.38 -4.03 5.55
N ILE A 31 -4.48 -3.92 4.23
CA ILE A 31 -5.76 -3.66 3.58
C ILE A 31 -6.70 -4.85 3.74
N CYS A 32 -7.98 -4.55 3.95
CA CYS A 32 -8.99 -5.59 4.12
C CYS A 32 -10.04 -5.51 3.01
N SER A 33 -10.70 -4.37 2.91
CA SER A 33 -11.73 -4.18 1.89
C SER A 33 -11.28 -3.17 0.85
N LEU A 34 -11.88 -3.23 -0.33
CA LEU A 34 -11.54 -2.32 -1.42
C LEU A 34 -12.81 -1.77 -2.09
N LEU A 35 -12.83 -0.46 -2.29
CA LEU A 35 -13.98 0.19 -2.91
C LEU A 35 -14.11 -0.22 -4.38
N ARG A 36 -15.35 -0.30 -4.85
CA ARG A 36 -15.61 -0.70 -6.23
C ARG A 36 -15.48 0.50 -7.17
N GLY A 37 -15.01 0.26 -8.38
CA GLY A 37 -14.85 1.34 -9.35
C GLY A 37 -14.18 2.55 -8.75
N GLY A 38 -13.10 2.33 -8.00
CA GLY A 38 -12.39 3.43 -7.39
C GLY A 38 -11.01 3.63 -7.97
N ILE A 39 -10.20 4.45 -7.32
CA ILE A 39 -8.85 4.72 -7.79
C ILE A 39 -7.91 3.57 -7.45
N ALA A 40 -8.06 3.01 -6.26
CA ALA A 40 -7.22 1.91 -5.81
C ALA A 40 -7.28 0.75 -6.81
N GLU A 41 -8.43 0.09 -6.88
CA GLU A 41 -8.62 -1.04 -7.79
C GLU A 41 -7.88 -0.80 -9.10
N ARG A 42 -7.92 0.43 -9.58
CA ARG A 42 -7.26 0.79 -10.83
C ARG A 42 -5.74 0.76 -10.67
N GLY A 43 -5.25 1.39 -9.60
CA GLY A 43 -3.82 1.42 -9.36
C GLY A 43 -3.21 0.04 -9.29
N GLY A 44 -3.88 -0.86 -8.57
CA GLY A 44 -3.38 -2.22 -8.44
C GLY A 44 -3.34 -2.68 -7.00
N ILE A 45 -4.21 -2.10 -6.17
CA ILE A 45 -4.27 -2.46 -4.75
C ILE A 45 -5.02 -3.77 -4.55
N ARG A 46 -4.44 -4.65 -3.75
CA ARG A 46 -5.06 -5.95 -3.47
C ARG A 46 -5.15 -6.20 -1.96
N VAL A 47 -6.38 -6.33 -1.46
CA VAL A 47 -6.59 -6.57 -0.03
C VAL A 47 -5.78 -7.77 0.45
N GLY A 48 -5.68 -7.90 1.77
CA GLY A 48 -4.93 -9.01 2.35
C GLY A 48 -3.44 -8.72 2.41
N HIS A 49 -2.94 -7.99 1.42
CA HIS A 49 -1.51 -7.65 1.37
C HIS A 49 -1.17 -6.60 2.43
N ARG A 50 0.02 -6.71 3.01
CA ARG A 50 0.45 -5.78 4.04
C ARG A 50 1.40 -4.73 3.44
N ILE A 51 1.34 -3.52 3.99
CA ILE A 51 2.18 -2.43 3.52
C ILE A 51 3.49 -2.37 4.28
N ILE A 52 4.60 -2.30 3.55
CA ILE A 52 5.92 -2.24 4.16
C ILE A 52 6.59 -0.90 3.90
N GLU A 53 6.13 -0.21 2.85
CA GLU A 53 6.69 1.09 2.49
C GLU A 53 5.70 1.87 1.62
N ILE A 54 5.69 3.19 1.80
CA ILE A 54 4.81 4.06 1.04
C ILE A 54 5.51 5.37 0.65
N ASN A 55 5.46 5.69 -0.63
CA ASN A 55 6.07 6.91 -1.13
C ASN A 55 7.56 6.96 -0.76
N GLY A 56 8.17 5.79 -0.63
CA GLY A 56 9.57 5.72 -0.26
C GLY A 56 9.80 5.89 1.22
N GLN A 57 8.76 5.63 2.01
CA GLN A 57 8.86 5.76 3.46
C GLN A 57 8.55 4.42 4.15
N SER A 58 9.51 3.93 4.92
CA SER A 58 9.35 2.66 5.63
C SER A 58 8.21 2.74 6.63
N VAL A 59 7.17 1.95 6.39
CA VAL A 59 6.01 1.93 7.28
C VAL A 59 5.97 0.65 8.10
N VAL A 60 6.79 -0.32 7.72
CA VAL A 60 6.85 -1.59 8.42
C VAL A 60 6.91 -1.38 9.93
N ALA A 61 7.39 -0.21 10.34
CA ALA A 61 7.49 0.12 11.76
C ALA A 61 6.54 1.25 12.13
N THR A 62 6.33 2.17 11.19
CA THR A 62 5.44 3.30 11.42
C THR A 62 4.10 2.85 11.99
N PRO A 63 3.58 3.61 12.96
CA PRO A 63 2.29 3.30 13.60
C PRO A 63 1.11 3.52 12.66
N HIS A 64 0.12 2.63 12.74
CA HIS A 64 -1.06 2.73 11.90
C HIS A 64 -1.47 4.19 11.70
N ALA A 65 -1.59 4.92 12.80
CA ALA A 65 -1.97 6.32 12.73
C ALA A 65 -1.27 7.04 11.59
N ARG A 66 0.06 7.15 11.69
CA ARG A 66 0.85 7.81 10.66
C ARG A 66 0.54 7.22 9.29
N ILE A 67 0.67 5.91 9.17
CA ILE A 67 0.41 5.22 7.90
C ILE A 67 -0.78 5.85 7.18
N ILE A 68 -1.76 6.31 7.95
CA ILE A 68 -2.95 6.93 7.38
C ILE A 68 -2.66 8.35 6.93
N GLU A 69 -2.09 9.15 7.82
CA GLU A 69 -1.77 10.54 7.50
C GLU A 69 -0.84 10.61 6.29
N LEU A 70 0.22 9.82 6.32
CA LEU A 70 1.19 9.80 5.23
C LEU A 70 0.50 9.52 3.90
N LEU A 71 -0.09 8.34 3.78
CA LEU A 71 -0.79 7.94 2.56
C LEU A 71 -1.72 9.05 2.09
N THR A 72 -2.58 9.52 3.00
CA THR A 72 -3.53 10.58 2.68
C THR A 72 -2.81 11.81 2.15
N GLU A 73 -1.76 12.23 2.84
CA GLU A 73 -1.00 13.40 2.44
C GLU A 73 -0.49 13.25 1.01
N ALA A 74 -0.14 12.03 0.63
CA ALA A 74 0.35 11.76 -0.71
C ALA A 74 -0.66 12.21 -1.77
N TYR A 75 -0.23 13.10 -2.65
CA TYR A 75 -1.09 13.62 -3.70
C TYR A 75 -0.64 13.11 -5.07
N GLY A 76 -1.47 13.35 -6.09
CA GLY A 76 -1.13 12.92 -7.43
C GLY A 76 -0.61 11.49 -7.46
N GLU A 77 0.62 11.33 -7.93
CA GLU A 77 1.24 10.01 -8.02
C GLU A 77 1.62 9.49 -6.63
N VAL A 78 0.98 8.39 -6.24
CA VAL A 78 1.25 7.79 -4.93
C VAL A 78 1.85 6.40 -5.08
N HIS A 79 2.98 6.17 -4.40
CA HIS A 79 3.66 4.88 -4.46
C HIS A 79 3.34 4.04 -3.22
N ILE A 80 2.93 2.80 -3.45
CA ILE A 80 2.59 1.90 -2.35
C ILE A 80 3.21 0.52 -2.56
N LYS A 81 4.09 0.12 -1.64
CA LYS A 81 4.74 -1.17 -1.73
C LYS A 81 3.99 -2.22 -0.90
N THR A 82 3.30 -3.12 -1.59
CA THR A 82 2.54 -4.16 -0.93
C THR A 82 3.35 -5.45 -0.83
N MET A 83 3.10 -6.22 0.23
CA MET A 83 3.81 -7.48 0.44
C MET A 83 2.96 -8.45 1.25
N PRO A 84 2.95 -9.73 0.83
CA PRO A 84 2.19 -10.77 1.52
C PRO A 84 2.77 -11.12 2.88
N ALA A 85 1.98 -10.89 3.93
CA ALA A 85 2.42 -11.18 5.29
C ALA A 85 3.19 -12.50 5.35
N ALA A 86 2.69 -13.50 4.64
CA ALA A 86 3.32 -14.81 4.61
C ALA A 86 4.82 -14.68 4.31
N THR A 87 5.14 -14.25 3.10
CA THR A 87 6.54 -14.09 2.70
C THR A 87 7.30 -13.22 3.69
N TYR A 88 6.87 -11.97 3.83
CA TYR A 88 7.51 -11.03 4.74
C TYR A 88 7.87 -11.72 6.05
N ARG A 89 6.85 -12.09 6.82
CA ARG A 89 7.05 -12.74 8.11
C ARG A 89 8.05 -13.90 7.97
N LEU A 90 7.91 -14.67 6.90
CA LEU A 90 8.79 -15.80 6.65
C LEU A 90 10.24 -15.34 6.48
N LEU A 91 10.41 -14.18 5.86
CA LEU A 91 11.74 -13.62 5.63
C LEU A 91 12.36 -13.14 6.94
N THR A 92 11.56 -12.46 7.76
CA THR A 92 12.04 -11.95 9.04
C THR A 92 12.28 -13.09 10.02
N GLY A 93 11.63 -14.22 9.79
CA GLY A 93 11.78 -15.37 10.67
C GLY A 93 12.41 -16.56 9.97
N GLN A 94 12.03 -17.76 10.36
CA GLN A 94 12.56 -18.98 9.78
C GLN A 94 11.81 -19.32 8.49
N GLY A 1 18.04 -12.74 -23.02
CA GLY A 1 18.22 -12.72 -21.59
C GLY A 1 17.37 -11.67 -20.91
N SER A 2 16.20 -12.09 -20.41
CA SER A 2 15.30 -11.16 -19.74
C SER A 2 15.67 -10.99 -18.27
N SER A 3 15.85 -9.74 -17.86
CA SER A 3 16.22 -9.44 -16.48
C SER A 3 15.24 -10.07 -15.50
N GLY A 4 13.97 -9.71 -15.63
CA GLY A 4 12.96 -10.25 -14.74
C GLY A 4 12.95 -9.59 -13.37
N SER A 5 11.95 -8.75 -13.12
CA SER A 5 11.84 -8.05 -11.85
C SER A 5 10.63 -8.55 -11.06
N SER A 6 10.88 -9.48 -10.14
CA SER A 6 9.80 -10.04 -9.32
C SER A 6 10.20 -10.05 -7.84
N GLY A 7 9.21 -10.11 -6.97
CA GLY A 7 9.47 -10.13 -5.54
C GLY A 7 8.44 -9.35 -4.76
N VAL A 8 8.59 -8.04 -4.73
CA VAL A 8 7.67 -7.17 -4.01
C VAL A 8 6.66 -6.52 -4.96
N THR A 9 5.37 -6.67 -4.63
CA THR A 9 4.32 -6.11 -5.45
C THR A 9 4.13 -4.62 -5.18
N THR A 10 4.40 -3.80 -6.18
CA THR A 10 4.27 -2.35 -6.05
C THR A 10 3.05 -1.84 -6.82
N ALA A 11 2.27 -0.99 -6.16
CA ALA A 11 1.08 -0.42 -6.77
C ALA A 11 1.07 1.10 -6.67
N ILE A 12 0.63 1.77 -7.73
CA ILE A 12 0.57 3.22 -7.75
C ILE A 12 -0.87 3.71 -7.77
N ILE A 13 -1.15 4.74 -6.97
CA ILE A 13 -2.49 5.30 -6.90
C ILE A 13 -2.52 6.72 -7.46
N HIS A 14 -3.58 7.04 -8.19
CA HIS A 14 -3.73 8.36 -8.79
C HIS A 14 -4.82 9.16 -8.08
N ARG A 15 -4.39 10.08 -7.21
CA ARG A 15 -5.32 10.91 -6.46
C ARG A 15 -5.26 12.36 -6.92
N PRO A 16 -5.96 12.65 -8.03
CA PRO A 16 -5.99 14.01 -8.61
C PRO A 16 -6.77 14.99 -7.73
N HIS A 17 -7.46 14.46 -6.73
CA HIS A 17 -8.25 15.29 -5.82
C HIS A 17 -8.04 14.85 -4.37
N ALA A 18 -8.11 15.80 -3.45
CA ALA A 18 -7.95 15.50 -2.03
C ALA A 18 -9.28 15.16 -1.38
N ARG A 19 -10.35 15.78 -1.87
CA ARG A 19 -11.69 15.55 -1.33
C ARG A 19 -12.31 14.31 -1.97
N GLU A 20 -11.47 13.36 -2.37
CA GLU A 20 -11.94 12.13 -2.99
C GLU A 20 -11.53 10.91 -2.17
N GLN A 21 -12.48 10.01 -1.93
CA GLN A 21 -12.21 8.80 -1.16
C GLN A 21 -11.03 8.04 -1.75
N LEU A 22 -10.68 6.92 -1.10
CA LEU A 22 -9.57 6.10 -1.55
C LEU A 22 -10.08 4.80 -2.18
N GLY A 23 -11.02 4.15 -1.49
CA GLY A 23 -11.58 2.90 -1.99
C GLY A 23 -11.10 1.71 -1.20
N PHE A 24 -9.82 1.67 -0.89
CA PHE A 24 -9.24 0.57 -0.13
C PHE A 24 -9.26 0.87 1.37
N CYS A 25 -9.60 -0.14 2.16
CA CYS A 25 -9.65 0.01 3.62
C CYS A 25 -8.45 -0.64 4.28
N VAL A 26 -7.66 0.16 4.99
CA VAL A 26 -6.47 -0.33 5.67
C VAL A 26 -6.73 -0.52 7.16
N GLU A 27 -6.35 -1.67 7.68
CA GLU A 27 -6.54 -1.98 9.10
C GLU A 27 -5.22 -2.37 9.75
N ASP A 28 -4.76 -1.54 10.68
CA ASP A 28 -3.52 -1.79 11.39
C ASP A 28 -2.35 -1.94 10.40
N GLY A 29 -2.47 -1.27 9.26
CA GLY A 29 -1.43 -1.34 8.26
C GLY A 29 -1.60 -2.51 7.31
N ILE A 30 -2.82 -3.05 7.26
CA ILE A 30 -3.11 -4.17 6.39
C ILE A 30 -4.47 -4.01 5.72
N ILE A 31 -4.47 -3.94 4.40
CA ILE A 31 -5.70 -3.78 3.63
C ILE A 31 -6.61 -5.00 3.79
N CYS A 32 -7.90 -4.75 3.94
CA CYS A 32 -8.87 -5.82 4.11
C CYS A 32 -9.89 -5.82 2.98
N SER A 33 -10.44 -4.64 2.69
CA SER A 33 -11.42 -4.49 1.63
C SER A 33 -10.96 -3.47 0.59
N LEU A 34 -11.43 -3.65 -0.64
CA LEU A 34 -11.06 -2.75 -1.74
C LEU A 34 -12.29 -2.34 -2.53
N LEU A 35 -12.42 -1.03 -2.77
CA LEU A 35 -13.55 -0.50 -3.52
C LEU A 35 -13.45 -0.88 -4.99
N ARG A 36 -14.35 -1.74 -5.45
CA ARG A 36 -14.35 -2.18 -6.84
C ARG A 36 -14.84 -1.06 -7.75
N GLY A 37 -13.94 -0.58 -8.61
CA GLY A 37 -14.28 0.49 -9.53
C GLY A 37 -13.87 1.85 -9.01
N GLY A 38 -12.71 1.92 -8.35
CA GLY A 38 -12.23 3.17 -7.82
C GLY A 38 -10.82 3.49 -8.26
N ILE A 39 -10.00 3.98 -7.33
CA ILE A 39 -8.62 4.32 -7.64
C ILE A 39 -7.68 3.19 -7.27
N ALA A 40 -7.92 2.58 -6.11
CA ALA A 40 -7.09 1.48 -5.63
C ALA A 40 -7.04 0.36 -6.65
N GLU A 41 -8.18 -0.28 -6.89
CA GLU A 41 -8.25 -1.39 -7.85
C GLU A 41 -7.54 -1.03 -9.14
N ARG A 42 -7.73 0.21 -9.60
CA ARG A 42 -7.10 0.68 -10.83
C ARG A 42 -5.59 0.79 -10.66
N GLY A 43 -5.16 1.28 -9.50
CA GLY A 43 -3.74 1.43 -9.24
C GLY A 43 -3.02 0.10 -9.20
N GLY A 44 -3.59 -0.86 -8.47
CA GLY A 44 -2.98 -2.17 -8.36
C GLY A 44 -2.94 -2.68 -6.93
N ILE A 45 -3.91 -2.25 -6.13
CA ILE A 45 -3.98 -2.67 -4.73
C ILE A 45 -4.75 -3.97 -4.59
N ARG A 46 -4.28 -4.83 -3.69
CA ARG A 46 -4.93 -6.13 -3.45
C ARG A 46 -5.10 -6.37 -1.96
N VAL A 47 -6.35 -6.59 -1.54
CA VAL A 47 -6.65 -6.84 -0.14
C VAL A 47 -5.84 -8.01 0.40
N GLY A 48 -5.68 -8.06 1.72
CA GLY A 48 -4.92 -9.13 2.33
C GLY A 48 -3.43 -8.86 2.35
N HIS A 49 -2.99 -7.95 1.48
CA HIS A 49 -1.58 -7.60 1.40
C HIS A 49 -1.22 -6.54 2.44
N ARG A 50 -0.07 -6.72 3.10
CA ARG A 50 0.39 -5.78 4.11
C ARG A 50 1.37 -4.78 3.51
N ILE A 51 1.24 -3.52 3.91
CA ILE A 51 2.12 -2.46 3.43
C ILE A 51 3.47 -2.49 4.16
N ILE A 52 4.54 -2.28 3.40
CA ILE A 52 5.88 -2.28 3.97
C ILE A 52 6.60 -0.96 3.68
N GLU A 53 6.07 -0.20 2.72
CA GLU A 53 6.67 1.07 2.34
C GLU A 53 5.67 1.92 1.57
N ILE A 54 5.76 3.24 1.73
CA ILE A 54 4.86 4.16 1.05
C ILE A 54 5.59 5.46 0.67
N ASN A 55 5.55 5.80 -0.60
CA ASN A 55 6.20 7.01 -1.09
C ASN A 55 7.66 7.06 -0.63
N GLY A 56 8.24 5.89 -0.40
CA GLY A 56 9.63 5.82 0.03
C GLY A 56 9.77 5.94 1.54
N GLN A 57 8.69 5.65 2.25
CA GLN A 57 8.69 5.72 3.71
C GLN A 57 8.42 4.35 4.33
N SER A 58 9.37 3.88 5.13
CA SER A 58 9.25 2.58 5.77
C SER A 58 8.11 2.59 6.80
N VAL A 59 7.02 1.89 6.49
CA VAL A 59 5.88 1.81 7.39
C VAL A 59 5.81 0.47 8.09
N VAL A 60 6.75 -0.41 7.76
CA VAL A 60 6.80 -1.74 8.36
C VAL A 60 6.84 -1.65 9.89
N ALA A 61 7.36 -0.54 10.40
CA ALA A 61 7.44 -0.32 11.84
C ALA A 61 6.72 0.94 12.25
N THR A 62 5.86 1.45 11.37
CA THR A 62 5.10 2.66 11.64
C THR A 62 3.66 2.33 12.04
N PRO A 63 3.15 3.03 13.06
CA PRO A 63 1.79 2.84 13.55
C PRO A 63 0.73 3.30 12.55
N HIS A 64 -0.37 2.56 12.46
CA HIS A 64 -1.45 2.89 11.54
C HIS A 64 -1.68 4.40 11.51
N ALA A 65 -1.94 4.97 12.68
CA ALA A 65 -2.18 6.40 12.81
C ALA A 65 -1.30 7.19 11.84
N ARG A 66 0.01 7.11 12.04
CA ARG A 66 0.95 7.82 11.18
C ARG A 66 0.73 7.46 9.71
N ILE A 67 0.64 6.16 9.44
CA ILE A 67 0.42 5.68 8.07
C ILE A 67 -0.68 6.47 7.39
N ILE A 68 -1.75 6.75 8.13
CA ILE A 68 -2.88 7.50 7.58
C ILE A 68 -2.49 8.93 7.27
N GLU A 69 -1.59 9.49 8.08
CA GLU A 69 -1.13 10.86 7.87
C GLU A 69 -0.19 10.95 6.68
N LEU A 70 0.53 9.86 6.41
CA LEU A 70 1.46 9.81 5.29
C LEU A 70 0.72 9.62 3.97
N LEU A 71 0.07 8.47 3.82
CA LEU A 71 -0.68 8.16 2.61
C LEU A 71 -1.53 9.35 2.18
N THR A 72 -2.20 9.97 3.15
CA THR A 72 -3.05 11.13 2.86
C THR A 72 -2.22 12.32 2.41
N GLU A 73 -1.08 12.53 3.06
CA GLU A 73 -0.20 13.64 2.73
C GLU A 73 0.33 13.51 1.31
N ALA A 74 0.14 12.32 0.72
CA ALA A 74 0.60 12.06 -0.64
C ALA A 74 -0.56 12.11 -1.62
N TYR A 75 -0.56 13.10 -2.51
CA TYR A 75 -1.61 13.26 -3.49
C TYR A 75 -1.11 12.88 -4.89
N GLY A 76 -2.04 12.74 -5.82
CA GLY A 76 -1.68 12.37 -7.18
C GLY A 76 -1.00 11.01 -7.26
N GLU A 77 0.24 11.00 -7.72
CA GLU A 77 1.00 9.77 -7.84
C GLU A 77 1.47 9.28 -6.48
N VAL A 78 0.74 8.32 -5.91
CA VAL A 78 1.07 7.76 -4.61
C VAL A 78 1.60 6.35 -4.73
N HIS A 79 2.91 6.17 -4.51
CA HIS A 79 3.53 4.87 -4.60
C HIS A 79 3.32 4.07 -3.31
N ILE A 80 2.65 2.92 -3.44
CA ILE A 80 2.38 2.07 -2.29
C ILE A 80 2.99 0.68 -2.48
N LYS A 81 3.89 0.31 -1.57
CA LYS A 81 4.55 -0.98 -1.63
C LYS A 81 3.77 -2.03 -0.84
N THR A 82 3.14 -2.96 -1.55
CA THR A 82 2.36 -4.01 -0.91
C THR A 82 3.16 -5.31 -0.82
N MET A 83 2.91 -6.08 0.23
CA MET A 83 3.60 -7.35 0.43
C MET A 83 2.77 -8.28 1.31
N PRO A 84 2.72 -9.56 0.92
CA PRO A 84 1.96 -10.58 1.66
C PRO A 84 2.61 -10.91 3.00
N ALA A 85 1.86 -10.70 4.09
CA ALA A 85 2.35 -10.98 5.43
C ALA A 85 3.12 -12.29 5.47
N ALA A 86 2.57 -13.31 4.81
CA ALA A 86 3.19 -14.62 4.76
C ALA A 86 4.65 -14.53 4.35
N THR A 87 4.89 -14.08 3.12
CA THR A 87 6.24 -13.95 2.61
C THR A 87 7.13 -13.16 3.57
N TYR A 88 6.82 -11.87 3.72
CA TYR A 88 7.59 -11.01 4.62
C TYR A 88 7.99 -11.76 5.88
N ARG A 89 6.99 -12.16 6.66
CA ARG A 89 7.24 -12.88 7.91
C ARG A 89 8.22 -14.03 7.68
N LEU A 90 8.04 -14.76 6.58
CA LEU A 90 8.90 -15.88 6.26
C LEU A 90 10.33 -15.40 5.95
N LEU A 91 10.43 -14.20 5.37
CA LEU A 91 11.73 -13.64 5.04
C LEU A 91 12.42 -13.07 6.28
N THR A 92 11.61 -12.61 7.23
CA THR A 92 12.14 -12.04 8.47
C THR A 92 12.27 -13.11 9.55
N GLY A 93 12.27 -14.37 9.13
CA GLY A 93 12.39 -15.47 10.07
C GLY A 93 13.73 -16.16 9.99
N GLN A 94 13.98 -17.08 10.93
CA GLN A 94 15.23 -17.82 10.94
C GLN A 94 14.99 -19.32 11.12
N GLY A 1 25.82 -2.49 -9.04
CA GLY A 1 25.70 -3.92 -9.28
C GLY A 1 24.32 -4.45 -8.91
N SER A 2 23.82 -4.01 -7.77
CA SER A 2 22.50 -4.45 -7.30
C SER A 2 21.61 -3.25 -6.98
N SER A 3 20.91 -2.75 -7.99
CA SER A 3 20.02 -1.61 -7.82
C SER A 3 18.67 -1.86 -8.50
N GLY A 4 17.61 -1.85 -7.71
CA GLY A 4 16.29 -2.08 -8.25
C GLY A 4 15.43 -2.95 -7.35
N SER A 5 14.21 -2.52 -7.09
CA SER A 5 13.29 -3.27 -6.23
C SER A 5 12.93 -4.61 -6.87
N SER A 6 13.04 -5.68 -6.10
CA SER A 6 12.72 -7.02 -6.59
C SER A 6 12.10 -7.87 -5.48
N GLY A 7 11.04 -8.59 -5.84
CA GLY A 7 10.36 -9.43 -4.87
C GLY A 7 9.10 -8.80 -4.33
N VAL A 8 9.23 -7.58 -3.81
CA VAL A 8 8.09 -6.86 -3.26
C VAL A 8 7.25 -6.23 -4.36
N THR A 9 5.93 -6.30 -4.20
CA THR A 9 5.02 -5.74 -5.19
C THR A 9 4.62 -4.32 -4.82
N THR A 10 4.82 -3.39 -5.75
CA THR A 10 4.49 -1.99 -5.53
C THR A 10 3.32 -1.56 -6.40
N ALA A 11 2.40 -0.78 -5.82
CA ALA A 11 1.24 -0.30 -6.55
C ALA A 11 1.16 1.22 -6.50
N ILE A 12 0.73 1.82 -7.61
CA ILE A 12 0.61 3.27 -7.69
C ILE A 12 -0.84 3.69 -7.85
N ILE A 13 -1.23 4.77 -7.17
CA ILE A 13 -2.59 5.27 -7.24
C ILE A 13 -2.63 6.68 -7.82
N HIS A 14 -3.80 7.09 -8.31
CA HIS A 14 -3.96 8.42 -8.88
C HIS A 14 -4.99 9.23 -8.09
N ARG A 15 -4.49 10.13 -7.25
CA ARG A 15 -5.36 10.97 -6.44
C ARG A 15 -5.30 12.42 -6.89
N PRO A 16 -6.11 12.76 -7.92
CA PRO A 16 -6.17 14.10 -8.47
C PRO A 16 -6.81 15.11 -7.51
N HIS A 17 -7.55 14.58 -6.53
CA HIS A 17 -8.21 15.43 -5.54
C HIS A 17 -7.84 15.01 -4.13
N ALA A 18 -7.92 15.94 -3.20
CA ALA A 18 -7.59 15.68 -1.80
C ALA A 18 -8.83 15.27 -1.02
N ARG A 19 -9.97 15.88 -1.34
CA ARG A 19 -11.22 15.58 -0.67
C ARG A 19 -11.89 14.36 -1.27
N GLU A 20 -11.07 13.45 -1.82
CA GLU A 20 -11.59 12.24 -2.45
C GLU A 20 -10.99 11.00 -1.80
N GLN A 21 -11.83 9.98 -1.59
CA GLN A 21 -11.37 8.73 -0.98
C GLN A 21 -10.43 7.98 -1.91
N LEU A 22 -9.99 6.81 -1.47
CA LEU A 22 -9.09 5.98 -2.26
C LEU A 22 -9.80 4.72 -2.77
N GLY A 23 -10.68 4.17 -1.94
CA GLY A 23 -11.41 2.98 -2.32
C GLY A 23 -11.01 1.76 -1.50
N PHE A 24 -9.73 1.68 -1.15
CA PHE A 24 -9.22 0.56 -0.37
C PHE A 24 -9.13 0.94 1.11
N CYS A 25 -9.43 -0.03 1.98
CA CYS A 25 -9.39 0.20 3.41
C CYS A 25 -8.21 -0.54 4.05
N VAL A 26 -7.44 0.18 4.86
CA VAL A 26 -6.29 -0.42 5.52
C VAL A 26 -6.51 -0.53 7.02
N GLU A 27 -6.34 -1.73 7.56
CA GLU A 27 -6.52 -1.97 8.99
C GLU A 27 -5.22 -2.43 9.64
N ASP A 28 -4.64 -1.57 10.46
CA ASP A 28 -3.39 -1.90 11.14
C ASP A 28 -2.26 -2.13 10.14
N GLY A 29 -2.32 -1.42 9.02
CA GLY A 29 -1.31 -1.57 8.00
C GLY A 29 -1.56 -2.76 7.09
N ILE A 30 -2.80 -3.24 7.07
CA ILE A 30 -3.17 -4.37 6.25
C ILE A 30 -4.51 -4.14 5.55
N ILE A 31 -4.46 -4.05 4.22
CA ILE A 31 -5.68 -3.82 3.44
C ILE A 31 -6.65 -4.98 3.60
N CYS A 32 -7.93 -4.66 3.71
CA CYS A 32 -8.97 -5.67 3.87
C CYS A 32 -9.97 -5.61 2.72
N SER A 33 -10.61 -4.46 2.56
CA SER A 33 -11.59 -4.28 1.49
C SER A 33 -11.04 -3.36 0.40
N LEU A 34 -11.59 -3.49 -0.80
CA LEU A 34 -11.16 -2.68 -1.93
C LEU A 34 -12.35 -2.25 -2.78
N LEU A 35 -12.44 -0.95 -3.06
CA LEU A 35 -13.53 -0.41 -3.87
C LEU A 35 -13.42 -0.88 -5.31
N ARG A 36 -14.18 -1.91 -5.65
CA ARG A 36 -14.17 -2.46 -7.01
C ARG A 36 -14.66 -1.42 -8.01
N GLY A 37 -13.71 -0.69 -8.61
CA GLY A 37 -14.07 0.33 -9.59
C GLY A 37 -13.43 1.67 -9.28
N GLY A 38 -13.17 1.92 -8.00
CA GLY A 38 -12.58 3.18 -7.60
C GLY A 38 -11.19 3.39 -8.20
N ILE A 39 -10.33 4.07 -7.47
CA ILE A 39 -8.98 4.33 -7.94
C ILE A 39 -8.03 3.18 -7.57
N ALA A 40 -8.30 2.55 -6.42
CA ALA A 40 -7.48 1.45 -5.95
C ALA A 40 -7.38 0.35 -7.00
N GLU A 41 -8.50 -0.32 -7.25
CA GLU A 41 -8.54 -1.40 -8.23
C GLU A 41 -7.84 -0.98 -9.52
N ARG A 42 -8.19 0.18 -10.04
CA ARG A 42 -7.61 0.69 -11.27
C ARG A 42 -6.10 0.87 -11.11
N GLY A 43 -5.67 1.22 -9.90
CA GLY A 43 -4.26 1.42 -9.64
C GLY A 43 -3.50 0.11 -9.54
N GLY A 44 -4.07 -0.85 -8.82
CA GLY A 44 -3.42 -2.15 -8.67
C GLY A 44 -3.30 -2.55 -7.21
N ILE A 45 -4.34 -2.29 -6.43
CA ILE A 45 -4.34 -2.64 -5.01
C ILE A 45 -4.88 -4.04 -4.79
N ARG A 46 -4.30 -4.74 -3.83
CA ARG A 46 -4.72 -6.11 -3.51
C ARG A 46 -4.95 -6.27 -2.00
N VAL A 47 -6.18 -6.62 -1.63
CA VAL A 47 -6.52 -6.81 -0.23
C VAL A 47 -5.82 -8.03 0.36
N GLY A 48 -5.69 -8.06 1.67
CA GLY A 48 -5.04 -9.18 2.33
C GLY A 48 -3.53 -9.01 2.40
N HIS A 49 -3.03 -7.96 1.77
CA HIS A 49 -1.59 -7.68 1.76
C HIS A 49 -1.21 -6.77 2.91
N ARG A 50 0.09 -6.59 3.11
CA ARG A 50 0.60 -5.74 4.18
C ARG A 50 1.43 -4.60 3.62
N ILE A 51 1.30 -3.42 4.22
CA ILE A 51 2.05 -2.25 3.78
C ILE A 51 3.39 -2.15 4.49
N ILE A 52 4.47 -2.21 3.72
CA ILE A 52 5.82 -2.12 4.28
C ILE A 52 6.45 -0.76 3.98
N GLU A 53 6.03 -0.16 2.87
CA GLU A 53 6.56 1.14 2.48
C GLU A 53 5.52 1.94 1.70
N ILE A 54 5.61 3.26 1.78
CA ILE A 54 4.67 4.13 1.09
C ILE A 54 5.35 5.44 0.66
N ASN A 55 4.95 5.95 -0.50
CA ASN A 55 5.52 7.19 -1.01
C ASN A 55 7.01 7.28 -0.71
N GLY A 56 7.68 6.14 -0.79
CA GLY A 56 9.11 6.11 -0.52
C GLY A 56 9.43 6.26 0.95
N GLN A 57 8.62 5.65 1.80
CA GLN A 57 8.82 5.73 3.24
C GLN A 57 8.56 4.38 3.90
N SER A 58 9.57 3.88 4.62
CA SER A 58 9.45 2.60 5.30
C SER A 58 8.47 2.68 6.46
N VAL A 59 7.33 2.00 6.31
CA VAL A 59 6.31 2.00 7.34
C VAL A 59 6.07 0.59 7.88
N VAL A 60 6.95 -0.34 7.50
CA VAL A 60 6.85 -1.72 7.94
C VAL A 60 6.54 -1.79 9.43
N ALA A 61 7.21 -0.96 10.22
CA ALA A 61 7.01 -0.93 11.66
C ALA A 61 6.18 0.28 12.07
N THR A 62 6.26 1.34 11.28
CA THR A 62 5.52 2.57 11.57
C THR A 62 4.08 2.25 11.97
N PRO A 63 3.58 2.97 12.99
CA PRO A 63 2.21 2.79 13.50
C PRO A 63 1.16 3.27 12.49
N HIS A 64 0.06 2.54 12.41
CA HIS A 64 -1.02 2.89 11.50
C HIS A 64 -1.27 4.39 11.52
N ALA A 65 -1.52 4.94 12.69
CA ALA A 65 -1.78 6.37 12.84
C ALA A 65 -0.93 7.18 11.86
N ARG A 66 0.39 7.02 11.96
CA ARG A 66 1.32 7.73 11.09
C ARG A 66 1.06 7.39 9.62
N ILE A 67 1.01 6.09 9.32
CA ILE A 67 0.76 5.63 7.96
C ILE A 67 -0.37 6.41 7.31
N ILE A 68 -1.44 6.64 8.05
CA ILE A 68 -2.59 7.39 7.54
C ILE A 68 -2.19 8.80 7.15
N GLU A 69 -1.56 9.51 8.08
CA GLU A 69 -1.12 10.88 7.83
C GLU A 69 -0.29 10.97 6.55
N LEU A 70 0.54 9.95 6.33
CA LEU A 70 1.39 9.91 5.14
C LEU A 70 0.56 9.73 3.88
N LEU A 71 -0.11 8.58 3.78
CA LEU A 71 -0.94 8.28 2.61
C LEU A 71 -1.76 9.49 2.22
N THR A 72 -2.32 10.18 3.20
CA THR A 72 -3.13 11.37 2.95
C THR A 72 -2.26 12.53 2.48
N GLU A 73 -1.11 12.69 3.10
CA GLU A 73 -0.19 13.78 2.75
C GLU A 73 0.33 13.60 1.32
N ALA A 74 0.09 12.42 0.75
CA ALA A 74 0.53 12.13 -0.62
C ALA A 74 -0.63 12.28 -1.60
N TYR A 75 -0.48 13.22 -2.52
CA TYR A 75 -1.52 13.47 -3.53
C TYR A 75 -1.07 12.99 -4.91
N GLY A 76 -2.00 12.97 -5.86
CA GLY A 76 -1.68 12.53 -7.20
C GLY A 76 -1.05 11.15 -7.23
N GLU A 77 0.21 11.08 -7.61
CA GLU A 77 0.93 9.81 -7.67
C GLU A 77 1.22 9.28 -6.28
N VAL A 78 0.31 8.48 -5.74
CA VAL A 78 0.47 7.90 -4.41
C VAL A 78 1.01 6.47 -4.49
N HIS A 79 2.31 6.32 -4.23
CA HIS A 79 2.94 5.01 -4.27
C HIS A 79 2.65 4.21 -3.00
N ILE A 80 2.36 2.93 -3.16
CA ILE A 80 2.05 2.07 -2.03
C ILE A 80 2.75 0.72 -2.16
N LYS A 81 3.66 0.43 -1.24
CA LYS A 81 4.40 -0.82 -1.25
C LYS A 81 3.61 -1.92 -0.54
N THR A 82 3.17 -2.92 -1.32
CA THR A 82 2.40 -4.03 -0.77
C THR A 82 3.25 -5.28 -0.68
N MET A 83 2.99 -6.10 0.34
CA MET A 83 3.73 -7.34 0.53
C MET A 83 2.90 -8.35 1.32
N PRO A 84 2.94 -9.62 0.89
CA PRO A 84 2.19 -10.71 1.53
C PRO A 84 2.76 -11.06 2.90
N ALA A 85 1.97 -10.84 3.95
CA ALA A 85 2.40 -11.12 5.31
C ALA A 85 3.18 -12.44 5.36
N ALA A 86 2.69 -13.45 4.64
CA ALA A 86 3.34 -14.74 4.61
C ALA A 86 4.84 -14.60 4.30
N THR A 87 5.15 -14.18 3.08
CA THR A 87 6.54 -14.02 2.67
C THR A 87 7.37 -13.41 3.80
N TYR A 88 7.05 -12.18 4.17
CA TYR A 88 7.77 -11.48 5.23
C TYR A 88 8.03 -12.42 6.42
N ARG A 89 6.94 -12.85 7.05
CA ARG A 89 7.06 -13.74 8.21
C ARG A 89 8.09 -14.83 7.96
N LEU A 90 8.09 -15.37 6.74
CA LEU A 90 9.03 -16.42 6.38
C LEU A 90 10.44 -15.86 6.20
N LEU A 91 10.52 -14.60 5.82
CA LEU A 91 11.81 -13.94 5.62
C LEU A 91 12.52 -13.74 6.95
N THR A 92 11.79 -13.26 7.95
CA THR A 92 12.35 -13.03 9.27
C THR A 92 12.02 -14.17 10.23
N GLY A 93 11.73 -15.34 9.66
CA GLY A 93 11.39 -16.49 10.47
C GLY A 93 12.56 -16.96 11.33
N GLN A 94 12.33 -17.05 12.64
CA GLN A 94 13.37 -17.49 13.57
C GLN A 94 12.90 -18.69 14.37
N GLY A 1 1.00 -8.91 -17.90
CA GLY A 1 2.35 -8.75 -18.41
C GLY A 1 3.40 -8.84 -17.31
N SER A 2 4.24 -7.82 -17.23
CA SER A 2 5.29 -7.78 -16.22
C SER A 2 5.99 -6.43 -16.20
N SER A 3 5.95 -5.76 -15.06
CA SER A 3 6.57 -4.45 -14.91
C SER A 3 8.09 -4.56 -15.02
N GLY A 4 8.67 -5.45 -14.22
CA GLY A 4 10.10 -5.64 -14.24
C GLY A 4 10.63 -6.22 -12.95
N SER A 5 10.65 -5.40 -11.90
CA SER A 5 11.14 -5.84 -10.60
C SER A 5 10.46 -7.15 -10.17
N SER A 6 11.21 -8.00 -9.48
CA SER A 6 10.68 -9.28 -9.02
C SER A 6 10.96 -9.47 -7.53
N GLY A 7 9.91 -9.68 -6.75
CA GLY A 7 10.06 -9.88 -5.33
C GLY A 7 8.93 -9.28 -4.52
N VAL A 8 8.67 -7.99 -4.75
CA VAL A 8 7.60 -7.30 -4.05
C VAL A 8 6.60 -6.68 -5.02
N THR A 9 5.33 -6.70 -4.65
CA THR A 9 4.27 -6.14 -5.50
C THR A 9 4.02 -4.68 -5.16
N THR A 10 4.08 -3.82 -6.16
CA THR A 10 3.85 -2.39 -5.97
C THR A 10 2.68 -1.91 -6.81
N ALA A 11 2.07 -0.80 -6.39
CA ALA A 11 0.94 -0.23 -7.11
C ALA A 11 1.05 1.29 -7.20
N ILE A 12 0.29 1.88 -8.11
CA ILE A 12 0.30 3.33 -8.30
C ILE A 12 -1.09 3.91 -8.14
N ILE A 13 -1.25 4.79 -7.15
CA ILE A 13 -2.54 5.43 -6.90
C ILE A 13 -2.55 6.86 -7.43
N HIS A 14 -3.71 7.29 -7.92
CA HIS A 14 -3.85 8.64 -8.45
C HIS A 14 -4.83 9.45 -7.60
N ARG A 15 -4.28 10.34 -6.78
CA ARG A 15 -5.08 11.19 -5.91
C ARG A 15 -5.10 12.62 -6.41
N PRO A 16 -6.00 12.92 -7.36
CA PRO A 16 -6.15 14.25 -7.93
C PRO A 16 -6.72 15.26 -6.94
N HIS A 17 -7.59 14.78 -6.06
CA HIS A 17 -8.21 15.64 -5.06
C HIS A 17 -8.05 15.05 -3.66
N ALA A 18 -7.99 15.92 -2.66
CA ALA A 18 -7.84 15.48 -1.28
C ALA A 18 -9.19 15.26 -0.62
N ARG A 19 -10.19 16.03 -1.04
CA ARG A 19 -11.53 15.93 -0.49
C ARG A 19 -12.31 14.80 -1.17
N GLU A 20 -11.58 13.82 -1.68
CA GLU A 20 -12.20 12.68 -2.36
C GLU A 20 -11.82 11.37 -1.68
N GLN A 21 -12.83 10.53 -1.41
CA GLN A 21 -12.60 9.25 -0.77
C GLN A 21 -11.47 8.48 -1.47
N LEU A 22 -11.11 7.33 -0.91
CA LEU A 22 -10.05 6.50 -1.48
C LEU A 22 -10.63 5.23 -2.09
N GLY A 23 -11.26 4.41 -1.26
CA GLY A 23 -11.85 3.17 -1.73
C GLY A 23 -11.33 1.95 -0.97
N PHE A 24 -10.01 1.88 -0.82
CA PHE A 24 -9.39 0.76 -0.11
C PHE A 24 -9.36 1.02 1.39
N CYS A 25 -9.71 -0.01 2.16
CA CYS A 25 -9.73 0.10 3.61
C CYS A 25 -8.51 -0.59 4.22
N VAL A 26 -7.76 0.15 5.04
CA VAL A 26 -6.57 -0.39 5.68
C VAL A 26 -6.79 -0.56 7.18
N GLU A 27 -6.29 -1.67 7.73
CA GLU A 27 -6.43 -1.94 9.15
C GLU A 27 -5.11 -2.43 9.74
N ASP A 28 -4.53 -1.61 10.62
CA ASP A 28 -3.26 -1.96 11.25
C ASP A 28 -2.17 -2.13 10.22
N GLY A 29 -2.30 -1.43 9.09
CA GLY A 29 -1.31 -1.53 8.04
C GLY A 29 -1.56 -2.68 7.10
N ILE A 30 -2.79 -3.18 7.09
CA ILE A 30 -3.17 -4.29 6.23
C ILE A 30 -4.55 -4.08 5.62
N ILE A 31 -4.60 -4.01 4.30
CA ILE A 31 -5.86 -3.81 3.59
C ILE A 31 -6.80 -4.99 3.80
N CYS A 32 -8.07 -4.70 4.00
CA CYS A 32 -9.08 -5.74 4.21
C CYS A 32 -10.11 -5.74 3.08
N SER A 33 -10.65 -4.56 2.79
CA SER A 33 -11.65 -4.42 1.74
C SER A 33 -11.23 -3.37 0.71
N LEU A 34 -11.75 -3.49 -0.50
CA LEU A 34 -11.42 -2.55 -1.56
C LEU A 34 -12.68 -2.09 -2.29
N LEU A 35 -12.85 -0.77 -2.38
CA LEU A 35 -14.01 -0.20 -3.05
C LEU A 35 -13.99 -0.50 -4.55
N ARG A 36 -14.80 -1.48 -4.96
CA ARG A 36 -14.87 -1.86 -6.37
C ARG A 36 -15.32 -0.68 -7.23
N GLY A 37 -14.43 -0.25 -8.11
CA GLY A 37 -14.75 0.86 -9.00
C GLY A 37 -14.15 2.17 -8.51
N GLY A 38 -13.00 2.08 -7.85
CA GLY A 38 -12.34 3.27 -7.34
C GLY A 38 -10.95 3.45 -7.91
N ILE A 39 -10.08 4.09 -7.14
CA ILE A 39 -8.70 4.32 -7.57
C ILE A 39 -7.81 3.13 -7.22
N ALA A 40 -7.75 2.80 -5.94
CA ALA A 40 -6.94 1.68 -5.48
C ALA A 40 -6.93 0.55 -6.50
N GLU A 41 -8.09 -0.02 -6.78
CA GLU A 41 -8.21 -1.10 -7.74
C GLU A 41 -7.38 -0.82 -8.98
N ARG A 42 -7.69 0.29 -9.65
CA ARG A 42 -6.97 0.68 -10.86
C ARG A 42 -5.47 0.75 -10.60
N GLY A 43 -5.09 1.32 -9.47
CA GLY A 43 -3.69 1.44 -9.12
C GLY A 43 -3.00 0.09 -8.99
N GLY A 44 -3.68 -0.85 -8.34
CA GLY A 44 -3.11 -2.18 -8.15
C GLY A 44 -3.13 -2.62 -6.70
N ILE A 45 -4.09 -2.10 -5.94
CA ILE A 45 -4.21 -2.45 -4.53
C ILE A 45 -4.94 -3.78 -4.35
N ARG A 46 -4.39 -4.64 -3.50
CA ARG A 46 -4.99 -5.94 -3.24
C ARG A 46 -5.20 -6.16 -1.75
N VAL A 47 -6.43 -6.43 -1.35
CA VAL A 47 -6.77 -6.65 0.06
C VAL A 47 -6.08 -7.90 0.58
N GLY A 48 -5.59 -7.82 1.82
CA GLY A 48 -4.92 -8.97 2.42
C GLY A 48 -3.41 -8.86 2.33
N HIS A 49 -2.91 -7.67 2.00
CA HIS A 49 -1.47 -7.44 1.88
C HIS A 49 -1.00 -6.39 2.88
N ARG A 50 0.15 -6.65 3.49
CA ARG A 50 0.71 -5.73 4.48
C ARG A 50 1.62 -4.70 3.81
N ILE A 51 1.47 -3.44 4.21
CA ILE A 51 2.27 -2.36 3.64
C ILE A 51 3.63 -2.28 4.32
N ILE A 52 4.67 -2.19 3.49
CA ILE A 52 6.04 -2.10 4.01
C ILE A 52 6.73 -0.83 3.53
N GLU A 53 6.10 -0.16 2.56
CA GLU A 53 6.66 1.08 2.02
C GLU A 53 5.58 1.94 1.39
N ILE A 54 5.75 3.25 1.45
CA ILE A 54 4.78 4.18 0.89
C ILE A 54 5.46 5.45 0.39
N ASN A 55 5.07 5.90 -0.79
CA ASN A 55 5.64 7.11 -1.37
C ASN A 55 7.13 7.20 -1.09
N GLY A 56 7.78 6.05 -0.97
CA GLY A 56 9.21 6.02 -0.69
C GLY A 56 9.51 6.19 0.79
N GLN A 57 8.68 5.58 1.63
CA GLN A 57 8.87 5.67 3.08
C GLN A 57 8.56 4.34 3.74
N SER A 58 9.52 3.83 4.51
CA SER A 58 9.34 2.56 5.20
C SER A 58 8.30 2.68 6.31
N VAL A 59 7.25 1.88 6.22
CA VAL A 59 6.19 1.90 7.21
C VAL A 59 5.82 0.47 7.65
N VAL A 60 6.74 -0.45 7.44
CA VAL A 60 6.52 -1.84 7.82
C VAL A 60 6.24 -1.97 9.31
N ALA A 61 6.77 -1.04 10.08
CA ALA A 61 6.57 -1.04 11.53
C ALA A 61 5.63 0.08 11.95
N THR A 62 5.73 1.22 11.29
CA THR A 62 4.89 2.38 11.59
C THR A 62 3.44 1.96 11.81
N PRO A 63 2.80 2.55 12.81
CA PRO A 63 1.39 2.26 13.15
C PRO A 63 0.43 2.77 12.08
N HIS A 64 -0.76 2.20 12.04
CA HIS A 64 -1.78 2.60 11.08
C HIS A 64 -2.02 4.11 11.14
N ALA A 65 -2.34 4.60 12.32
CA ALA A 65 -2.59 6.02 12.53
C ALA A 65 -1.62 6.87 11.70
N ARG A 66 -0.34 6.70 11.95
CA ARG A 66 0.69 7.45 11.24
C ARG A 66 0.64 7.15 9.74
N ILE A 67 0.35 5.89 9.40
CA ILE A 67 0.28 5.47 8.02
C ILE A 67 -0.82 6.23 7.27
N ILE A 68 -1.88 6.59 8.00
CA ILE A 68 -2.99 7.32 7.41
C ILE A 68 -2.59 8.76 7.07
N GLU A 69 -1.96 9.42 8.03
CA GLU A 69 -1.52 10.80 7.84
C GLU A 69 -0.56 10.91 6.66
N LEU A 70 0.28 9.89 6.49
CA LEU A 70 1.25 9.88 5.40
C LEU A 70 0.54 9.77 4.05
N LEU A 71 -0.06 8.61 3.79
CA LEU A 71 -0.76 8.38 2.54
C LEU A 71 -1.56 9.61 2.13
N THR A 72 -2.30 10.17 3.07
CA THR A 72 -3.10 11.36 2.80
C THR A 72 -2.22 12.56 2.47
N GLU A 73 -1.11 12.69 3.20
CA GLU A 73 -0.19 13.79 2.98
C GLU A 73 0.37 13.77 1.56
N ALA A 74 0.34 12.59 0.94
CA ALA A 74 0.83 12.44 -0.43
C ALA A 74 -0.31 12.42 -1.43
N TYR A 75 -0.30 13.39 -2.34
CA TYR A 75 -1.35 13.49 -3.35
C TYR A 75 -0.79 13.22 -4.74
N GLY A 76 -1.68 13.02 -5.71
CA GLY A 76 -1.25 12.75 -7.07
C GLY A 76 -0.71 11.34 -7.25
N GLU A 77 0.51 11.24 -7.74
CA GLU A 77 1.14 9.94 -7.96
C GLU A 77 1.70 9.38 -6.65
N VAL A 78 1.07 8.33 -6.14
CA VAL A 78 1.52 7.70 -4.91
C VAL A 78 1.96 6.26 -5.15
N HIS A 79 3.15 5.92 -4.67
CA HIS A 79 3.69 4.57 -4.83
C HIS A 79 3.54 3.77 -3.53
N ILE A 80 2.70 2.75 -3.57
CA ILE A 80 2.48 1.91 -2.39
C ILE A 80 3.02 0.50 -2.62
N LYS A 81 3.94 0.09 -1.75
CA LYS A 81 4.54 -1.24 -1.86
C LYS A 81 3.82 -2.23 -0.95
N THR A 82 3.06 -3.14 -1.56
CA THR A 82 2.30 -4.14 -0.82
C THR A 82 3.07 -5.46 -0.75
N MET A 83 2.94 -6.15 0.38
CA MET A 83 3.62 -7.42 0.57
C MET A 83 2.82 -8.34 1.49
N PRO A 84 2.73 -9.63 1.12
CA PRO A 84 1.99 -10.62 1.90
C PRO A 84 2.67 -10.95 3.22
N ALA A 85 2.00 -10.64 4.33
CA ALA A 85 2.54 -10.91 5.65
C ALA A 85 3.30 -12.22 5.69
N ALA A 86 2.78 -13.22 4.96
CA ALA A 86 3.42 -14.53 4.91
C ALA A 86 4.89 -14.41 4.53
N THR A 87 5.14 -14.04 3.28
CA THR A 87 6.50 -13.89 2.78
C THR A 87 7.39 -13.22 3.82
N TYR A 88 7.12 -11.95 4.09
CA TYR A 88 7.89 -11.19 5.07
C TYR A 88 8.24 -12.05 6.29
N ARG A 89 7.20 -12.51 6.99
CA ARG A 89 7.39 -13.33 8.18
C ARG A 89 8.38 -14.46 7.90
N LEU A 90 8.31 -15.03 6.69
CA LEU A 90 9.19 -16.12 6.30
C LEU A 90 10.60 -15.60 6.01
N LEU A 91 10.68 -14.34 5.57
CA LEU A 91 11.96 -13.73 5.25
C LEU A 91 12.76 -13.47 6.52
N THR A 92 12.11 -12.90 7.53
CA THR A 92 12.76 -12.60 8.80
C THR A 92 12.73 -13.81 9.73
N GLY A 93 12.57 -15.00 9.15
CA GLY A 93 12.53 -16.21 9.94
C GLY A 93 13.92 -16.67 10.35
N GLN A 94 14.21 -17.95 10.11
CA GLN A 94 15.51 -18.52 10.47
C GLN A 94 16.62 -17.88 9.63
N GLY A 1 3.95 -6.01 -18.81
CA GLY A 1 4.26 -6.79 -17.62
C GLY A 1 5.01 -8.06 -17.95
N SER A 2 6.33 -8.04 -17.80
CA SER A 2 7.16 -9.20 -18.08
C SER A 2 6.77 -10.37 -17.18
N SER A 3 6.50 -11.52 -17.80
CA SER A 3 6.12 -12.71 -17.06
C SER A 3 7.21 -13.10 -16.06
N GLY A 4 6.80 -13.27 -14.81
CA GLY A 4 7.76 -13.64 -13.76
C GLY A 4 7.68 -12.73 -12.56
N SER A 5 7.33 -13.31 -11.41
CA SER A 5 7.22 -12.53 -10.18
C SER A 5 8.58 -12.04 -9.72
N SER A 6 8.85 -10.76 -9.98
CA SER A 6 10.12 -10.15 -9.61
C SER A 6 10.37 -10.31 -8.11
N GLY A 7 9.42 -9.84 -7.30
CA GLY A 7 9.56 -9.93 -5.86
C GLY A 7 8.48 -9.18 -5.13
N VAL A 8 8.75 -7.92 -4.79
CA VAL A 8 7.80 -7.08 -4.09
C VAL A 8 6.73 -6.53 -5.03
N THR A 9 5.48 -6.52 -4.56
CA THR A 9 4.38 -6.02 -5.37
C THR A 9 4.20 -4.51 -5.20
N THR A 10 4.48 -3.77 -6.27
CA THR A 10 4.36 -2.32 -6.23
C THR A 10 3.09 -1.86 -6.95
N ALA A 11 2.40 -0.89 -6.37
CA ALA A 11 1.17 -0.36 -6.96
C ALA A 11 1.08 1.15 -6.77
N ILE A 12 0.64 1.84 -7.81
CA ILE A 12 0.50 3.29 -7.75
C ILE A 12 -0.96 3.71 -7.78
N ILE A 13 -1.30 4.74 -7.01
CA ILE A 13 -2.66 5.23 -6.95
C ILE A 13 -2.76 6.67 -7.47
N HIS A 14 -3.68 6.90 -8.40
CA HIS A 14 -3.86 8.23 -8.97
C HIS A 14 -4.77 9.08 -8.09
N ARG A 15 -4.17 10.02 -7.37
CA ARG A 15 -4.93 10.90 -6.48
C ARG A 15 -4.81 12.36 -6.93
N PRO A 16 -5.59 12.71 -7.96
CA PRO A 16 -5.60 14.07 -8.52
C PRO A 16 -6.22 15.09 -7.56
N HIS A 17 -6.74 14.58 -6.44
CA HIS A 17 -7.37 15.44 -5.45
C HIS A 17 -7.38 14.78 -4.08
N ALA A 18 -7.49 15.59 -3.03
CA ALA A 18 -7.51 15.07 -1.66
C ALA A 18 -8.93 14.78 -1.21
N ARG A 19 -9.77 15.81 -1.17
CA ARG A 19 -11.15 15.67 -0.75
C ARG A 19 -11.71 14.32 -1.19
N GLU A 20 -11.24 13.83 -2.33
CA GLU A 20 -11.69 12.54 -2.86
C GLU A 20 -11.04 11.38 -2.11
N GLN A 21 -11.84 10.38 -1.78
CA GLN A 21 -11.34 9.22 -1.06
C GLN A 21 -10.49 8.33 -1.97
N LEU A 22 -10.07 7.19 -1.46
CA LEU A 22 -9.24 6.26 -2.22
C LEU A 22 -10.05 5.04 -2.66
N GLY A 23 -10.65 4.35 -1.68
CA GLY A 23 -11.44 3.18 -1.98
C GLY A 23 -11.02 1.97 -1.17
N PHE A 24 -9.72 1.87 -0.89
CA PHE A 24 -9.19 0.76 -0.12
C PHE A 24 -9.09 1.12 1.37
N CYS A 25 -9.41 0.16 2.23
CA CYS A 25 -9.36 0.37 3.67
C CYS A 25 -8.19 -0.38 4.29
N VAL A 26 -7.37 0.33 5.05
CA VAL A 26 -6.21 -0.26 5.70
C VAL A 26 -6.46 -0.49 7.18
N GLU A 27 -6.19 -1.71 7.65
CA GLU A 27 -6.40 -2.06 9.04
C GLU A 27 -5.08 -2.51 9.69
N ASP A 28 -4.57 -1.69 10.60
CA ASP A 28 -3.32 -2.01 11.29
C ASP A 28 -2.16 -2.09 10.31
N GLY A 29 -2.28 -1.36 9.19
CA GLY A 29 -1.23 -1.37 8.19
C GLY A 29 -1.40 -2.48 7.18
N ILE A 30 -2.62 -3.01 7.09
CA ILE A 30 -2.91 -4.09 6.14
C ILE A 30 -4.29 -3.92 5.53
N ILE A 31 -4.32 -3.78 4.21
CA ILE A 31 -5.58 -3.61 3.48
C ILE A 31 -6.52 -4.79 3.74
N CYS A 32 -7.82 -4.49 3.85
CA CYS A 32 -8.81 -5.53 4.09
C CYS A 32 -9.84 -5.55 2.96
N SER A 33 -10.50 -4.42 2.73
CA SER A 33 -11.50 -4.32 1.69
C SER A 33 -11.14 -3.25 0.67
N LEU A 34 -11.56 -3.44 -0.58
CA LEU A 34 -11.27 -2.50 -1.64
C LEU A 34 -12.55 -2.04 -2.33
N LEU A 35 -12.64 -0.74 -2.60
CA LEU A 35 -13.82 -0.18 -3.25
C LEU A 35 -13.88 -0.59 -4.71
N ARG A 36 -14.90 -1.38 -5.05
CA ARG A 36 -15.07 -1.85 -6.42
C ARG A 36 -15.66 -0.75 -7.31
N GLY A 37 -14.80 -0.10 -8.07
CA GLY A 37 -15.25 0.97 -8.95
C GLY A 37 -14.69 2.33 -8.55
N GLY A 38 -13.42 2.35 -8.17
CA GLY A 38 -12.80 3.60 -7.76
C GLY A 38 -11.39 3.75 -8.33
N ILE A 39 -10.50 4.36 -7.55
CA ILE A 39 -9.13 4.56 -7.98
C ILE A 39 -8.26 3.37 -7.63
N ALA A 40 -8.36 2.91 -6.39
CA ALA A 40 -7.58 1.76 -5.92
C ALA A 40 -7.50 0.69 -6.99
N GLU A 41 -8.62 0.01 -7.24
CA GLU A 41 -8.67 -1.05 -8.25
C GLU A 41 -7.91 -0.64 -9.50
N ARG A 42 -8.18 0.57 -9.98
CA ARG A 42 -7.52 1.09 -11.18
C ARG A 42 -6.00 1.12 -10.99
N GLY A 43 -5.56 1.39 -9.77
CA GLY A 43 -4.14 1.44 -9.50
C GLY A 43 -3.51 0.05 -9.41
N GLY A 44 -4.18 -0.86 -8.71
CA GLY A 44 -3.67 -2.21 -8.58
C GLY A 44 -3.65 -2.67 -7.13
N ILE A 45 -4.47 -2.04 -6.29
CA ILE A 45 -4.54 -2.40 -4.88
C ILE A 45 -5.19 -3.76 -4.69
N ARG A 46 -4.52 -4.63 -3.93
CA ARG A 46 -5.03 -5.97 -3.66
C ARG A 46 -5.11 -6.24 -2.17
N VAL A 47 -6.34 -6.31 -1.64
CA VAL A 47 -6.55 -6.57 -0.23
C VAL A 47 -5.82 -7.82 0.22
N GLY A 48 -5.67 -7.97 1.53
CA GLY A 48 -4.99 -9.14 2.07
C GLY A 48 -3.50 -8.91 2.25
N HIS A 49 -2.92 -8.10 1.38
CA HIS A 49 -1.50 -7.79 1.45
C HIS A 49 -1.21 -6.77 2.55
N ARG A 50 0.01 -6.82 3.08
CA ARG A 50 0.41 -5.91 4.15
C ARG A 50 1.40 -4.87 3.63
N ILE A 51 1.11 -3.60 3.89
CA ILE A 51 1.98 -2.51 3.44
C ILE A 51 3.31 -2.54 4.19
N ILE A 52 4.39 -2.36 3.44
CA ILE A 52 5.73 -2.36 4.02
C ILE A 52 6.45 -1.04 3.76
N GLU A 53 6.00 -0.33 2.72
CA GLU A 53 6.60 0.94 2.36
C GLU A 53 5.59 1.83 1.63
N ILE A 54 5.84 3.14 1.65
CA ILE A 54 4.96 4.09 0.99
C ILE A 54 5.72 5.32 0.52
N ASN A 55 5.55 5.67 -0.75
CA ASN A 55 6.23 6.83 -1.33
C ASN A 55 7.70 6.84 -0.95
N GLY A 56 8.28 5.65 -0.79
CA GLY A 56 9.68 5.54 -0.42
C GLY A 56 9.91 5.70 1.07
N GLN A 57 8.91 5.33 1.86
CA GLN A 57 9.00 5.43 3.31
C GLN A 57 8.61 4.12 3.98
N SER A 58 9.49 3.61 4.83
CA SER A 58 9.25 2.36 5.53
C SER A 58 8.16 2.54 6.58
N VAL A 59 7.06 1.80 6.44
CA VAL A 59 5.96 1.88 7.38
C VAL A 59 5.86 0.60 8.21
N VAL A 60 6.47 -0.48 7.72
CA VAL A 60 6.45 -1.75 8.43
C VAL A 60 6.52 -1.55 9.93
N ALA A 61 7.20 -0.48 10.35
CA ALA A 61 7.33 -0.17 11.77
C ALA A 61 6.49 1.03 12.15
N THR A 62 6.22 1.90 11.18
CA THR A 62 5.42 3.09 11.41
C THR A 62 4.06 2.73 11.99
N PRO A 63 3.60 3.53 12.97
CA PRO A 63 2.31 3.32 13.63
C PRO A 63 1.13 3.61 12.71
N HIS A 64 0.10 2.80 12.78
CA HIS A 64 -1.09 2.98 11.95
C HIS A 64 -1.43 4.45 11.80
N ALA A 65 -1.68 5.12 12.93
CA ALA A 65 -2.01 6.53 12.92
C ALA A 65 -1.22 7.28 11.85
N ARG A 66 0.11 7.25 11.98
CA ARG A 66 0.98 7.91 11.02
C ARG A 66 0.71 7.43 9.61
N ILE A 67 0.65 6.12 9.43
CA ILE A 67 0.39 5.53 8.12
C ILE A 67 -0.77 6.24 7.42
N ILE A 68 -1.87 6.42 8.14
CA ILE A 68 -3.05 7.08 7.59
C ILE A 68 -2.74 8.54 7.22
N GLU A 69 -1.99 9.21 8.09
CA GLU A 69 -1.63 10.60 7.86
C GLU A 69 -0.76 10.73 6.61
N LEU A 70 0.19 9.81 6.46
CA LEU A 70 1.09 9.82 5.31
C LEU A 70 0.32 9.60 4.01
N LEU A 71 -0.20 8.40 3.84
CA LEU A 71 -0.96 8.06 2.64
C LEU A 71 -1.89 9.21 2.24
N THR A 72 -2.49 9.85 3.23
CA THR A 72 -3.39 10.96 2.99
C THR A 72 -2.63 12.21 2.55
N GLU A 73 -1.56 12.52 3.26
CA GLU A 73 -0.75 13.69 2.94
C GLU A 73 -0.13 13.56 1.55
N ALA A 74 0.07 12.32 1.11
CA ALA A 74 0.64 12.06 -0.21
C ALA A 74 -0.42 12.22 -1.30
N TYR A 75 -0.22 13.22 -2.17
CA TYR A 75 -1.15 13.48 -3.25
C TYR A 75 -0.55 13.08 -4.59
N GLY A 76 -1.39 13.06 -5.63
CA GLY A 76 -0.92 12.69 -6.95
C GLY A 76 -0.51 11.23 -7.04
N GLU A 77 0.71 10.99 -7.52
CA GLU A 77 1.22 9.63 -7.65
C GLU A 77 1.61 9.06 -6.29
N VAL A 78 0.83 8.10 -5.81
CA VAL A 78 1.09 7.47 -4.52
C VAL A 78 1.62 6.05 -4.69
N HIS A 79 2.92 5.88 -4.51
CA HIS A 79 3.55 4.57 -4.65
C HIS A 79 3.35 3.74 -3.39
N ILE A 80 2.41 2.80 -3.45
CA ILE A 80 2.12 1.93 -2.31
C ILE A 80 2.75 0.56 -2.50
N LYS A 81 3.71 0.24 -1.64
CA LYS A 81 4.39 -1.06 -1.71
C LYS A 81 3.64 -2.11 -0.90
N THR A 82 2.97 -3.02 -1.60
CA THR A 82 2.21 -4.07 -0.94
C THR A 82 3.02 -5.37 -0.89
N MET A 83 3.05 -5.99 0.29
CA MET A 83 3.78 -7.24 0.47
C MET A 83 2.97 -8.23 1.30
N PRO A 84 2.97 -9.50 0.87
CA PRO A 84 2.23 -10.56 1.56
C PRO A 84 2.85 -10.92 2.91
N ALA A 85 2.07 -10.76 3.97
CA ALA A 85 2.54 -11.07 5.32
C ALA A 85 3.32 -12.37 5.34
N ALA A 86 2.82 -13.37 4.63
CA ALA A 86 3.48 -14.67 4.56
C ALA A 86 4.97 -14.52 4.30
N THR A 87 5.31 -14.04 3.11
CA THR A 87 6.70 -13.85 2.73
C THR A 87 7.47 -13.13 3.83
N TYR A 88 7.09 -11.89 4.09
CA TYR A 88 7.75 -11.08 5.12
C TYR A 88 8.04 -11.93 6.36
N ARG A 89 6.98 -12.43 6.99
CA ARG A 89 7.12 -13.25 8.19
C ARG A 89 8.18 -14.32 7.99
N LEU A 90 8.19 -14.92 6.80
CA LEU A 90 9.16 -15.97 6.48
C LEU A 90 10.54 -15.39 6.26
N LEU A 91 10.59 -14.10 5.94
CA LEU A 91 11.86 -13.42 5.70
C LEU A 91 12.56 -13.09 7.02
N THR A 92 11.78 -12.63 8.00
CA THR A 92 12.32 -12.29 9.31
C THR A 92 12.56 -13.53 10.15
N GLY A 93 12.31 -14.69 9.56
CA GLY A 93 12.51 -15.94 10.28
C GLY A 93 13.95 -16.42 10.21
N GLN A 94 14.42 -17.00 11.31
CA GLN A 94 15.79 -17.51 11.36
C GLN A 94 16.05 -18.52 10.26
#